data_9G4N
#
_entry.id   9G4N
#
_cell.length_a   114.854
_cell.length_b   127.548
_cell.length_c   171.411
_cell.angle_alpha   90.00
_cell.angle_beta   90.00
_cell.angle_gamma   90.00
#
_symmetry.space_group_name_H-M   'P 21 21 21'
#
loop_
_entity.id
_entity.type
_entity.pdbx_description
1 polymer 'Glycoside hydrolase family 2 catalytic domain-containing protein'
2 branched beta-D-glucopyranose-(1-3)-beta-D-glucopyranose-(1-3)-beta-D-glucopyranose
3 non-polymer 1,2-ETHANEDIOL
4 non-polymer beta-D-glucopyranose
5 non-polymer GLYCEROL
6 non-polymer 'TRIETHYLENE GLYCOL'
7 water water
#
_entity_poly.entity_id   1
_entity_poly.type   'polypeptide(L)'
_entity_poly.pdbx_seq_one_letter_code
;MQSKTKIELKDNWYHLDGEKYFIKAIGYEIGARPGQAPYEDERKDELELMKFDLENIKEGGYNTIRTWSQYSENQLKLVQ
ESGLKLIMGIDIKPEEDYGDPEFVKDSEIELKRVLNYAKKYDCIITYLVINEPQTDHIHSVTGKAFVDLMNTLINIIHKG
HPGIPVTLSANAMISDYMDESIFDVYAYNCYDHNEGQTATMGFKDYIKGLNELNGLDKPFITTAFGYSVSPEGGNGQYGS
NTLKQQSDGLISNYRDLIDAGAVGMCPFYYADGWWKGGEKSDHSLNQPEEWFGFWGYSDLNDKYGTPRPVWFAMRDYMKG
LIISPKNKSIHTNTKIPLELYNDKDVKKVVVKFRDKVIYSKNITSEGYMADELTIDPVGIEDMELAFEFYDSDNKIIKNE
SINILASKTAFELPELTIEVTPEKDLNEGKIASIKTKIETSENFTLLDDLKISYNTHLGWAIGSQASVSISDQLDKKIIT
SENFFNIPDNCWVVNASAGISVRYGKFTFKIHDQKIIYRGDWAKEVGRKLEHHHHHH
;
_entity_poly.pdbx_strand_id   A,B,C,D
#
loop_
_chem_comp.id
_chem_comp.type
_chem_comp.name
_chem_comp.formula
BGC D-saccharide, beta linking beta-D-glucopyranose 'C6 H12 O6'
EDO non-polymer 1,2-ETHANEDIOL 'C2 H6 O2'
GOL non-polymer GLYCEROL 'C3 H8 O3'
PGE non-polymer 'TRIETHYLENE GLYCOL' 'C6 H14 O4'
#
# COMPACT_ATOMS: atom_id res chain seq x y z
N SER A 3 -33.25 -15.05 -13.04
CA SER A 3 -33.51 -15.92 -14.22
C SER A 3 -32.32 -15.88 -15.17
N LYS A 4 -31.14 -16.26 -14.66
CA LYS A 4 -29.90 -16.00 -15.36
C LYS A 4 -29.38 -17.24 -16.06
N THR A 5 -28.54 -17.03 -17.08
CA THR A 5 -28.00 -18.05 -17.93
C THR A 5 -27.23 -19.08 -17.09
N LYS A 6 -27.56 -20.37 -17.24
CA LYS A 6 -26.76 -21.42 -16.62
C LYS A 6 -25.64 -21.80 -17.60
N ILE A 7 -24.39 -21.72 -17.12
CA ILE A 7 -23.23 -22.09 -17.92
C ILE A 7 -22.71 -23.39 -17.35
N GLU A 8 -22.61 -24.41 -18.20
CA GLU A 8 -22.02 -25.69 -17.82
C GLU A 8 -20.93 -26.08 -18.80
N LEU A 9 -19.80 -26.48 -18.25
CA LEU A 9 -18.67 -26.95 -19.03
C LEU A 9 -18.65 -28.47 -18.98
N LYS A 10 -18.84 -29.15 -20.11
CA LYS A 10 -18.61 -30.59 -20.17
C LYS A 10 -18.46 -31.03 -21.63
N ASP A 11 -17.83 -32.20 -21.81
CA ASP A 11 -17.40 -32.69 -23.11
C ASP A 11 -16.54 -31.66 -23.82
N ASN A 12 -15.79 -30.87 -23.05
CA ASN A 12 -14.99 -29.77 -23.56
C ASN A 12 -15.80 -28.76 -24.40
N TRP A 13 -17.08 -28.56 -24.11
CA TRP A 13 -17.86 -27.47 -24.68
C TRP A 13 -18.41 -26.54 -23.58
N TYR A 14 -18.54 -25.25 -23.90
CA TYR A 14 -19.47 -24.43 -23.12
C TYR A 14 -20.89 -24.79 -23.50
N HIS A 15 -21.77 -24.86 -22.50
CA HIS A 15 -23.20 -24.95 -22.69
C HIS A 15 -23.89 -23.73 -22.04
N LEU A 16 -24.78 -23.03 -22.76
CA LEU A 16 -25.63 -22.00 -22.19
C LEU A 16 -27.05 -22.55 -22.19
N ASP A 17 -27.62 -22.70 -21.00
CA ASP A 17 -29.01 -23.16 -20.85
C ASP A 17 -29.19 -24.51 -21.55
N GLY A 18 -28.24 -25.41 -21.36
CA GLY A 18 -28.34 -26.78 -21.83
C GLY A 18 -27.83 -26.97 -23.27
N GLU A 19 -27.63 -25.88 -24.03
CA GLU A 19 -27.30 -25.94 -25.45
C GLU A 19 -25.79 -25.72 -25.65
N LYS A 20 -25.16 -26.60 -26.43
CA LYS A 20 -23.77 -26.37 -26.76
C LYS A 20 -23.67 -25.05 -27.53
N TYR A 21 -22.62 -24.28 -27.24
CA TYR A 21 -22.51 -22.92 -27.69
C TYR A 21 -21.08 -22.61 -28.11
N PHE A 22 -20.87 -22.60 -29.44
CA PHE A 22 -19.63 -22.17 -30.03
C PHE A 22 -19.53 -20.65 -29.86
N ILE A 23 -18.45 -20.20 -29.20
CA ILE A 23 -18.23 -18.79 -28.99
C ILE A 23 -17.59 -18.24 -30.25
N LYS A 24 -18.37 -17.41 -30.95
CA LYS A 24 -17.91 -16.66 -32.10
C LYS A 24 -17.62 -15.22 -31.68
N ALA A 25 -16.50 -15.02 -30.99
CA ALA A 25 -16.16 -13.70 -30.51
C ALA A 25 -15.30 -12.95 -31.51
N ILE A 26 -15.04 -11.69 -31.13
CA ILE A 26 -14.01 -10.86 -31.76
C ILE A 26 -13.43 -9.99 -30.65
N GLY A 27 -12.13 -9.73 -30.74
CA GLY A 27 -11.53 -8.81 -29.78
C GLY A 27 -12.05 -7.40 -30.02
N TYR A 28 -12.35 -6.70 -28.94
CA TYR A 28 -12.96 -5.39 -29.08
C TYR A 28 -12.37 -4.44 -28.03
N GLU A 29 -11.74 -3.34 -28.46
CA GLU A 29 -11.23 -2.35 -27.52
C GLU A 29 -11.88 -0.98 -27.76
N ILE A 30 -12.75 -0.56 -26.84
CA ILE A 30 -13.26 0.82 -26.80
C ILE A 30 -12.15 1.70 -26.22
N GLY A 31 -12.18 2.97 -26.63
CA GLY A 31 -11.27 3.98 -26.15
C GLY A 31 -9.95 3.98 -26.93
N ALA A 32 -9.96 3.46 -28.17
CA ALA A 32 -8.76 3.30 -28.98
C ALA A 32 -8.90 3.90 -30.38
N ARG A 33 -9.75 4.94 -30.51
CA ARG A 33 -9.83 5.72 -31.73
C ARG A 33 -8.52 6.44 -31.92
N PRO A 34 -8.21 6.90 -33.15
CA PRO A 34 -7.01 7.71 -33.38
C PRO A 34 -7.06 8.85 -32.35
N GLY A 35 -5.90 9.20 -31.78
CA GLY A 35 -5.84 10.27 -30.79
C GLY A 35 -6.18 9.81 -29.37
N GLN A 36 -6.51 8.52 -29.16
CA GLN A 36 -6.89 8.03 -27.84
C GLN A 36 -5.92 6.95 -27.37
N ALA A 37 -5.71 6.84 -26.05
CA ALA A 37 -4.96 5.74 -25.48
C ALA A 37 -5.71 5.22 -24.26
N PRO A 38 -6.31 4.01 -24.31
CA PRO A 38 -7.21 3.57 -23.24
C PRO A 38 -6.59 3.41 -21.85
N TYR A 39 -5.28 3.20 -21.77
CA TYR A 39 -4.61 3.04 -20.48
C TYR A 39 -4.04 4.35 -19.93
N GLU A 40 -4.11 5.48 -20.65
CA GLU A 40 -3.49 6.71 -20.16
C GLU A 40 -4.50 7.85 -20.05
N ASP A 41 -5.51 7.83 -20.94
CA ASP A 41 -6.50 8.90 -21.01
C ASP A 41 -7.43 8.81 -19.80
N GLU A 42 -7.95 9.98 -19.38
CA GLU A 42 -9.09 10.03 -18.48
C GLU A 42 -10.17 9.09 -19.03
N ARG A 43 -10.71 8.23 -18.15
CA ARG A 43 -11.60 7.16 -18.57
C ARG A 43 -12.99 7.71 -18.87
N LYS A 44 -13.48 7.43 -20.08
CA LYS A 44 -14.80 7.80 -20.57
C LYS A 44 -15.54 6.54 -20.99
N ASP A 45 -16.88 6.58 -20.96
CA ASP A 45 -17.74 5.42 -21.25
C ASP A 45 -17.86 5.23 -22.77
N GLU A 46 -17.88 6.35 -23.52
CA GLU A 46 -17.86 6.34 -24.97
C GLU A 46 -19.06 5.57 -25.54
N LEU A 47 -20.23 5.76 -24.94
CA LEU A 47 -21.40 4.94 -25.21
C LEU A 47 -21.87 5.03 -26.65
N GLU A 48 -21.81 6.24 -27.24
CA GLU A 48 -22.28 6.45 -28.60
C GLU A 48 -21.41 5.60 -29.54
N LEU A 49 -20.10 5.64 -29.35
CA LEU A 49 -19.24 4.88 -30.24
C LEU A 49 -19.40 3.37 -30.00
N MET A 50 -19.66 2.96 -28.76
CA MET A 50 -19.97 1.55 -28.49
C MET A 50 -21.22 1.08 -29.20
N LYS A 51 -22.29 1.89 -29.24
CA LYS A 51 -23.52 1.49 -29.89
C LYS A 51 -23.18 1.18 -31.34
N PHE A 52 -22.45 2.09 -31.98
CA PHE A 52 -22.07 1.95 -33.38
C PHE A 52 -21.29 0.64 -33.55
N ASP A 53 -20.30 0.43 -32.66
CA ASP A 53 -19.43 -0.73 -32.72
C ASP A 53 -20.23 -2.01 -32.47
N LEU A 54 -21.02 -2.07 -31.38
CA LEU A 54 -21.74 -3.30 -31.06
C LEU A 54 -22.69 -3.71 -32.19
N GLU A 55 -23.33 -2.73 -32.84
CA GLU A 55 -24.16 -2.96 -34.00
C GLU A 55 -23.34 -3.53 -35.15
N ASN A 56 -22.17 -2.93 -35.42
CA ASN A 56 -21.31 -3.40 -36.49
C ASN A 56 -20.96 -4.87 -36.27
N ILE A 57 -20.56 -5.21 -35.04
CA ILE A 57 -20.07 -6.53 -34.68
C ILE A 57 -21.19 -7.57 -34.78
N LYS A 58 -22.45 -7.17 -34.50
CA LYS A 58 -23.58 -8.06 -34.66
C LYS A 58 -23.82 -8.34 -36.14
N GLU A 59 -23.78 -7.29 -36.97
CA GLU A 59 -23.85 -7.41 -38.44
C GLU A 59 -22.63 -8.13 -39.04
N GLY A 60 -21.52 -8.24 -38.33
CA GLY A 60 -20.37 -8.99 -38.83
C GLY A 60 -20.46 -10.49 -38.54
N GLY A 61 -21.41 -10.89 -37.66
CA GLY A 61 -21.79 -12.28 -37.49
C GLY A 61 -21.40 -12.83 -36.13
N TYR A 62 -20.77 -12.00 -35.28
CA TYR A 62 -20.24 -12.44 -33.99
C TYR A 62 -21.39 -12.61 -32.99
N ASN A 63 -21.20 -13.45 -31.97
CA ASN A 63 -22.18 -13.60 -30.91
C ASN A 63 -21.59 -13.11 -29.58
N THR A 64 -20.31 -12.70 -29.58
CA THR A 64 -19.57 -12.38 -28.36
C THR A 64 -18.52 -11.33 -28.66
N ILE A 65 -18.19 -10.47 -27.67
CA ILE A 65 -16.98 -9.65 -27.70
C ILE A 65 -16.01 -10.11 -26.60
N ARG A 66 -14.72 -9.80 -26.79
CA ARG A 66 -13.64 -10.14 -25.86
C ARG A 66 -12.82 -8.88 -25.61
N THR A 67 -12.55 -8.58 -24.34
CA THR A 67 -11.96 -7.29 -23.94
C THR A 67 -10.75 -7.56 -23.06
N TRP A 68 -10.01 -6.50 -22.79
CA TRP A 68 -8.75 -6.59 -22.06
C TRP A 68 -8.87 -5.89 -20.70
N SER A 69 -9.82 -4.98 -20.61
CA SER A 69 -9.97 -4.06 -19.52
C SER A 69 -11.44 -4.04 -19.10
N GLN A 70 -11.70 -4.03 -17.79
CA GLN A 70 -13.06 -4.08 -17.24
C GLN A 70 -13.95 -2.92 -17.70
N TYR A 71 -15.19 -3.25 -18.06
CA TYR A 71 -16.17 -2.22 -18.38
C TYR A 71 -16.78 -1.62 -17.12
N SER A 72 -17.23 -0.36 -17.20
CA SER A 72 -18.06 0.23 -16.15
C SER A 72 -19.45 -0.39 -16.22
N GLU A 73 -20.29 -0.12 -15.22
CA GLU A 73 -21.64 -0.65 -15.23
C GLU A 73 -22.40 -0.13 -16.45
N ASN A 74 -22.30 1.17 -16.71
CA ASN A 74 -22.90 1.78 -17.88
C ASN A 74 -22.48 1.04 -19.16
N GLN A 75 -21.19 0.76 -19.32
CA GLN A 75 -20.74 0.08 -20.57
C GLN A 75 -21.25 -1.36 -20.60
N LEU A 76 -21.29 -2.03 -19.46
CA LEU A 76 -21.76 -3.44 -19.38
C LEU A 76 -23.24 -3.53 -19.75
N LYS A 77 -24.06 -2.59 -19.26
CA LYS A 77 -25.51 -2.61 -19.51
C LYS A 77 -25.77 -2.50 -21.00
N LEU A 78 -25.00 -1.66 -21.68
CA LEU A 78 -25.14 -1.54 -23.12
C LEU A 78 -24.85 -2.86 -23.82
N VAL A 79 -23.81 -3.56 -23.38
CA VAL A 79 -23.46 -4.86 -23.96
C VAL A 79 -24.60 -5.83 -23.65
N GLN A 80 -25.08 -5.76 -22.41
CA GLN A 80 -26.14 -6.66 -21.98
C GLN A 80 -27.29 -6.49 -22.99
N GLU A 81 -27.68 -5.24 -23.28
CA GLU A 81 -28.91 -4.96 -24.02
C GLU A 81 -28.67 -5.18 -25.52
N SER A 82 -27.38 -5.33 -25.93
CA SER A 82 -27.04 -5.58 -27.32
C SER A 82 -27.41 -7.00 -27.73
N GLY A 83 -27.42 -7.95 -26.79
CA GLY A 83 -27.59 -9.37 -27.09
C GLY A 83 -26.24 -10.09 -27.19
N LEU A 84 -25.13 -9.36 -27.38
CA LEU A 84 -23.82 -10.02 -27.48
C LEU A 84 -23.42 -10.56 -26.11
N LYS A 85 -22.57 -11.62 -26.12
CA LYS A 85 -21.97 -12.13 -24.92
C LYS A 85 -20.63 -11.43 -24.75
N LEU A 86 -20.06 -11.55 -23.54
CA LEU A 86 -18.85 -10.80 -23.22
C LEU A 86 -17.86 -11.76 -22.56
N ILE A 87 -16.63 -11.75 -23.07
CA ILE A 87 -15.50 -12.33 -22.34
C ILE A 87 -14.69 -11.15 -21.81
N MET A 88 -14.77 -10.88 -20.51
CA MET A 88 -14.29 -9.62 -19.95
C MET A 88 -12.91 -9.80 -19.31
N GLY A 89 -11.93 -9.07 -19.82
CA GLY A 89 -10.59 -9.06 -19.25
C GLY A 89 -10.51 -8.05 -18.12
N ILE A 90 -9.68 -8.40 -17.13
CA ILE A 90 -9.41 -7.54 -16.00
C ILE A 90 -8.00 -7.01 -16.18
N ASP A 91 -7.83 -5.71 -15.90
CA ASP A 91 -6.57 -4.99 -16.09
C ASP A 91 -5.65 -5.27 -14.90
N ILE A 92 -4.97 -6.41 -14.93
CA ILE A 92 -4.03 -6.77 -13.88
C ILE A 92 -2.66 -6.63 -14.53
N LYS A 93 -1.96 -5.51 -14.25
CA LYS A 93 -0.70 -5.16 -14.93
C LYS A 93 0.27 -6.35 -14.92
N PRO A 94 0.66 -6.89 -16.08
CA PRO A 94 1.58 -8.04 -16.12
C PRO A 94 3.02 -7.86 -15.65
N GLU A 95 3.51 -6.62 -15.64
CA GLU A 95 4.92 -6.34 -15.36
C GLU A 95 5.09 -6.00 -13.87
N GLU A 96 3.99 -5.90 -13.11
CA GLU A 96 4.03 -5.68 -11.67
C GLU A 96 4.47 -6.95 -10.92
N ASP A 97 4.92 -6.74 -9.68
CA ASP A 97 5.28 -7.80 -8.77
C ASP A 97 4.03 -8.41 -8.15
N TYR A 98 3.67 -9.62 -8.65
CA TYR A 98 2.51 -10.40 -8.19
C TYR A 98 2.57 -10.71 -6.69
N GLY A 99 3.78 -10.63 -6.10
CA GLY A 99 4.01 -10.99 -4.70
C GLY A 99 3.96 -9.77 -3.78
N ASP A 100 3.83 -8.57 -4.35
CA ASP A 100 3.76 -7.35 -3.56
C ASP A 100 2.38 -7.23 -2.90
N PRO A 101 2.26 -7.19 -1.56
CA PRO A 101 0.94 -7.19 -0.88
C PRO A 101 -0.01 -6.02 -1.22
N GLU A 102 0.60 -4.89 -1.62
CA GLU A 102 -0.09 -3.68 -2.00
C GLU A 102 -0.71 -3.89 -3.38
N PHE A 103 0.10 -4.45 -4.28
CA PHE A 103 -0.36 -4.80 -5.61
C PHE A 103 -1.50 -5.83 -5.51
N VAL A 104 -1.36 -6.84 -4.65
CA VAL A 104 -2.34 -7.91 -4.51
C VAL A 104 -3.65 -7.28 -4.01
N LYS A 105 -3.54 -6.50 -2.95
CA LYS A 105 -4.68 -5.86 -2.33
C LYS A 105 -5.38 -4.92 -3.31
N ASP A 106 -4.65 -4.14 -4.13
CA ASP A 106 -5.28 -3.18 -5.02
C ASP A 106 -6.04 -3.95 -6.09
N SER A 107 -5.45 -5.09 -6.50
CA SER A 107 -6.04 -5.91 -7.53
C SER A 107 -7.32 -6.53 -6.99
N GLU A 108 -7.30 -6.97 -5.73
CA GLU A 108 -8.47 -7.58 -5.10
C GLU A 108 -9.59 -6.57 -4.91
N ILE A 109 -9.26 -5.37 -4.40
CA ILE A 109 -10.26 -4.33 -4.20
C ILE A 109 -10.89 -3.99 -5.56
N GLU A 110 -10.06 -3.85 -6.60
CA GLU A 110 -10.56 -3.48 -7.91
C GLU A 110 -11.48 -4.59 -8.41
N LEU A 111 -11.01 -5.84 -8.42
CA LEU A 111 -11.83 -6.94 -8.92
C LEU A 111 -13.16 -7.01 -8.18
N LYS A 112 -13.17 -6.79 -6.86
CA LYS A 112 -14.41 -6.88 -6.10
C LYS A 112 -15.37 -5.75 -6.47
N ARG A 113 -14.80 -4.57 -6.78
CA ARG A 113 -15.61 -3.43 -7.17
C ARG A 113 -16.38 -3.76 -8.46
N VAL A 114 -15.63 -4.34 -9.42
CA VAL A 114 -16.20 -4.77 -10.68
C VAL A 114 -17.30 -5.82 -10.45
N LEU A 115 -17.00 -6.88 -9.69
CA LEU A 115 -17.93 -8.00 -9.55
C LEU A 115 -19.26 -7.53 -8.93
N ASN A 116 -19.18 -6.51 -8.05
CA ASN A 116 -20.30 -6.10 -7.23
C ASN A 116 -21.48 -5.66 -8.09
N TYR A 117 -21.19 -5.13 -9.28
CA TYR A 117 -22.24 -4.85 -10.25
C TYR A 117 -22.21 -5.84 -11.41
N ALA A 118 -21.02 -6.31 -11.81
CA ALA A 118 -20.93 -7.15 -13.00
C ALA A 118 -21.74 -8.44 -12.83
N LYS A 119 -21.96 -8.89 -11.59
CA LYS A 119 -22.61 -10.16 -11.32
C LYS A 119 -24.10 -10.12 -11.67
N LYS A 120 -24.61 -8.92 -11.95
CA LYS A 120 -25.99 -8.75 -12.35
C LYS A 120 -26.16 -8.98 -13.84
N TYR A 121 -25.05 -9.03 -14.59
CA TYR A 121 -25.13 -9.00 -16.05
C TYR A 121 -24.73 -10.37 -16.61
N ASP A 122 -25.74 -11.15 -17.05
CA ASP A 122 -25.50 -12.52 -17.45
C ASP A 122 -24.94 -12.63 -18.87
N CYS A 123 -24.74 -11.51 -19.58
CA CYS A 123 -24.03 -11.56 -20.84
C CYS A 123 -22.56 -11.95 -20.64
N ILE A 124 -22.02 -11.80 -19.41
CA ILE A 124 -20.65 -12.23 -19.14
C ILE A 124 -20.56 -13.76 -19.08
N ILE A 125 -19.73 -14.36 -19.96
CA ILE A 125 -19.62 -15.82 -20.02
C ILE A 125 -18.20 -16.30 -19.75
N THR A 126 -17.23 -15.40 -19.57
CA THR A 126 -15.91 -15.79 -19.11
C THR A 126 -15.23 -14.52 -18.59
N TYR A 127 -14.40 -14.67 -17.54
CA TYR A 127 -13.46 -13.65 -17.10
C TYR A 127 -12.05 -14.10 -17.45
N LEU A 128 -11.23 -13.16 -17.92
CA LEU A 128 -9.79 -13.32 -18.14
C LEU A 128 -9.04 -12.47 -17.12
N VAL A 129 -8.28 -13.14 -16.25
CA VAL A 129 -7.77 -12.54 -15.03
C VAL A 129 -6.39 -11.91 -15.25
N ILE A 130 -5.73 -12.19 -16.37
CA ILE A 130 -4.49 -11.47 -16.66
C ILE A 130 -4.14 -11.64 -18.13
N ASN A 131 -3.42 -10.65 -18.67
CA ASN A 131 -3.02 -10.63 -20.06
C ASN A 131 -1.49 -10.74 -20.14
N GLU A 132 -1.03 -11.92 -20.53
CA GLU A 132 0.27 -12.05 -21.21
C GLU A 132 1.44 -11.87 -20.25
N PRO A 133 1.56 -12.68 -19.17
CA PRO A 133 2.71 -12.63 -18.30
C PRO A 133 3.90 -13.26 -19.02
N GLN A 134 5.02 -12.53 -18.97
CA GLN A 134 6.23 -12.89 -19.67
C GLN A 134 6.97 -13.93 -18.85
N THR A 135 7.60 -14.89 -19.55
CA THR A 135 8.40 -15.94 -18.92
C THR A 135 9.40 -15.35 -17.92
N ASP A 136 10.24 -14.41 -18.32
CA ASP A 136 11.34 -13.96 -17.46
C ASP A 136 10.78 -13.29 -16.18
N HIS A 137 9.71 -12.50 -16.35
CA HIS A 137 9.12 -11.78 -15.24
C HIS A 137 8.66 -12.77 -14.17
N ILE A 138 7.90 -13.79 -14.58
CA ILE A 138 7.44 -14.85 -13.70
C ILE A 138 8.66 -15.49 -13.02
N HIS A 139 9.71 -15.81 -13.81
CA HIS A 139 10.93 -16.33 -13.21
C HIS A 139 11.43 -15.39 -12.10
N SER A 140 11.40 -14.09 -12.39
CA SER A 140 11.97 -13.10 -11.49
C SER A 140 11.13 -12.91 -10.23
N VAL A 141 9.79 -12.92 -10.31
CA VAL A 141 9.02 -12.66 -9.10
C VAL A 141 8.58 -13.98 -8.48
N THR A 142 8.87 -15.11 -9.17
CA THR A 142 8.61 -16.48 -8.75
C THR A 142 7.24 -16.94 -9.24
N GLY A 143 7.22 -18.21 -9.65
CA GLY A 143 6.03 -18.88 -10.13
C GLY A 143 5.00 -18.99 -9.00
N LYS A 144 5.49 -19.16 -7.77
CA LYS A 144 4.60 -19.26 -6.64
C LYS A 144 3.84 -17.94 -6.49
N ALA A 145 4.54 -16.81 -6.58
CA ALA A 145 3.86 -15.52 -6.48
C ALA A 145 2.78 -15.46 -7.55
N PHE A 146 3.13 -15.87 -8.78
CA PHE A 146 2.21 -15.90 -9.90
C PHE A 146 0.99 -16.78 -9.59
N VAL A 147 1.27 -18.05 -9.25
CA VAL A 147 0.21 -19.02 -9.06
C VAL A 147 -0.71 -18.61 -7.89
N ASP A 148 -0.15 -18.07 -6.80
CA ASP A 148 -0.92 -17.60 -5.67
C ASP A 148 -1.85 -16.46 -6.05
N LEU A 149 -1.38 -15.60 -6.94
CA LEU A 149 -2.18 -14.45 -7.34
C LEU A 149 -3.36 -14.97 -8.19
N MET A 150 -3.07 -15.83 -9.18
CA MET A 150 -4.12 -16.41 -10.01
C MET A 150 -5.18 -17.04 -9.11
N ASN A 151 -4.79 -17.93 -8.17
CA ASN A 151 -5.76 -18.56 -7.28
C ASN A 151 -6.60 -17.48 -6.54
N THR A 152 -5.97 -16.48 -5.93
CA THR A 152 -6.66 -15.43 -5.21
C THR A 152 -7.78 -14.84 -6.07
N LEU A 153 -7.46 -14.48 -7.30
CA LEU A 153 -8.40 -13.80 -8.17
C LEU A 153 -9.47 -14.74 -8.70
N ILE A 154 -9.09 -16.00 -8.96
CA ILE A 154 -10.02 -16.99 -9.45
C ILE A 154 -11.10 -17.19 -8.40
N ASN A 155 -10.65 -17.27 -7.13
CA ASN A 155 -11.53 -17.59 -6.01
C ASN A 155 -12.48 -16.43 -5.76
N ILE A 156 -12.00 -15.19 -5.90
CA ILE A 156 -12.81 -14.00 -5.68
C ILE A 156 -13.90 -13.95 -6.75
N ILE A 157 -13.56 -14.37 -7.98
CA ILE A 157 -14.57 -14.39 -9.03
C ILE A 157 -15.60 -15.51 -8.82
N HIS A 158 -15.13 -16.73 -8.46
CA HIS A 158 -16.05 -17.83 -8.19
C HIS A 158 -17.10 -17.45 -7.12
N LYS A 159 -16.70 -16.72 -6.06
CA LYS A 159 -17.64 -16.28 -5.04
C LYS A 159 -18.41 -15.04 -5.46
N GLY A 160 -17.76 -14.05 -6.09
CA GLY A 160 -18.38 -12.76 -6.38
C GLY A 160 -19.35 -12.79 -7.59
N HIS A 161 -19.08 -13.65 -8.58
CA HIS A 161 -19.95 -13.81 -9.74
C HIS A 161 -20.03 -15.30 -10.07
N PRO A 162 -20.91 -16.05 -9.38
CA PRO A 162 -20.86 -17.51 -9.43
C PRO A 162 -21.28 -18.07 -10.80
N GLY A 163 -20.64 -19.18 -11.15
CA GLY A 163 -21.02 -19.96 -12.30
C GLY A 163 -20.36 -19.44 -13.55
N ILE A 164 -19.49 -18.42 -13.45
CA ILE A 164 -18.88 -17.87 -14.65
C ILE A 164 -17.46 -18.43 -14.77
N PRO A 165 -17.11 -19.08 -15.89
CA PRO A 165 -15.74 -19.55 -16.06
C PRO A 165 -14.68 -18.44 -16.03
N VAL A 166 -13.49 -18.79 -15.50
CA VAL A 166 -12.33 -17.92 -15.41
C VAL A 166 -11.14 -18.58 -16.10
N THR A 167 -10.43 -17.83 -16.93
CA THR A 167 -9.17 -18.31 -17.49
C THR A 167 -8.25 -17.10 -17.69
N LEU A 168 -7.28 -17.19 -18.59
CA LEU A 168 -6.36 -16.06 -18.77
C LEU A 168 -6.01 -15.90 -20.26
N SER A 169 -5.39 -14.77 -20.58
CA SER A 169 -4.87 -14.42 -21.90
C SER A 169 -3.37 -14.73 -21.91
N ALA A 170 -2.96 -15.80 -22.60
CA ALA A 170 -1.58 -16.23 -22.53
C ALA A 170 -1.12 -16.69 -23.89
N ASN A 171 -0.05 -16.08 -24.40
CA ASN A 171 0.40 -16.38 -25.73
C ASN A 171 1.02 -17.79 -25.73
N ALA A 172 0.61 -18.59 -26.71
CA ALA A 172 1.02 -19.98 -26.85
C ALA A 172 2.51 -20.11 -27.17
N MET A 173 3.11 -19.11 -27.81
CA MET A 173 4.52 -19.20 -28.19
C MET A 173 5.44 -19.00 -26.99
N ILE A 174 4.98 -18.31 -25.90
CA ILE A 174 5.83 -18.04 -24.75
C ILE A 174 5.37 -18.74 -23.47
N SER A 175 4.10 -19.18 -23.43
CA SER A 175 3.53 -19.77 -22.22
C SER A 175 3.01 -21.19 -22.48
N ASP A 176 3.58 -21.85 -23.48
CA ASP A 176 3.42 -23.29 -23.67
C ASP A 176 3.70 -24.13 -22.42
N TYR A 177 4.68 -23.73 -21.59
CA TYR A 177 5.09 -24.50 -20.43
C TYR A 177 4.12 -24.38 -19.24
N MET A 178 3.22 -23.37 -19.24
CA MET A 178 2.47 -22.99 -18.05
C MET A 178 1.36 -23.98 -17.72
N ASP A 179 1.21 -24.30 -16.43
CA ASP A 179 0.06 -25.05 -15.96
C ASP A 179 -1.21 -24.18 -16.07
N GLU A 180 -2.22 -24.64 -16.81
CA GLU A 180 -3.47 -23.91 -16.91
C GLU A 180 -4.62 -24.63 -16.19
N SER A 181 -4.29 -25.59 -15.32
CA SER A 181 -5.28 -26.51 -14.80
C SER A 181 -6.03 -25.87 -13.65
N ILE A 182 -5.49 -24.78 -13.09
CA ILE A 182 -6.18 -24.04 -12.03
C ILE A 182 -7.36 -23.26 -12.59
N PHE A 183 -7.34 -22.95 -13.90
CA PHE A 183 -8.40 -22.19 -14.54
C PHE A 183 -9.53 -23.13 -14.95
N ASP A 184 -10.69 -22.57 -15.34
CA ASP A 184 -11.88 -23.36 -15.66
C ASP A 184 -11.87 -23.78 -17.12
N VAL A 185 -11.16 -23.01 -17.96
CA VAL A 185 -11.05 -23.34 -19.35
C VAL A 185 -9.62 -23.01 -19.78
N TYR A 186 -9.18 -23.72 -20.82
CA TYR A 186 -7.83 -23.58 -21.35
C TYR A 186 -7.97 -22.55 -22.45
N ALA A 187 -6.95 -21.71 -22.59
CA ALA A 187 -6.97 -20.60 -23.51
C ALA A 187 -5.54 -20.20 -23.92
N TYR A 188 -5.35 -19.86 -25.20
CA TYR A 188 -4.12 -19.22 -25.63
C TYR A 188 -4.44 -18.18 -26.69
N ASN A 189 -3.66 -17.10 -26.73
CA ASN A 189 -3.46 -16.30 -27.93
C ASN A 189 -2.57 -17.08 -28.90
N CYS A 190 -3.04 -17.23 -30.14
CA CYS A 190 -2.45 -18.19 -31.06
C CYS A 190 -2.13 -17.47 -32.37
N TYR A 191 -0.85 -17.38 -32.71
CA TYR A 191 -0.43 -16.74 -33.95
C TYR A 191 0.43 -17.66 -34.79
N ASP A 192 0.20 -17.59 -36.10
CA ASP A 192 0.86 -18.47 -37.04
C ASP A 192 1.81 -17.67 -37.93
N HIS A 193 3.09 -17.59 -37.53
CA HIS A 193 4.08 -16.84 -38.28
C HIS A 193 5.12 -17.76 -38.94
N ASN A 194 4.89 -19.09 -38.85
CA ASN A 194 5.69 -20.12 -39.48
C ASN A 194 7.15 -19.96 -39.02
N GLU A 195 7.35 -20.10 -37.71
CA GLU A 195 8.62 -19.89 -37.03
C GLU A 195 8.54 -20.59 -35.68
N GLY A 196 9.69 -21.06 -35.23
CA GLY A 196 9.80 -21.89 -34.05
C GLY A 196 8.77 -23.02 -34.06
N GLN A 197 7.97 -23.04 -33.00
CA GLN A 197 6.99 -24.10 -32.80
C GLN A 197 6.05 -24.22 -33.99
N THR A 198 5.65 -23.10 -34.62
CA THR A 198 4.66 -23.17 -35.69
C THR A 198 5.32 -23.60 -36.99
N ALA A 199 6.65 -23.46 -37.11
CA ALA A 199 7.37 -23.94 -38.29
C ALA A 199 7.62 -25.46 -38.23
N THR A 200 7.83 -26.00 -37.03
CA THR A 200 8.16 -27.40 -36.85
C THR A 200 6.87 -28.22 -36.89
N MET A 201 5.89 -27.83 -36.07
CA MET A 201 4.71 -28.62 -35.82
C MET A 201 3.59 -28.23 -36.76
N GLY A 202 3.67 -27.01 -37.31
CA GLY A 202 2.54 -26.41 -38.00
C GLY A 202 1.58 -25.86 -36.96
N PHE A 203 0.68 -24.96 -37.37
CA PHE A 203 -0.14 -24.22 -36.40
C PHE A 203 -1.15 -25.15 -35.74
N LYS A 204 -1.97 -25.83 -36.53
CA LYS A 204 -2.89 -26.82 -36.00
C LYS A 204 -2.23 -27.73 -34.96
N ASP A 205 -1.16 -28.44 -35.34
CA ASP A 205 -0.61 -29.48 -34.47
C ASP A 205 0.03 -28.85 -33.23
N TYR A 206 0.55 -27.62 -33.34
CA TYR A 206 1.19 -27.03 -32.18
C TYR A 206 0.14 -26.82 -31.10
N ILE A 207 -0.96 -26.15 -31.46
CA ILE A 207 -1.95 -25.78 -30.46
C ILE A 207 -2.65 -27.03 -29.97
N LYS A 208 -2.87 -28.00 -30.84
CA LYS A 208 -3.49 -29.28 -30.45
C LYS A 208 -2.61 -30.02 -29.44
N GLY A 209 -1.30 -29.97 -29.67
CA GLY A 209 -0.34 -30.60 -28.77
C GLY A 209 -0.51 -30.03 -27.36
N LEU A 210 -0.71 -28.71 -27.28
CA LEU A 210 -0.84 -28.07 -25.98
C LEU A 210 -2.14 -28.46 -25.29
N ASN A 211 -3.18 -28.68 -26.08
CA ASN A 211 -4.47 -29.12 -25.59
C ASN A 211 -4.37 -30.58 -25.10
N GLU A 212 -3.60 -31.41 -25.80
CA GLU A 212 -3.37 -32.78 -25.34
C GLU A 212 -2.56 -32.79 -24.05
N LEU A 213 -1.50 -31.97 -23.97
CA LEU A 213 -0.67 -31.89 -22.76
C LEU A 213 -1.52 -31.37 -21.59
N ASN A 214 -2.38 -30.39 -21.88
CA ASN A 214 -3.33 -29.88 -20.89
C ASN A 214 -4.25 -31.00 -20.39
N GLY A 215 -4.55 -32.06 -21.19
CA GLY A 215 -5.26 -33.26 -20.73
C GLY A 215 -6.68 -33.47 -21.31
N LEU A 216 -7.17 -32.60 -22.20
CA LEU A 216 -8.41 -32.80 -22.93
C LEU A 216 -9.59 -32.95 -21.97
N ASP A 217 -9.59 -32.16 -20.88
CA ASP A 217 -10.55 -32.32 -19.80
C ASP A 217 -11.25 -31.01 -19.45
N LYS A 218 -10.98 -29.94 -20.21
CA LYS A 218 -11.74 -28.71 -20.13
C LYS A 218 -11.97 -28.13 -21.52
N PRO A 219 -12.98 -27.27 -21.72
CA PRO A 219 -13.07 -26.54 -22.98
C PRO A 219 -11.80 -25.71 -23.19
N PHE A 220 -11.45 -25.54 -24.47
CA PHE A 220 -10.32 -24.78 -24.96
C PHE A 220 -10.82 -23.66 -25.87
N ILE A 221 -10.35 -22.43 -25.63
CA ILE A 221 -10.72 -21.32 -26.49
C ILE A 221 -9.45 -20.59 -26.90
N THR A 222 -9.56 -19.83 -28.00
CA THR A 222 -8.53 -18.90 -28.41
C THR A 222 -8.99 -17.48 -28.04
N THR A 223 -8.05 -16.74 -27.44
CA THR A 223 -8.31 -15.37 -27.00
C THR A 223 -7.71 -14.36 -27.98
N ALA A 224 -7.12 -14.86 -29.07
CA ALA A 224 -6.57 -13.95 -30.08
C ALA A 224 -5.86 -14.74 -31.19
N PHE A 225 -5.95 -14.20 -32.43
CA PHE A 225 -5.18 -14.68 -33.57
C PHE A 225 -5.39 -13.67 -34.70
N GLY A 226 -4.42 -13.57 -35.62
CA GLY A 226 -4.67 -12.76 -36.81
C GLY A 226 -3.40 -12.10 -37.32
N TYR A 227 -3.57 -11.10 -38.19
CA TYR A 227 -2.48 -10.53 -38.99
C TYR A 227 -2.60 -9.01 -39.09
N SER A 228 -1.43 -8.36 -39.22
CA SER A 228 -1.29 -6.92 -39.28
C SER A 228 -1.03 -6.51 -40.71
N VAL A 229 -1.68 -5.40 -41.13
CA VAL A 229 -1.48 -4.91 -42.48
C VAL A 229 -0.65 -3.63 -42.51
N SER A 230 0.35 -3.57 -41.63
CA SER A 230 1.18 -2.37 -41.55
C SER A 230 1.87 -2.15 -42.90
N PRO A 231 2.05 -0.91 -43.35
CA PRO A 231 2.84 -0.69 -44.57
C PRO A 231 4.25 -1.32 -44.58
N GLU A 232 4.92 -1.31 -43.44
CA GLU A 232 6.16 -2.02 -43.27
C GLU A 232 6.32 -2.37 -41.79
N GLY A 233 7.55 -2.78 -41.43
CA GLY A 233 7.91 -3.15 -40.08
C GLY A 233 7.64 -4.64 -39.82
N GLY A 234 8.03 -5.10 -38.64
CA GLY A 234 7.84 -6.48 -38.24
C GLY A 234 8.95 -7.40 -38.77
N ASN A 235 8.57 -8.65 -39.03
CA ASN A 235 9.46 -9.70 -39.48
C ASN A 235 8.63 -10.88 -40.01
N GLY A 236 8.88 -11.33 -41.24
CA GLY A 236 8.10 -12.39 -41.85
C GLY A 236 6.61 -12.01 -41.88
N GLN A 237 5.76 -12.93 -41.40
CA GLN A 237 4.34 -12.62 -41.44
C GLN A 237 3.90 -11.74 -40.27
N TYR A 238 4.79 -11.31 -39.37
CA TYR A 238 4.38 -10.38 -38.31
C TYR A 238 4.56 -8.96 -38.84
N GLY A 239 3.44 -8.26 -39.06
CA GLY A 239 3.44 -7.00 -39.76
C GLY A 239 3.46 -7.24 -41.27
N SER A 240 3.18 -6.15 -42.02
CA SER A 240 3.49 -6.03 -43.42
C SER A 240 2.71 -7.01 -44.32
N ASN A 241 1.55 -7.50 -43.88
CA ASN A 241 0.72 -8.30 -44.77
C ASN A 241 -0.09 -7.38 -45.68
N THR A 242 -0.48 -7.89 -46.86
CA THR A 242 -1.50 -7.22 -47.67
C THR A 242 -2.86 -7.46 -47.02
N LEU A 243 -3.86 -6.74 -47.50
CA LEU A 243 -5.24 -6.94 -47.06
C LEU A 243 -5.72 -8.33 -47.43
N LYS A 244 -5.31 -8.84 -48.59
CA LYS A 244 -5.63 -10.19 -49.02
C LYS A 244 -4.96 -11.23 -48.12
N GLN A 245 -3.69 -11.04 -47.79
CA GLN A 245 -2.98 -11.91 -46.87
C GLN A 245 -3.69 -11.94 -45.52
N GLN A 246 -4.13 -10.75 -45.06
CA GLN A 246 -4.79 -10.65 -43.78
C GLN A 246 -6.07 -11.49 -43.82
N SER A 247 -6.86 -11.33 -44.88
CA SER A 247 -8.16 -11.98 -45.00
C SER A 247 -7.95 -13.48 -45.15
N ASP A 248 -7.08 -13.91 -46.07
CA ASP A 248 -6.83 -15.34 -46.23
C ASP A 248 -6.22 -15.95 -44.97
N GLY A 249 -5.37 -15.21 -44.25
CA GLY A 249 -4.78 -15.70 -43.01
C GLY A 249 -5.77 -15.96 -41.85
N LEU A 250 -6.69 -15.01 -41.60
CA LEU A 250 -7.73 -15.22 -40.60
C LEU A 250 -8.51 -16.51 -40.87
N ILE A 251 -8.79 -16.83 -42.15
CA ILE A 251 -9.64 -17.98 -42.47
C ILE A 251 -8.84 -19.28 -42.25
N SER A 252 -7.59 -19.29 -42.68
CA SER A 252 -6.67 -20.38 -42.40
C SER A 252 -6.55 -20.59 -40.89
N ASN A 253 -6.36 -19.49 -40.12
CA ASN A 253 -6.27 -19.59 -38.67
C ASN A 253 -7.56 -20.21 -38.11
N TYR A 254 -8.74 -19.83 -38.63
CA TYR A 254 -9.99 -20.19 -37.97
C TYR A 254 -10.18 -21.70 -38.06
N ARG A 255 -9.99 -22.26 -39.26
CA ARG A 255 -10.01 -23.69 -39.54
C ARG A 255 -9.01 -24.44 -38.66
N ASP A 256 -7.76 -23.94 -38.62
CA ASP A 256 -6.68 -24.64 -37.93
C ASP A 256 -6.98 -24.77 -36.44
N LEU A 257 -7.47 -23.68 -35.85
CA LEU A 257 -7.63 -23.65 -34.42
C LEU A 257 -8.86 -24.47 -34.04
N ILE A 258 -9.90 -24.48 -34.89
CA ILE A 258 -10.99 -25.41 -34.66
C ILE A 258 -10.41 -26.82 -34.67
N ASP A 259 -9.49 -27.07 -35.62
CA ASP A 259 -8.94 -28.42 -35.78
C ASP A 259 -8.08 -28.81 -34.59
N ALA A 260 -7.66 -27.82 -33.78
CA ALA A 260 -6.88 -28.09 -32.57
C ALA A 260 -7.76 -28.35 -31.34
N GLY A 261 -9.08 -28.25 -31.49
CA GLY A 261 -10.03 -28.50 -30.43
C GLY A 261 -10.73 -27.24 -29.89
N ALA A 262 -10.51 -26.06 -30.45
CA ALA A 262 -11.14 -24.85 -29.91
C ALA A 262 -12.65 -24.96 -30.08
N VAL A 263 -13.41 -24.60 -29.04
CA VAL A 263 -14.85 -24.45 -29.11
C VAL A 263 -15.24 -23.00 -28.83
N GLY A 264 -14.25 -22.11 -28.91
CA GLY A 264 -14.52 -20.69 -28.81
C GLY A 264 -13.36 -19.97 -29.46
N MET A 265 -13.68 -18.87 -30.14
CA MET A 265 -12.73 -18.19 -31.01
C MET A 265 -12.85 -16.67 -30.82
N CYS A 266 -11.70 -16.01 -30.59
CA CYS A 266 -11.64 -14.56 -30.45
C CYS A 266 -10.64 -14.05 -31.47
N PRO A 267 -10.96 -14.00 -32.78
CA PRO A 267 -10.07 -13.36 -33.74
C PRO A 267 -9.68 -11.98 -33.22
N PHE A 268 -8.43 -11.59 -33.51
CA PHE A 268 -7.90 -10.28 -33.15
C PHE A 268 -7.77 -9.43 -34.41
N TYR A 269 -8.53 -8.29 -34.53
CA TYR A 269 -9.57 -7.81 -33.63
C TYR A 269 -10.32 -6.72 -34.38
N TYR A 270 -11.22 -5.99 -33.72
CA TYR A 270 -12.20 -5.16 -34.42
C TYR A 270 -11.58 -4.00 -35.20
N ALA A 271 -10.70 -3.20 -34.57
CA ALA A 271 -10.22 -2.00 -35.23
C ALA A 271 -8.84 -1.54 -34.70
N ASP A 272 -8.07 -0.95 -35.61
CA ASP A 272 -6.74 -0.42 -35.32
C ASP A 272 -6.72 0.52 -34.12
N GLY A 273 -5.63 0.36 -33.36
CA GLY A 273 -5.34 1.18 -32.20
C GLY A 273 -4.01 1.88 -32.45
N TRP A 274 -4.08 3.14 -32.90
CA TRP A 274 -2.87 3.86 -33.22
C TRP A 274 -1.96 3.98 -32.01
N TRP A 275 -2.55 3.95 -30.81
CA TRP A 275 -1.81 4.11 -29.58
C TRP A 275 -0.75 3.02 -29.41
N LYS A 276 -0.93 1.87 -30.08
CA LYS A 276 -0.27 0.64 -29.66
C LYS A 276 1.21 0.65 -30.01
N GLY A 277 1.63 1.46 -30.99
CA GLY A 277 3.03 1.54 -31.32
C GLY A 277 3.75 2.71 -30.65
N GLY A 278 3.07 3.53 -29.81
CA GLY A 278 3.75 4.52 -28.97
C GLY A 278 3.17 5.94 -29.03
N GLU A 279 2.66 6.36 -30.19
CA GLU A 279 2.15 7.72 -30.36
C GLU A 279 0.73 7.67 -30.91
N LYS A 280 -0.26 7.96 -30.06
CA LYS A 280 -1.66 7.73 -30.40
C LYS A 280 -2.21 8.64 -31.51
N SER A 281 -1.53 9.75 -31.81
CA SER A 281 -2.01 10.75 -32.77
C SER A 281 -1.48 10.53 -34.18
N ASP A 282 -0.60 9.53 -34.30
CA ASP A 282 0.10 9.24 -35.52
C ASP A 282 -0.16 7.78 -35.84
N HIS A 283 -0.34 7.48 -37.12
CA HIS A 283 -0.50 6.09 -37.54
C HIS A 283 0.82 5.69 -38.19
N SER A 284 1.69 5.09 -37.39
CA SER A 284 3.07 4.85 -37.79
C SER A 284 3.12 3.78 -38.90
N LEU A 285 3.84 4.06 -39.98
CA LEU A 285 3.94 3.15 -41.11
C LEU A 285 4.61 1.83 -40.75
N ASN A 286 5.40 1.78 -39.67
CA ASN A 286 6.26 0.65 -39.42
C ASN A 286 6.04 0.01 -38.06
N GLN A 287 4.84 0.17 -37.50
CA GLN A 287 4.45 -0.47 -36.25
C GLN A 287 3.38 -1.52 -36.54
N PRO A 288 3.73 -2.81 -36.66
CA PRO A 288 2.71 -3.83 -36.92
C PRO A 288 1.49 -3.71 -36.01
N GLU A 289 1.71 -3.28 -34.76
CA GLU A 289 0.71 -3.36 -33.70
C GLU A 289 -0.46 -2.39 -33.92
N GLU A 290 -0.32 -1.44 -34.84
CA GLU A 290 -1.28 -0.38 -35.06
C GLU A 290 -2.18 -0.68 -36.26
N TRP A 291 -2.06 -1.88 -36.84
CA TRP A 291 -2.72 -2.22 -38.07
C TRP A 291 -3.27 -3.65 -37.99
N PHE A 292 -3.73 -4.10 -36.80
CA PHE A 292 -4.32 -5.43 -36.71
C PHE A 292 -5.84 -5.42 -36.95
N GLY A 293 -6.47 -4.25 -37.07
CA GLY A 293 -7.94 -4.21 -37.09
C GLY A 293 -8.59 -4.86 -38.31
N PHE A 294 -9.81 -5.37 -38.10
CA PHE A 294 -10.68 -5.67 -39.23
C PHE A 294 -11.27 -4.40 -39.82
N TRP A 295 -11.20 -3.29 -39.05
CA TRP A 295 -11.60 -1.95 -39.48
C TRP A 295 -10.43 -1.00 -39.36
N GLY A 296 -10.28 -0.09 -40.31
CA GLY A 296 -9.26 0.93 -40.26
C GLY A 296 -9.86 2.33 -40.40
N TYR A 297 -9.13 3.32 -39.86
CA TYR A 297 -9.52 4.73 -39.79
C TYR A 297 -8.77 5.49 -40.89
N SER A 298 -9.46 6.43 -41.55
CA SER A 298 -8.92 7.12 -42.71
C SER A 298 -7.86 8.13 -42.26
N ASP A 299 -8.11 8.81 -41.14
CA ASP A 299 -7.24 9.88 -40.65
C ASP A 299 -7.52 10.11 -39.18
N LEU A 300 -6.82 11.08 -38.57
CA LEU A 300 -6.88 11.31 -37.14
C LEU A 300 -8.29 11.66 -36.67
N ASN A 301 -9.13 12.22 -37.56
CA ASN A 301 -10.45 12.74 -37.22
C ASN A 301 -11.54 11.70 -37.44
N ASP A 302 -11.18 10.57 -38.03
CA ASP A 302 -12.15 9.54 -38.31
C ASP A 302 -12.35 8.79 -37.02
N LYS A 303 -13.61 8.81 -36.52
CA LYS A 303 -13.97 8.13 -35.29
C LYS A 303 -14.72 6.82 -35.56
N TYR A 304 -14.91 6.45 -36.84
CA TYR A 304 -15.81 5.37 -37.25
C TYR A 304 -15.04 4.29 -37.98
N GLY A 305 -14.34 4.67 -39.06
CA GLY A 305 -13.57 3.70 -39.83
C GLY A 305 -14.46 2.92 -40.82
N THR A 306 -13.82 2.08 -41.66
CA THR A 306 -14.54 1.18 -42.56
C THR A 306 -13.92 -0.22 -42.48
N PRO A 307 -14.71 -1.28 -42.75
CA PRO A 307 -14.19 -2.65 -42.73
C PRO A 307 -13.27 -2.96 -43.91
N ARG A 308 -12.20 -3.70 -43.63
CA ARG A 308 -11.27 -4.22 -44.64
C ARG A 308 -11.79 -5.56 -45.15
N PRO A 309 -11.24 -6.14 -46.23
CA PRO A 309 -11.81 -7.39 -46.78
C PRO A 309 -12.03 -8.56 -45.83
N VAL A 310 -11.16 -8.64 -44.83
CA VAL A 310 -11.19 -9.67 -43.82
C VAL A 310 -12.56 -9.72 -43.13
N TRP A 311 -13.14 -8.55 -42.87
CA TRP A 311 -14.42 -8.47 -42.19
C TRP A 311 -15.49 -9.32 -42.87
N PHE A 312 -15.55 -9.19 -44.21
CA PHE A 312 -16.55 -9.82 -45.05
C PHE A 312 -16.24 -11.31 -45.19
N ALA A 313 -14.95 -11.66 -45.25
CA ALA A 313 -14.55 -13.07 -45.38
C ALA A 313 -14.90 -13.81 -44.09
N MET A 314 -14.69 -13.13 -42.96
CA MET A 314 -15.01 -13.71 -41.66
C MET A 314 -16.53 -13.86 -41.50
N ARG A 315 -17.30 -12.82 -41.81
CA ARG A 315 -18.74 -12.90 -41.72
C ARG A 315 -19.23 -14.11 -42.52
N ASP A 316 -18.73 -14.27 -43.75
CA ASP A 316 -19.19 -15.35 -44.63
C ASP A 316 -18.81 -16.73 -44.06
N TYR A 317 -17.55 -16.86 -43.58
CA TYR A 317 -16.99 -18.07 -43.00
C TYR A 317 -17.77 -18.50 -41.77
N MET A 318 -18.23 -17.55 -40.95
CA MET A 318 -18.91 -17.89 -39.71
C MET A 318 -20.38 -18.34 -39.88
N LYS A 319 -20.92 -18.33 -41.09
CA LYS A 319 -22.33 -18.68 -41.25
C LYS A 319 -22.56 -20.15 -40.89
N GLY A 320 -21.56 -21.01 -41.15
CA GLY A 320 -21.69 -22.42 -40.83
C GLY A 320 -20.33 -23.02 -40.53
N LEU A 321 -20.12 -23.42 -39.27
CA LEU A 321 -18.83 -23.87 -38.80
C LEU A 321 -18.82 -25.39 -38.72
N ILE A 322 -17.70 -25.96 -39.21
CA ILE A 322 -17.42 -27.39 -39.14
C ILE A 322 -16.43 -27.63 -38.02
N ILE A 323 -16.90 -28.31 -36.97
CA ILE A 323 -16.08 -28.68 -35.84
C ILE A 323 -15.55 -30.10 -36.03
N SER A 324 -16.37 -31.06 -36.50
CA SER A 324 -15.90 -32.38 -36.89
C SER A 324 -16.55 -32.81 -38.21
N PRO A 325 -15.85 -33.52 -39.12
CA PRO A 325 -14.48 -33.97 -38.92
C PRO A 325 -13.55 -32.78 -39.08
N LYS A 326 -12.29 -32.97 -38.66
CA LYS A 326 -11.33 -31.88 -38.66
C LYS A 326 -10.44 -31.97 -39.89
N ASN A 327 -9.95 -30.81 -40.32
CA ASN A 327 -9.04 -30.78 -41.45
C ASN A 327 -7.73 -31.44 -41.03
N LYS A 328 -7.19 -32.28 -41.93
CA LYS A 328 -5.93 -32.98 -41.74
C LYS A 328 -6.07 -33.99 -40.59
N SER A 329 -7.25 -34.62 -40.49
CA SER A 329 -7.51 -35.60 -39.46
C SER A 329 -7.35 -36.99 -40.07
N ILE A 330 -7.03 -37.98 -39.22
CA ILE A 330 -6.85 -39.34 -39.68
C ILE A 330 -7.98 -40.20 -39.11
N HIS A 331 -8.57 -41.06 -39.94
CA HIS A 331 -9.73 -41.87 -39.55
C HIS A 331 -9.50 -43.33 -39.93
N THR A 332 -9.88 -44.24 -39.02
CA THR A 332 -9.71 -45.67 -39.22
C THR A 332 -11.05 -46.34 -38.99
N ASN A 333 -12.13 -45.60 -39.25
CA ASN A 333 -13.49 -46.10 -39.14
C ASN A 333 -14.19 -45.77 -40.46
N THR A 334 -15.34 -46.40 -40.76
CA THR A 334 -16.19 -45.98 -41.86
C THR A 334 -17.17 -44.93 -41.34
N LYS A 335 -17.29 -44.80 -40.01
CA LYS A 335 -18.16 -43.82 -39.39
C LYS A 335 -17.31 -42.70 -38.82
N ILE A 336 -17.63 -41.48 -39.27
CA ILE A 336 -16.89 -40.26 -38.97
C ILE A 336 -17.86 -39.35 -38.21
N PRO A 337 -17.55 -38.95 -36.96
CA PRO A 337 -18.37 -37.94 -36.28
C PRO A 337 -18.46 -36.67 -37.13
N LEU A 338 -19.70 -36.14 -37.23
CA LEU A 338 -20.00 -34.85 -37.80
C LEU A 338 -20.49 -33.90 -36.70
N GLU A 339 -19.87 -32.71 -36.61
CA GLU A 339 -20.26 -31.69 -35.65
C GLU A 339 -20.30 -30.35 -36.35
N LEU A 340 -21.48 -29.70 -36.31
CA LEU A 340 -21.66 -28.41 -36.97
C LEU A 340 -22.20 -27.37 -36.00
N TYR A 341 -21.88 -26.11 -36.27
CA TYR A 341 -22.47 -24.97 -35.56
C TYR A 341 -22.97 -23.98 -36.61
N ASN A 342 -24.29 -24.01 -36.86
CA ASN A 342 -24.91 -23.27 -37.95
C ASN A 342 -25.57 -22.00 -37.44
N ASP A 343 -25.49 -20.91 -38.21
CA ASP A 343 -26.30 -19.76 -37.88
C ASP A 343 -27.68 -19.98 -38.46
N LYS A 344 -28.60 -19.04 -38.24
CA LYS A 344 -30.03 -19.26 -38.49
C LYS A 344 -30.36 -19.25 -40.00
N ASP A 345 -29.37 -18.92 -40.85
CA ASP A 345 -29.56 -18.84 -42.30
C ASP A 345 -29.29 -20.17 -43.02
N VAL A 346 -28.58 -21.10 -42.35
CA VAL A 346 -28.28 -22.41 -42.91
C VAL A 346 -29.49 -23.29 -42.73
N LYS A 347 -30.06 -23.75 -43.85
CA LYS A 347 -31.24 -24.61 -43.82
C LYS A 347 -30.93 -25.98 -44.39
N LYS A 348 -29.74 -26.16 -44.99
CA LYS A 348 -29.35 -27.45 -45.54
C LYS A 348 -27.83 -27.55 -45.58
N VAL A 349 -27.32 -28.73 -45.25
CA VAL A 349 -25.91 -29.03 -45.38
C VAL A 349 -25.71 -30.31 -46.19
N VAL A 350 -24.84 -30.17 -47.21
CA VAL A 350 -24.45 -31.31 -48.03
C VAL A 350 -22.95 -31.54 -47.93
N VAL A 351 -22.56 -32.83 -47.94
CA VAL A 351 -21.16 -33.24 -48.05
C VAL A 351 -20.99 -34.14 -49.27
N LYS A 352 -19.98 -33.80 -50.07
CA LYS A 352 -19.72 -34.52 -51.30
C LYS A 352 -18.29 -35.04 -51.31
N PHE A 353 -18.10 -36.20 -51.93
CA PHE A 353 -16.79 -36.71 -52.25
C PHE A 353 -16.78 -37.01 -53.74
N ARG A 354 -15.84 -36.43 -54.48
CA ARG A 354 -15.72 -36.70 -55.90
C ARG A 354 -17.07 -36.48 -56.58
N ASP A 355 -17.75 -35.39 -56.18
CA ASP A 355 -18.91 -34.88 -56.88
C ASP A 355 -20.13 -35.74 -56.59
N LYS A 356 -20.04 -36.64 -55.59
CA LYS A 356 -21.15 -37.50 -55.17
C LYS A 356 -21.58 -37.16 -53.73
N VAL A 357 -22.89 -37.04 -53.55
CA VAL A 357 -23.49 -36.77 -52.25
C VAL A 357 -23.25 -37.98 -51.37
N ILE A 358 -22.62 -37.74 -50.20
CA ILE A 358 -22.51 -38.75 -49.15
C ILE A 358 -23.30 -38.35 -47.91
N TYR A 359 -23.63 -37.07 -47.80
CA TYR A 359 -24.42 -36.56 -46.65
C TYR A 359 -25.31 -35.41 -47.08
N SER A 360 -26.60 -35.47 -46.73
CA SER A 360 -27.55 -34.36 -46.99
C SER A 360 -28.47 -34.26 -45.78
N LYS A 361 -28.73 -33.05 -45.30
CA LYS A 361 -29.64 -32.89 -44.15
C LYS A 361 -30.26 -31.49 -44.05
N ASN A 362 -31.59 -31.43 -44.03
CA ASN A 362 -32.33 -30.21 -43.73
C ASN A 362 -32.13 -29.85 -42.27
N ILE A 363 -31.66 -28.63 -42.03
CA ILE A 363 -31.47 -28.03 -40.72
C ILE A 363 -32.73 -27.26 -40.35
N THR A 364 -33.39 -27.63 -39.25
CA THR A 364 -34.59 -26.91 -38.84
C THR A 364 -34.29 -25.95 -37.69
N SER A 365 -33.18 -26.18 -36.97
CA SER A 365 -32.77 -25.30 -35.89
C SER A 365 -31.28 -25.02 -35.93
N GLU A 366 -30.99 -23.77 -35.56
CA GLU A 366 -29.66 -23.23 -35.57
C GLU A 366 -28.87 -23.81 -34.41
N GLY A 367 -27.58 -23.45 -34.35
CA GLY A 367 -26.73 -23.90 -33.26
C GLY A 367 -26.03 -25.23 -33.57
N TYR A 368 -25.69 -25.93 -32.48
CA TYR A 368 -24.93 -27.16 -32.57
C TYR A 368 -25.81 -28.25 -33.18
N MET A 369 -25.19 -29.10 -34.02
CA MET A 369 -25.75 -30.42 -34.32
C MET A 369 -24.63 -31.46 -34.49
N ALA A 370 -24.91 -32.69 -34.05
CA ALA A 370 -24.06 -33.85 -34.26
C ALA A 370 -24.78 -34.88 -35.13
N ASP A 371 -24.01 -35.66 -35.90
CA ASP A 371 -24.51 -36.76 -36.69
C ASP A 371 -23.29 -37.61 -37.04
N GLU A 372 -23.40 -38.53 -38.01
CA GLU A 372 -22.19 -39.22 -38.49
C GLU A 372 -22.16 -39.29 -40.03
N LEU A 373 -20.95 -39.19 -40.60
CA LEU A 373 -20.71 -39.41 -42.02
C LEU A 373 -20.35 -40.88 -42.21
N THR A 374 -20.82 -41.47 -43.30
CA THR A 374 -20.36 -42.76 -43.75
C THR A 374 -19.47 -42.54 -44.96
N ILE A 375 -18.24 -43.02 -44.88
CA ILE A 375 -17.29 -42.96 -45.97
C ILE A 375 -16.91 -44.39 -46.35
N ASP A 376 -16.38 -44.56 -47.55
CA ASP A 376 -15.99 -45.91 -47.95
C ASP A 376 -14.58 -45.91 -48.56
N PRO A 377 -13.50 -45.66 -47.76
CA PRO A 377 -12.13 -45.63 -48.28
C PRO A 377 -11.58 -46.99 -48.77
N VAL A 378 -10.85 -46.95 -49.90
CA VAL A 378 -10.10 -48.08 -50.43
C VAL A 378 -8.64 -47.96 -50.00
N GLY A 379 -8.18 -48.95 -49.22
CA GLY A 379 -6.87 -48.97 -48.62
C GLY A 379 -6.70 -47.74 -47.74
N ILE A 380 -5.58 -47.03 -47.94
CA ILE A 380 -5.38 -45.71 -47.32
C ILE A 380 -5.72 -44.68 -48.37
N GLU A 381 -6.74 -43.84 -48.07
CA GLU A 381 -7.36 -42.95 -49.05
C GLU A 381 -7.38 -41.55 -48.50
N ASP A 382 -6.68 -40.65 -49.18
CA ASP A 382 -6.83 -39.22 -48.95
C ASP A 382 -8.16 -38.74 -49.57
N MET A 383 -8.89 -37.91 -48.84
CA MET A 383 -10.24 -37.56 -49.26
C MET A 383 -10.47 -36.08 -48.99
N GLU A 384 -10.75 -35.28 -50.03
CA GLU A 384 -11.23 -33.92 -49.83
C GLU A 384 -12.76 -33.91 -49.68
N LEU A 385 -13.24 -33.73 -48.42
CA LEU A 385 -14.68 -33.68 -48.12
C LEU A 385 -15.20 -32.27 -48.37
N ALA A 386 -16.07 -32.17 -49.39
CA ALA A 386 -16.61 -30.90 -49.85
C ALA A 386 -17.98 -30.62 -49.17
N PHE A 387 -17.97 -29.68 -48.20
CA PHE A 387 -19.17 -29.23 -47.48
C PHE A 387 -19.79 -28.06 -48.23
N GLU A 388 -21.12 -28.05 -48.25
CA GLU A 388 -21.93 -27.01 -48.89
C GLU A 388 -23.05 -26.64 -47.92
N PHE A 389 -23.13 -25.34 -47.59
CA PHE A 389 -24.20 -24.79 -46.76
C PHE A 389 -25.13 -23.96 -47.64
N TYR A 390 -26.43 -24.22 -47.49
CA TYR A 390 -27.45 -23.58 -48.32
C TYR A 390 -28.41 -22.78 -47.43
N ASP A 391 -29.03 -21.76 -48.02
CA ASP A 391 -30.00 -20.92 -47.30
C ASP A 391 -31.41 -21.35 -47.70
N SER A 392 -32.42 -20.59 -47.28
CA SER A 392 -33.81 -21.02 -47.39
C SER A 392 -34.29 -21.05 -48.84
N ASP A 393 -33.54 -20.44 -49.75
CA ASP A 393 -33.84 -20.52 -51.19
C ASP A 393 -33.04 -21.62 -51.90
N ASN A 394 -32.34 -22.49 -51.16
CA ASN A 394 -31.59 -23.59 -51.74
C ASN A 394 -30.41 -23.05 -52.55
N LYS A 395 -29.81 -21.94 -52.11
CA LYS A 395 -28.61 -21.38 -52.71
C LYS A 395 -27.39 -21.48 -51.77
N ILE A 396 -26.26 -21.95 -52.31
CA ILE A 396 -25.08 -22.19 -51.53
C ILE A 396 -24.54 -20.84 -51.01
N ILE A 397 -24.31 -20.73 -49.69
CA ILE A 397 -23.79 -19.52 -49.08
C ILE A 397 -22.39 -19.75 -48.51
N LYS A 398 -21.99 -21.03 -48.35
CA LYS A 398 -20.60 -21.33 -47.98
C LYS A 398 -20.14 -22.69 -48.51
N ASN A 399 -18.88 -22.72 -48.99
CA ASN A 399 -18.15 -23.94 -49.32
C ASN A 399 -16.95 -24.06 -48.40
N GLU A 400 -16.67 -25.30 -47.96
CA GLU A 400 -15.49 -25.55 -47.17
C GLU A 400 -15.12 -27.00 -47.33
N SER A 401 -13.82 -27.19 -47.59
CA SER A 401 -13.24 -28.51 -47.69
C SER A 401 -12.75 -28.88 -46.31
N ILE A 402 -12.83 -30.18 -45.99
CA ILE A 402 -12.14 -30.83 -44.89
C ILE A 402 -11.37 -32.03 -45.48
N ASN A 403 -10.05 -32.01 -45.34
CA ASN A 403 -9.22 -33.05 -45.91
C ASN A 403 -8.91 -34.12 -44.86
N ILE A 404 -9.22 -35.39 -45.17
CA ILE A 404 -8.95 -36.44 -44.21
C ILE A 404 -8.10 -37.50 -44.88
N LEU A 405 -7.41 -38.30 -44.05
CA LEU A 405 -6.74 -39.52 -44.50
C LEU A 405 -7.45 -40.70 -43.86
N ALA A 406 -8.02 -41.63 -44.66
CA ALA A 406 -8.96 -42.60 -44.12
C ALA A 406 -8.64 -44.03 -44.56
N SER A 407 -8.96 -44.99 -43.68
CA SER A 407 -8.89 -46.41 -43.98
C SER A 407 -9.89 -47.12 -43.09
N LYS A 408 -10.37 -48.28 -43.53
CA LYS A 408 -11.22 -49.12 -42.70
C LYS A 408 -10.39 -49.88 -41.67
N THR A 409 -9.05 -49.83 -41.78
CA THR A 409 -8.18 -50.63 -40.94
C THR A 409 -7.00 -49.78 -40.47
N ALA A 410 -6.64 -49.95 -39.20
CA ALA A 410 -5.41 -49.41 -38.61
C ALA A 410 -4.25 -49.47 -39.61
N PHE A 411 -3.41 -48.43 -39.63
CA PHE A 411 -2.28 -48.38 -40.57
C PHE A 411 -1.12 -47.56 -39.99
N GLU A 412 0.05 -47.72 -40.60
CA GLU A 412 1.28 -47.10 -40.14
C GLU A 412 1.40 -45.71 -40.71
N LEU A 413 1.71 -44.74 -39.86
CA LEU A 413 2.19 -43.44 -40.30
C LEU A 413 3.71 -43.36 -40.19
N PRO A 414 4.39 -42.50 -40.96
CA PRO A 414 5.79 -42.21 -40.68
C PRO A 414 5.81 -41.40 -39.38
N GLU A 415 6.88 -41.56 -38.61
CA GLU A 415 6.96 -41.09 -37.25
C GLU A 415 8.26 -40.33 -37.03
N LEU A 416 8.16 -39.16 -36.37
CA LEU A 416 9.31 -38.36 -36.02
C LEU A 416 9.38 -38.25 -34.50
N THR A 417 10.50 -38.72 -33.92
CA THR A 417 10.79 -38.50 -32.51
C THR A 417 12.12 -37.76 -32.32
N ILE A 418 12.23 -37.01 -31.22
CA ILE A 418 13.49 -36.36 -30.90
C ILE A 418 13.94 -36.83 -29.53
N GLU A 419 15.27 -36.84 -29.34
CA GLU A 419 15.91 -36.98 -28.05
C GLU A 419 16.70 -35.69 -27.83
N VAL A 420 16.49 -35.05 -26.67
CA VAL A 420 17.08 -33.76 -26.37
C VAL A 420 18.04 -33.89 -25.19
N THR A 421 19.18 -33.17 -25.30
CA THR A 421 20.21 -33.09 -24.26
C THR A 421 20.50 -31.61 -23.94
N PRO A 422 20.62 -31.17 -22.68
CA PRO A 422 20.09 -31.90 -21.51
C PRO A 422 18.62 -32.25 -21.70
N GLU A 423 18.30 -33.48 -21.28
CA GLU A 423 16.97 -34.05 -21.39
C GLU A 423 15.99 -33.39 -20.43
N LYS A 424 16.43 -33.03 -19.21
CA LYS A 424 15.50 -32.69 -18.14
C LYS A 424 15.88 -31.43 -17.35
N ASP A 425 17.15 -31.04 -17.37
CA ASP A 425 17.63 -29.93 -16.56
C ASP A 425 18.72 -29.18 -17.31
N LEU A 426 18.38 -27.97 -17.76
CA LEU A 426 19.30 -27.12 -18.51
C LEU A 426 20.57 -26.80 -17.71
N ASN A 427 20.55 -26.92 -16.38
CA ASN A 427 21.75 -26.61 -15.61
C ASN A 427 22.87 -27.61 -15.85
N GLU A 428 22.55 -28.75 -16.49
CA GLU A 428 23.49 -29.84 -16.59
C GLU A 428 24.50 -29.60 -17.72
N GLY A 429 24.37 -28.50 -18.50
CA GLY A 429 25.39 -28.13 -19.47
C GLY A 429 25.10 -26.82 -20.19
N LYS A 430 26.10 -26.30 -20.92
CA LYS A 430 25.98 -25.00 -21.55
C LYS A 430 25.53 -25.17 -23.00
N ILE A 431 25.59 -26.42 -23.48
CA ILE A 431 25.31 -26.70 -24.87
C ILE A 431 24.22 -27.74 -24.96
N ALA A 432 23.31 -27.54 -25.93
CA ALA A 432 22.24 -28.49 -26.14
C ALA A 432 22.40 -29.27 -27.44
N SER A 433 21.72 -30.43 -27.51
CA SER A 433 21.53 -31.10 -28.79
C SER A 433 20.09 -31.58 -28.97
N ILE A 434 19.66 -31.63 -30.25
CA ILE A 434 18.43 -32.31 -30.65
C ILE A 434 18.79 -33.37 -31.69
N LYS A 435 18.64 -34.64 -31.31
CA LYS A 435 18.76 -35.77 -32.23
C LYS A 435 17.38 -36.15 -32.77
N THR A 436 17.18 -36.00 -34.09
CA THR A 436 15.89 -36.32 -34.71
C THR A 436 15.99 -37.70 -35.36
N LYS A 437 14.87 -38.44 -35.32
CA LYS A 437 14.76 -39.75 -35.93
C LYS A 437 13.41 -39.83 -36.64
N ILE A 438 13.47 -40.06 -37.96
CA ILE A 438 12.30 -40.23 -38.79
C ILE A 438 12.23 -41.67 -39.24
N GLU A 439 11.16 -42.35 -38.78
CA GLU A 439 10.77 -43.65 -39.29
C GLU A 439 9.87 -43.40 -40.49
N THR A 440 10.40 -43.72 -41.67
CA THR A 440 9.68 -43.50 -42.89
C THR A 440 8.68 -44.63 -43.10
N SER A 441 7.87 -44.38 -44.12
CA SER A 441 6.81 -45.19 -44.61
C SER A 441 6.71 -44.87 -46.10
N GLU A 442 6.86 -45.90 -46.93
CA GLU A 442 6.72 -45.73 -48.36
C GLU A 442 5.26 -45.38 -48.64
N ASN A 443 5.03 -44.67 -49.76
CA ASN A 443 3.74 -44.12 -50.09
C ASN A 443 3.55 -42.78 -49.38
N PHE A 444 4.37 -42.48 -48.36
CA PHE A 444 4.37 -41.16 -47.74
C PHE A 444 5.67 -40.42 -48.13
N THR A 445 5.53 -39.29 -48.83
CA THR A 445 6.67 -38.50 -49.27
C THR A 445 6.99 -37.41 -48.25
N LEU A 446 8.26 -37.39 -47.86
CA LEU A 446 8.79 -36.30 -47.07
C LEU A 446 9.10 -35.14 -48.01
N LEU A 447 8.69 -33.93 -47.63
CA LEU A 447 8.76 -32.75 -48.48
C LEU A 447 9.71 -31.74 -47.85
N ASP A 448 10.72 -31.32 -48.63
CA ASP A 448 11.55 -30.19 -48.28
C ASP A 448 12.38 -30.53 -47.05
N ASP A 449 12.57 -29.55 -46.19
CA ASP A 449 13.59 -29.59 -45.17
C ASP A 449 12.97 -29.94 -43.83
N LEU A 450 13.71 -30.78 -43.11
CA LEU A 450 13.51 -30.92 -41.67
C LEU A 450 13.77 -29.57 -41.00
N LYS A 451 12.84 -29.14 -40.13
CA LYS A 451 13.05 -27.91 -39.37
C LYS A 451 13.26 -28.24 -37.88
N ILE A 452 14.20 -27.52 -37.24
CA ILE A 452 14.57 -27.71 -35.85
C ILE A 452 14.36 -26.38 -35.12
N SER A 453 13.81 -26.39 -33.91
CA SER A 453 13.61 -25.19 -33.12
C SER A 453 14.06 -25.45 -31.70
N TYR A 454 14.87 -24.54 -31.15
CA TYR A 454 15.26 -24.55 -29.75
C TYR A 454 14.82 -23.21 -29.15
N ASN A 455 13.52 -23.09 -28.80
CA ASN A 455 12.96 -21.80 -28.46
C ASN A 455 13.24 -21.54 -26.99
N THR A 456 14.22 -20.65 -26.73
CA THR A 456 14.74 -20.45 -25.39
C THR A 456 13.90 -19.42 -24.60
N HIS A 457 12.87 -18.85 -25.24
CA HIS A 457 11.82 -18.09 -24.57
C HIS A 457 12.31 -16.78 -23.95
N LEU A 458 13.26 -16.12 -24.62
CA LEU A 458 13.81 -14.87 -24.14
C LEU A 458 12.90 -13.76 -24.65
N GLY A 459 11.98 -13.30 -23.80
CA GLY A 459 10.96 -12.39 -24.25
C GLY A 459 10.20 -13.01 -25.42
N TRP A 460 10.08 -12.24 -26.51
CA TRP A 460 9.39 -12.70 -27.71
C TRP A 460 10.32 -13.41 -28.70
N ALA A 461 11.63 -13.41 -28.45
CA ALA A 461 12.58 -13.92 -29.43
C ALA A 461 12.43 -15.45 -29.57
N ILE A 462 12.54 -15.95 -30.80
CA ILE A 462 12.24 -17.35 -31.14
C ILE A 462 13.37 -18.29 -30.77
N GLY A 463 14.60 -17.79 -30.64
CA GLY A 463 15.79 -18.62 -30.47
C GLY A 463 16.25 -19.13 -31.82
N SER A 464 17.23 -20.03 -31.79
CA SER A 464 17.77 -20.69 -32.96
C SER A 464 16.78 -21.63 -33.66
N GLN A 465 16.89 -21.66 -34.99
CA GLN A 465 16.26 -22.65 -35.84
C GLN A 465 17.29 -23.25 -36.79
N ALA A 466 16.90 -24.30 -37.50
CA ALA A 466 17.79 -24.83 -38.51
C ALA A 466 16.94 -25.57 -39.51
N SER A 467 17.33 -25.49 -40.78
CA SER A 467 16.76 -26.27 -41.86
C SER A 467 17.78 -27.32 -42.24
N VAL A 468 17.40 -28.60 -42.27
CA VAL A 468 18.32 -29.66 -42.65
C VAL A 468 17.73 -30.40 -43.84
N SER A 469 18.53 -30.44 -44.93
CA SER A 469 18.24 -31.27 -46.09
C SER A 469 18.37 -32.73 -45.70
N ILE A 470 17.40 -33.53 -46.14
CA ILE A 470 17.47 -34.98 -46.00
C ILE A 470 17.48 -35.67 -47.36
N SER A 471 17.73 -34.94 -48.46
CA SER A 471 17.85 -35.52 -49.80
C SER A 471 18.73 -36.76 -49.83
N ASP A 472 19.92 -36.65 -49.25
CA ASP A 472 20.94 -37.68 -49.25
C ASP A 472 20.50 -38.96 -48.49
N GLN A 473 19.29 -39.00 -47.93
CA GLN A 473 18.89 -40.06 -47.01
C GLN A 473 17.47 -40.58 -47.29
N LEU A 474 16.84 -40.13 -48.39
CA LEU A 474 15.39 -40.33 -48.58
C LEU A 474 15.02 -41.81 -48.70
N ASP A 475 15.96 -42.63 -49.22
CA ASP A 475 15.75 -44.04 -49.46
C ASP A 475 15.98 -44.90 -48.21
N LYS A 476 16.39 -44.31 -47.07
CA LYS A 476 16.59 -45.09 -45.85
C LYS A 476 15.28 -45.26 -45.09
N LYS A 477 15.17 -46.36 -44.34
CA LYS A 477 14.03 -46.61 -43.48
C LYS A 477 14.03 -45.63 -42.30
N ILE A 478 15.23 -45.42 -41.73
CA ILE A 478 15.39 -44.54 -40.57
C ILE A 478 16.30 -43.39 -40.97
N ILE A 479 15.80 -42.17 -40.82
CA ILE A 479 16.54 -40.99 -41.20
C ILE A 479 16.87 -40.20 -39.94
N THR A 480 18.14 -39.81 -39.76
CA THR A 480 18.59 -39.16 -38.54
C THR A 480 19.18 -37.78 -38.83
N SER A 481 19.25 -36.96 -37.79
CA SER A 481 19.95 -35.69 -37.84
C SER A 481 20.31 -35.34 -36.41
N GLU A 482 21.39 -34.60 -36.23
CA GLU A 482 21.81 -34.13 -34.92
C GLU A 482 22.16 -32.64 -35.01
N ASN A 483 21.51 -31.77 -34.24
CA ASN A 483 21.76 -30.34 -34.35
C ASN A 483 22.06 -29.78 -32.97
N PHE A 484 23.01 -28.86 -32.86
CA PHE A 484 23.51 -28.36 -31.56
C PHE A 484 23.14 -26.88 -31.37
N PHE A 485 22.88 -26.49 -30.12
CA PHE A 485 22.48 -25.13 -29.78
C PHE A 485 23.13 -24.71 -28.47
N ASN A 486 23.67 -23.47 -28.45
CA ASN A 486 24.22 -22.92 -27.20
C ASN A 486 23.06 -22.57 -26.31
N ILE A 487 23.16 -22.87 -25.01
CA ILE A 487 22.06 -22.56 -24.08
C ILE A 487 22.37 -21.23 -23.42
N PRO A 488 21.52 -20.20 -23.57
CA PRO A 488 21.73 -18.93 -22.84
C PRO A 488 21.57 -19.17 -21.34
N ASP A 489 22.41 -18.51 -20.54
CA ASP A 489 22.38 -18.60 -19.08
C ASP A 489 21.02 -18.16 -18.51
N ASN A 490 20.32 -17.26 -19.24
CA ASN A 490 19.07 -16.73 -18.78
C ASN A 490 17.89 -17.44 -19.47
N CYS A 491 18.16 -18.61 -20.04
CA CYS A 491 17.07 -19.49 -20.47
C CYS A 491 16.61 -20.22 -19.22
N TRP A 492 15.31 -20.04 -18.87
CA TRP A 492 14.74 -20.72 -17.74
C TRP A 492 13.94 -21.93 -18.24
N VAL A 493 13.41 -21.82 -19.47
CA VAL A 493 12.66 -22.92 -20.06
C VAL A 493 12.92 -22.90 -21.56
N VAL A 494 12.90 -24.10 -22.17
CA VAL A 494 13.02 -24.22 -23.62
C VAL A 494 11.97 -25.19 -24.15
N ASN A 495 11.43 -24.84 -25.31
CA ASN A 495 10.65 -25.74 -26.14
C ASN A 495 11.54 -26.17 -27.28
N ALA A 496 12.02 -27.41 -27.22
CA ALA A 496 12.81 -28.00 -28.28
C ALA A 496 11.91 -28.85 -29.16
N SER A 497 11.88 -28.55 -30.48
CA SER A 497 11.00 -29.26 -31.39
C SER A 497 11.64 -29.49 -32.76
N ALA A 498 11.02 -30.40 -33.52
CA ALA A 498 11.46 -30.69 -34.87
C ALA A 498 10.28 -31.23 -35.67
N GLY A 499 10.33 -31.04 -36.97
CA GLY A 499 9.20 -31.46 -37.77
C GLY A 499 9.48 -31.36 -39.25
N ILE A 500 8.76 -32.15 -40.03
CA ILE A 500 8.89 -32.14 -41.47
C ILE A 500 7.50 -32.30 -42.08
N SER A 501 7.33 -31.77 -43.29
CA SER A 501 6.11 -31.92 -44.07
C SER A 501 6.10 -33.27 -44.79
N VAL A 502 4.91 -33.89 -44.78
CA VAL A 502 4.69 -35.22 -45.38
C VAL A 502 3.48 -35.14 -46.33
N ARG A 503 3.43 -35.99 -47.34
CA ARG A 503 2.32 -35.97 -48.32
C ARG A 503 1.81 -37.38 -48.64
N TYR A 504 0.50 -37.54 -48.75
CA TYR A 504 -0.14 -38.81 -49.19
C TYR A 504 -1.20 -38.37 -50.16
N GLY A 505 -0.97 -38.58 -51.45
CA GLY A 505 -1.88 -38.04 -52.46
C GLY A 505 -1.91 -36.52 -52.32
N LYS A 506 -3.08 -35.94 -52.03
CA LYS A 506 -3.22 -34.50 -51.90
C LYS A 506 -3.24 -34.08 -50.43
N PHE A 507 -3.24 -35.05 -49.51
CA PHE A 507 -3.18 -34.81 -48.09
C PHE A 507 -1.74 -34.50 -47.63
N THR A 508 -1.52 -33.25 -47.18
CA THR A 508 -0.23 -32.80 -46.64
C THR A 508 -0.39 -32.47 -45.15
N PHE A 509 0.63 -32.82 -44.36
CA PHE A 509 0.58 -32.67 -42.92
C PHE A 509 2.01 -32.62 -42.40
N LYS A 510 2.16 -32.51 -41.10
CA LYS A 510 3.49 -32.49 -40.52
C LYS A 510 3.59 -33.59 -39.46
N ILE A 511 4.82 -34.13 -39.34
CA ILE A 511 5.19 -35.01 -38.27
C ILE A 511 6.28 -34.29 -37.50
N HIS A 512 6.34 -34.51 -36.19
CA HIS A 512 7.00 -33.56 -35.31
C HIS A 512 7.04 -34.17 -33.91
N ASP A 513 7.89 -33.61 -33.05
CA ASP A 513 7.97 -33.96 -31.64
C ASP A 513 8.45 -32.72 -30.88
N GLN A 514 8.27 -32.76 -29.57
CA GLN A 514 8.34 -31.56 -28.78
C GLN A 514 8.77 -31.92 -27.36
N LYS A 515 9.74 -31.15 -26.86
CA LYS A 515 10.16 -31.28 -25.47
C LYS A 515 10.18 -29.88 -24.84
N ILE A 516 9.60 -29.81 -23.64
CA ILE A 516 9.62 -28.62 -22.84
C ILE A 516 10.53 -28.91 -21.66
N ILE A 517 11.60 -28.12 -21.52
CA ILE A 517 12.63 -28.48 -20.58
C ILE A 517 13.01 -27.26 -19.77
N TYR A 518 13.06 -27.46 -18.45
CA TYR A 518 13.28 -26.36 -17.51
C TYR A 518 14.70 -26.33 -16.97
N ARG A 519 15.13 -25.12 -16.65
CA ARG A 519 16.46 -24.98 -16.01
C ARG A 519 16.34 -25.65 -14.64
N GLY A 520 15.95 -24.93 -13.62
CA GLY A 520 15.97 -25.64 -12.33
C GLY A 520 14.64 -26.15 -11.87
N ASP A 521 14.31 -25.87 -10.62
CA ASP A 521 12.99 -26.23 -10.07
C ASP A 521 12.21 -24.93 -9.93
N TRP A 522 12.45 -23.97 -10.81
CA TRP A 522 11.82 -22.66 -10.65
C TRP A 522 10.32 -22.78 -10.95
N ALA A 523 9.97 -23.74 -11.80
CA ALA A 523 8.63 -23.88 -12.33
C ALA A 523 7.91 -25.04 -11.66
N LYS A 524 8.38 -25.44 -10.47
CA LYS A 524 7.65 -26.42 -9.67
C LYS A 524 6.17 -26.04 -9.57
N GLU A 525 5.87 -24.75 -9.30
CA GLU A 525 4.46 -24.36 -9.12
C GLU A 525 3.81 -24.06 -10.48
N VAL A 526 4.42 -23.21 -11.30
CA VAL A 526 3.73 -22.64 -12.46
C VAL A 526 3.77 -23.58 -13.68
N GLY A 527 4.77 -24.46 -13.75
CA GLY A 527 4.94 -25.33 -14.92
C GLY A 527 3.86 -26.41 -14.93
N ARG A 528 3.48 -26.86 -16.13
CA ARG A 528 2.46 -27.89 -16.32
C ARG A 528 2.90 -29.20 -15.68
N LYS A 529 2.00 -29.80 -14.89
CA LYS A 529 2.25 -31.14 -14.38
C LYS A 529 1.44 -32.12 -15.21
N LEU A 530 2.08 -33.22 -15.60
CA LEU A 530 1.45 -34.22 -16.46
C LEU A 530 0.81 -35.32 -15.58
N LYS B 4 0.80 13.58 4.18
CA LYS B 4 2.26 13.79 4.03
C LYS B 4 2.79 13.08 2.77
N THR B 5 3.81 13.64 2.15
CA THR B 5 4.41 13.06 0.92
C THR B 5 5.05 11.73 1.20
N LYS B 6 4.74 10.71 0.40
CA LYS B 6 5.37 9.41 0.49
C LYS B 6 6.61 9.42 -0.40
N ILE B 7 7.79 9.25 0.23
CA ILE B 7 9.03 9.19 -0.51
C ILE B 7 9.41 7.73 -0.65
N GLU B 8 9.70 7.28 -1.87
CA GLU B 8 10.12 5.91 -2.06
C GLU B 8 11.37 5.83 -2.95
N LEU B 9 12.36 5.07 -2.48
CA LEU B 9 13.61 4.89 -3.20
C LEU B 9 13.61 3.53 -3.90
N LYS B 10 13.72 3.52 -5.23
CA LYS B 10 13.53 2.30 -5.99
C LYS B 10 14.04 2.54 -7.41
N ASP B 11 14.67 1.50 -7.96
CA ASP B 11 15.26 1.50 -9.28
C ASP B 11 16.24 2.65 -9.37
N ASN B 12 16.85 2.99 -8.23
CA ASN B 12 17.79 4.10 -8.12
C ASN B 12 17.17 5.43 -8.51
N TRP B 13 15.88 5.62 -8.20
CA TRP B 13 15.19 6.90 -8.34
C TRP B 13 14.47 7.26 -7.06
N TYR B 14 14.36 8.57 -6.83
CA TYR B 14 13.40 9.04 -5.85
C TYR B 14 12.02 8.96 -6.50
N HIS B 15 11.07 8.44 -5.74
CA HIS B 15 9.66 8.58 -6.07
C HIS B 15 9.01 9.50 -5.03
N LEU B 16 8.23 10.47 -5.49
CA LEU B 16 7.33 11.24 -4.65
C LEU B 16 5.92 10.87 -5.07
N ASP B 17 5.18 10.27 -4.14
CA ASP B 17 3.77 9.97 -4.32
C ASP B 17 3.62 9.09 -5.56
N GLY B 18 4.51 8.10 -5.70
CA GLY B 18 4.41 7.11 -6.78
C GLY B 18 5.11 7.50 -8.09
N GLU B 19 5.58 8.75 -8.21
CA GLU B 19 6.09 9.26 -9.47
C GLU B 19 7.61 9.43 -9.37
N LYS B 20 8.35 8.85 -10.30
CA LYS B 20 9.76 9.15 -10.40
C LYS B 20 9.94 10.66 -10.41
N TYR B 21 10.92 11.17 -9.62
CA TYR B 21 11.08 12.59 -9.42
C TYR B 21 12.57 12.96 -9.50
N PHE B 22 12.95 13.65 -10.59
CA PHE B 22 14.31 14.13 -10.78
C PHE B 22 14.49 15.42 -9.98
N ILE B 23 15.42 15.40 -9.03
CA ILE B 23 15.65 16.55 -8.19
C ILE B 23 16.46 17.61 -8.95
N LYS B 24 15.79 18.72 -9.31
CA LYS B 24 16.41 19.86 -9.94
C LYS B 24 16.67 20.95 -8.91
N ALA B 25 17.71 20.75 -8.11
CA ALA B 25 18.00 21.66 -7.01
C ALA B 25 19.02 22.69 -7.42
N ILE B 26 19.19 23.65 -6.50
CA ILE B 26 20.30 24.59 -6.49
C ILE B 26 20.70 24.76 -5.03
N GLY B 27 22.01 24.82 -4.78
CA GLY B 27 22.50 25.18 -3.46
C GLY B 27 22.04 26.59 -3.11
N TYR B 28 21.68 26.84 -1.87
CA TYR B 28 21.10 28.12 -1.50
C TYR B 28 21.50 28.42 -0.07
N GLU B 29 22.18 29.56 0.15
CA GLU B 29 22.65 29.94 1.48
C GLU B 29 22.10 31.33 1.84
N ILE B 30 21.05 31.35 2.67
CA ILE B 30 20.58 32.59 3.29
C ILE B 30 21.66 33.10 4.23
N GLY B 31 21.72 34.42 4.40
CA GLY B 31 22.50 35.03 5.46
C GLY B 31 23.96 35.20 5.09
N ALA B 32 24.18 35.30 3.78
CA ALA B 32 25.55 35.40 3.22
C ALA B 32 25.58 36.51 2.17
N ARG B 33 24.87 37.59 2.41
CA ARG B 33 24.93 38.76 1.50
C ARG B 33 26.22 39.52 1.83
N PRO B 34 26.67 40.47 0.98
CA PRO B 34 27.83 41.26 1.35
C PRO B 34 27.66 41.87 2.75
N GLY B 35 28.68 41.80 3.60
CA GLY B 35 28.61 42.28 4.98
C GLY B 35 28.17 41.20 6.00
N GLN B 36 27.81 39.99 5.53
CA GLN B 36 27.23 38.99 6.39
C GLN B 36 28.09 37.72 6.33
N ALA B 37 28.13 37.01 7.45
CA ALA B 37 28.75 35.71 7.57
C ALA B 37 27.79 34.81 8.35
N PRO B 38 27.18 33.81 7.72
CA PRO B 38 26.11 33.07 8.38
C PRO B 38 26.53 32.32 9.64
N TYR B 39 27.82 31.96 9.78
CA TYR B 39 28.28 31.15 10.90
C TYR B 39 28.78 32.01 12.06
N GLU B 40 29.01 33.32 11.86
CA GLU B 40 29.54 34.17 12.93
C GLU B 40 28.49 35.15 13.41
N ASP B 41 27.62 35.57 12.49
CA ASP B 41 26.57 36.54 12.72
C ASP B 41 25.53 35.99 13.71
N GLU B 42 24.96 36.90 14.53
CA GLU B 42 23.73 36.60 15.24
C GLU B 42 22.74 36.02 14.24
N ARG B 43 22.05 34.93 14.60
CA ARG B 43 21.26 34.20 13.62
C ARG B 43 19.93 34.94 13.42
N LYS B 44 19.59 35.21 12.16
CA LYS B 44 18.34 35.88 11.81
C LYS B 44 17.58 35.06 10.74
N ASP B 45 16.24 35.17 10.79
CA ASP B 45 15.34 34.43 9.90
C ASP B 45 15.45 34.96 8.47
N GLU B 46 15.42 36.29 8.27
CA GLU B 46 15.66 36.90 6.98
C GLU B 46 14.54 36.58 5.97
N LEU B 47 13.29 36.69 6.41
CA LEU B 47 12.17 36.16 5.66
C LEU B 47 11.99 36.95 4.38
N GLU B 48 12.22 38.26 4.43
CA GLU B 48 11.96 39.12 3.27
C GLU B 48 12.92 38.76 2.15
N LEU B 49 14.21 38.59 2.48
CA LEU B 49 15.20 38.22 1.49
C LEU B 49 14.96 36.78 1.02
N MET B 50 14.47 35.93 1.92
CA MET B 50 14.19 34.55 1.52
C MET B 50 13.07 34.46 0.49
N LYS B 51 12.03 35.30 0.65
CA LYS B 51 10.93 35.37 -0.31
C LYS B 51 11.43 35.75 -1.69
N PHE B 52 12.27 36.78 -1.74
CA PHE B 52 12.87 37.23 -2.99
C PHE B 52 13.64 36.08 -3.63
N ASP B 53 14.52 35.45 -2.83
CA ASP B 53 15.39 34.36 -3.28
C ASP B 53 14.58 33.18 -3.79
N LEU B 54 13.58 32.74 -3.02
CA LEU B 54 12.81 31.55 -3.39
C LEU B 54 11.98 31.82 -4.64
N GLU B 55 11.37 33.00 -4.76
CA GLU B 55 10.74 33.40 -6.01
C GLU B 55 11.73 33.36 -7.17
N ASN B 56 12.98 33.85 -7.01
CA ASN B 56 13.91 33.82 -8.12
C ASN B 56 14.21 32.38 -8.52
N ILE B 57 14.37 31.52 -7.51
CA ILE B 57 14.84 30.16 -7.72
C ILE B 57 13.76 29.36 -8.46
N LYS B 58 12.48 29.70 -8.21
CA LYS B 58 11.37 29.11 -8.93
C LYS B 58 11.38 29.55 -10.40
N GLU B 59 11.62 30.87 -10.64
CA GLU B 59 11.68 31.45 -11.98
C GLU B 59 12.86 30.88 -12.78
N GLY B 60 13.94 30.50 -12.10
CA GLY B 60 15.10 29.90 -12.75
C GLY B 60 14.95 28.40 -13.03
N GLY B 61 13.78 27.79 -12.69
CA GLY B 61 13.39 26.47 -13.17
C GLY B 61 13.69 25.31 -12.20
N TYR B 62 14.05 25.62 -10.93
CA TYR B 62 14.39 24.64 -9.90
C TYR B 62 13.12 24.15 -9.20
N ASN B 63 13.15 22.90 -8.70
CA ASN B 63 12.06 22.36 -7.92
C ASN B 63 12.51 22.16 -6.47
N THR B 64 13.82 22.33 -6.21
CA THR B 64 14.43 22.03 -4.92
C THR B 64 15.53 23.05 -4.60
N ILE B 65 15.72 23.33 -3.29
CA ILE B 65 16.93 24.00 -2.83
C ILE B 65 17.73 23.04 -1.97
N ARG B 66 19.06 23.26 -1.92
CA ARG B 66 19.93 22.48 -1.05
C ARG B 66 20.67 23.41 -0.09
N THR B 67 20.76 23.03 1.20
CA THR B 67 21.35 23.93 2.17
C THR B 67 22.43 23.22 3.00
N TRP B 68 23.14 24.02 3.83
CA TRP B 68 24.27 23.56 4.64
C TRP B 68 23.96 23.61 6.14
N SER B 69 23.04 24.48 6.58
CA SER B 69 22.63 24.48 7.98
C SER B 69 21.12 24.65 8.12
N GLN B 70 20.66 24.15 9.25
CA GLN B 70 19.26 23.91 9.51
C GLN B 70 18.52 25.23 9.56
N TYR B 71 17.33 25.26 8.99
CA TYR B 71 16.41 26.38 9.11
C TYR B 71 15.62 26.33 10.42
N SER B 72 15.25 27.53 10.88
CA SER B 72 14.25 27.67 11.94
C SER B 72 12.87 27.26 11.41
N GLU B 73 11.94 27.05 12.32
CA GLU B 73 10.60 26.72 11.90
C GLU B 73 10.05 27.81 10.96
N ASN B 74 10.25 29.08 11.33
CA ASN B 74 9.73 30.19 10.53
C ASN B 74 10.27 30.09 9.12
N GLN B 75 11.57 29.76 9.00
CA GLN B 75 12.15 29.66 7.68
C GLN B 75 11.55 28.46 6.94
N LEU B 76 11.37 27.32 7.62
CA LEU B 76 10.69 26.15 7.04
C LEU B 76 9.28 26.49 6.58
N LYS B 77 8.54 27.33 7.32
CA LYS B 77 7.18 27.66 6.91
C LYS B 77 7.20 28.27 5.51
N LEU B 78 8.19 29.13 5.28
CA LEU B 78 8.29 29.86 4.03
C LEU B 78 8.58 28.91 2.88
N VAL B 79 9.56 28.02 3.10
CA VAL B 79 9.96 27.03 2.11
C VAL B 79 8.75 26.14 1.80
N GLN B 80 8.07 25.64 2.83
CA GLN B 80 6.89 24.82 2.64
C GLN B 80 5.89 25.52 1.70
N GLU B 81 5.65 26.82 1.93
CA GLU B 81 4.58 27.56 1.24
C GLU B 81 5.00 27.85 -0.21
N SER B 82 6.31 27.93 -0.46
CA SER B 82 6.87 28.26 -1.75
C SER B 82 6.58 27.21 -2.83
N GLY B 83 6.41 25.92 -2.41
CA GLY B 83 6.25 24.78 -3.30
C GLY B 83 7.58 24.04 -3.53
N LEU B 84 8.72 24.72 -3.28
CA LEU B 84 10.04 24.13 -3.47
C LEU B 84 10.26 23.00 -2.48
N LYS B 85 10.98 21.94 -2.91
CA LYS B 85 11.42 20.92 -2.01
C LYS B 85 12.72 21.39 -1.39
N LEU B 86 13.15 20.68 -0.33
CA LEU B 86 14.32 21.04 0.45
C LEU B 86 15.17 19.81 0.74
N ILE B 87 16.46 19.88 0.35
CA ILE B 87 17.49 19.01 0.89
C ILE B 87 18.20 19.81 1.98
N MET B 88 18.00 19.47 3.25
CA MET B 88 18.44 20.30 4.36
C MET B 88 19.73 19.76 4.97
N GLY B 89 20.76 20.60 5.01
CA GLY B 89 22.02 20.24 5.65
C GLY B 89 21.98 20.58 7.13
N ILE B 90 22.57 19.69 7.94
CA ILE B 90 22.73 19.90 9.36
C ILE B 90 24.15 20.34 9.61
N ASP B 91 24.33 21.25 10.56
CA ASP B 91 25.60 21.88 10.83
C ASP B 91 26.40 21.09 11.88
N ILE B 92 26.70 19.83 11.59
CA ILE B 92 27.56 19.07 12.47
C ILE B 92 28.98 19.50 12.11
N LYS B 93 29.65 20.21 13.03
CA LYS B 93 30.96 20.80 12.78
C LYS B 93 31.96 19.74 12.31
N PRO B 94 32.47 19.79 11.06
CA PRO B 94 33.39 18.76 10.55
C PRO B 94 34.75 18.53 11.20
N GLU B 95 35.28 19.54 11.91
CA GLU B 95 36.64 19.47 12.47
C GLU B 95 36.58 18.99 13.92
N GLU B 96 35.37 18.71 14.43
CA GLU B 96 35.22 18.28 15.81
C GLU B 96 35.58 16.80 15.94
N ASP B 97 35.86 16.39 17.18
CA ASP B 97 36.22 15.03 17.47
C ASP B 97 34.92 14.20 17.52
N TYR B 98 34.70 13.43 16.46
CA TYR B 98 33.49 12.65 16.29
C TYR B 98 33.35 11.63 17.40
N GLY B 99 34.49 11.22 17.98
CA GLY B 99 34.52 10.18 18.98
C GLY B 99 34.41 10.74 20.39
N ASP B 100 34.42 12.07 20.54
CA ASP B 100 34.22 12.72 21.84
C ASP B 100 32.74 12.62 22.22
N PRO B 101 32.40 11.91 23.32
CA PRO B 101 31.00 11.67 23.67
C PRO B 101 30.17 12.90 23.97
N GLU B 102 30.81 14.00 24.42
CA GLU B 102 30.13 15.27 24.66
C GLU B 102 29.71 15.86 23.32
N PHE B 103 30.58 15.77 22.33
CA PHE B 103 30.26 16.21 20.97
C PHE B 103 29.08 15.40 20.40
N VAL B 104 29.06 14.07 20.59
CA VAL B 104 27.96 13.25 20.11
C VAL B 104 26.66 13.74 20.76
N LYS B 105 26.66 13.79 22.10
CA LYS B 105 25.54 14.32 22.87
C LYS B 105 25.06 15.66 22.33
N ASP B 106 25.93 16.68 22.17
CA ASP B 106 25.48 18.00 21.75
C ASP B 106 24.90 17.91 20.36
N SER B 107 25.51 17.07 19.52
CA SER B 107 25.05 16.90 18.15
C SER B 107 23.64 16.32 18.14
N GLU B 108 23.36 15.38 19.07
CA GLU B 108 22.09 14.66 19.14
C GLU B 108 20.96 15.58 19.63
N ILE B 109 21.30 16.43 20.61
CA ILE B 109 20.37 17.37 21.22
C ILE B 109 19.92 18.39 20.19
N GLU B 110 20.88 18.81 19.35
CA GLU B 110 20.65 19.83 18.35
C GLU B 110 19.81 19.22 17.22
N LEU B 111 20.17 18.03 16.75
CA LEU B 111 19.39 17.38 15.70
C LEU B 111 17.97 17.09 16.20
N LYS B 112 17.81 16.64 17.44
CA LYS B 112 16.49 16.35 17.94
C LYS B 112 15.61 17.60 17.96
N ARG B 113 16.18 18.74 18.42
CA ARG B 113 15.46 19.99 18.53
C ARG B 113 14.93 20.43 17.16
N VAL B 114 15.76 20.27 16.12
CA VAL B 114 15.37 20.57 14.75
C VAL B 114 14.23 19.63 14.33
N LEU B 115 14.47 18.31 14.48
CA LEU B 115 13.52 17.33 14.00
C LEU B 115 12.16 17.60 14.62
N ASN B 116 12.17 18.08 15.86
CA ASN B 116 10.95 18.22 16.62
C ASN B 116 9.91 19.07 15.86
N TYR B 117 10.34 20.10 15.09
CA TYR B 117 9.44 20.91 14.28
C TYR B 117 9.61 20.57 12.78
N ALA B 118 10.83 20.21 12.35
CA ALA B 118 11.07 19.90 10.95
C ALA B 118 10.16 18.77 10.45
N LYS B 119 9.89 17.75 11.28
CA LYS B 119 9.12 16.60 10.81
C LYS B 119 7.69 17.00 10.40
N LYS B 120 7.25 18.25 10.61
CA LYS B 120 5.93 18.65 10.16
C LYS B 120 5.96 19.20 8.73
N TYR B 121 7.16 19.35 8.16
CA TYR B 121 7.26 20.03 6.87
C TYR B 121 7.73 19.01 5.84
N ASP B 122 6.79 18.54 5.02
CA ASP B 122 7.12 17.52 4.03
C ASP B 122 7.81 18.09 2.79
N CYS B 123 8.04 19.41 2.74
CA CYS B 123 8.92 19.93 1.69
C CYS B 123 10.34 19.40 1.88
N ILE B 124 10.67 18.88 3.06
CA ILE B 124 11.97 18.27 3.26
C ILE B 124 11.95 16.86 2.67
N ILE B 125 12.83 16.60 1.69
CA ILE B 125 12.93 15.33 1.00
C ILE B 125 14.30 14.65 1.17
N THR B 126 15.30 15.32 1.76
CA THR B 126 16.51 14.64 2.20
C THR B 126 17.18 15.48 3.28
N TYR B 127 17.86 14.79 4.18
CA TYR B 127 18.74 15.41 5.16
C TYR B 127 20.18 15.07 4.84
N LEU B 128 21.07 16.07 4.96
CA LEU B 128 22.50 15.86 4.81
C LEU B 128 23.15 16.01 6.19
N VAL B 129 23.67 14.91 6.72
CA VAL B 129 23.93 14.82 8.13
C VAL B 129 25.34 15.35 8.47
N ILE B 130 26.23 15.48 7.48
CA ILE B 130 27.48 16.19 7.71
C ILE B 130 28.00 16.72 6.37
N ASN B 131 28.81 17.78 6.50
CA ASN B 131 29.45 18.44 5.38
C ASN B 131 30.99 18.29 5.43
N GLU B 132 31.51 17.39 4.61
CA GLU B 132 32.89 17.45 4.15
C GLU B 132 33.92 16.99 5.19
N PRO B 133 33.81 15.77 5.74
CA PRO B 133 34.85 15.23 6.58
C PRO B 133 36.09 14.96 5.73
N GLN B 134 37.19 15.59 6.16
CA GLN B 134 38.50 15.48 5.54
C GLN B 134 39.15 14.16 5.91
N THR B 135 39.81 13.54 4.94
CA THR B 135 40.49 12.27 5.15
C THR B 135 41.40 12.29 6.38
N ASP B 136 42.29 13.28 6.48
CA ASP B 136 43.27 13.27 7.56
C ASP B 136 42.59 13.39 8.92
N HIS B 137 41.48 14.16 8.96
CA HIS B 137 40.71 14.36 10.16
C HIS B 137 40.10 13.02 10.62
N ILE B 138 39.45 12.31 9.70
CA ILE B 138 38.84 11.02 10.01
C ILE B 138 39.88 10.02 10.53
N HIS B 139 41.07 10.00 9.88
CA HIS B 139 42.17 9.15 10.32
C HIS B 139 42.52 9.47 11.77
N SER B 140 42.57 10.76 12.11
CA SER B 140 43.02 11.19 13.43
C SER B 140 42.03 10.82 14.55
N VAL B 141 40.72 10.97 14.27
CA VAL B 141 39.69 10.68 15.26
C VAL B 141 39.19 9.24 15.15
N THR B 142 39.52 8.56 14.03
CA THR B 142 39.31 7.13 13.74
C THR B 142 38.06 6.98 12.87
N GLY B 143 38.17 6.07 11.88
CA GLY B 143 37.06 5.69 11.03
C GLY B 143 35.90 5.18 11.88
N LYS B 144 36.22 4.42 12.94
CA LYS B 144 35.19 3.91 13.83
C LYS B 144 34.34 5.07 14.39
N ALA B 145 34.98 6.14 14.90
CA ALA B 145 34.21 7.19 15.53
C ALA B 145 33.31 7.88 14.50
N PHE B 146 33.83 8.02 13.28
CA PHE B 146 33.09 8.62 12.20
C PHE B 146 31.87 7.77 11.86
N VAL B 147 32.08 6.47 11.64
CA VAL B 147 30.97 5.58 11.29
C VAL B 147 29.89 5.57 12.38
N ASP B 148 30.33 5.44 13.64
CA ASP B 148 29.45 5.36 14.80
C ASP B 148 28.60 6.63 14.87
N LEU B 149 29.25 7.77 14.62
CA LEU B 149 28.56 9.04 14.64
C LEU B 149 27.51 9.07 13.53
N MET B 150 27.89 8.65 12.34
CA MET B 150 26.99 8.67 11.22
C MET B 150 25.76 7.81 11.55
N ASN B 151 25.98 6.57 12.00
CA ASN B 151 24.87 5.66 12.25
C ASN B 151 23.93 6.22 13.33
N THR B 152 24.49 6.92 14.33
CA THR B 152 23.72 7.44 15.43
C THR B 152 22.73 8.49 14.92
N LEU B 153 23.22 9.37 14.03
CA LEU B 153 22.48 10.51 13.58
C LEU B 153 21.42 10.08 12.55
N ILE B 154 21.83 9.20 11.62
CA ILE B 154 20.91 8.56 10.67
C ILE B 154 19.73 7.94 11.42
N ASN B 155 20.03 7.20 12.49
CA ASN B 155 18.99 6.55 13.25
C ASN B 155 18.05 7.60 13.88
N ILE B 156 18.59 8.71 14.40
CA ILE B 156 17.77 9.72 15.04
C ILE B 156 16.83 10.32 14.00
N ILE B 157 17.31 10.49 12.75
CA ILE B 157 16.47 11.09 11.73
C ILE B 157 15.38 10.12 11.28
N HIS B 158 15.71 8.84 11.14
CA HIS B 158 14.74 7.87 10.69
C HIS B 158 13.60 7.73 11.70
N LYS B 159 13.89 7.92 13.00
CA LYS B 159 12.85 7.81 14.01
C LYS B 159 12.10 9.12 14.20
N GLY B 160 12.82 10.25 14.09
CA GLY B 160 12.31 11.57 14.42
C GLY B 160 11.55 12.19 13.25
N HIS B 161 12.05 11.98 12.03
CA HIS B 161 11.36 12.40 10.82
C HIS B 161 11.25 11.19 9.89
N PRO B 162 10.29 10.29 10.12
CA PRO B 162 10.21 9.03 9.37
C PRO B 162 10.06 9.21 7.86
N GLY B 163 10.79 8.40 7.08
CA GLY B 163 10.51 8.27 5.66
C GLY B 163 11.37 9.21 4.82
N ILE B 164 12.22 10.04 5.46
CA ILE B 164 13.01 11.02 4.73
C ILE B 164 14.43 10.50 4.53
N PRO B 165 14.87 10.27 3.27
CA PRO B 165 16.23 9.78 3.00
C PRO B 165 17.30 10.64 3.66
N VAL B 166 18.32 9.97 4.18
CA VAL B 166 19.49 10.62 4.75
C VAL B 166 20.74 10.26 3.95
N THR B 167 21.64 11.24 3.73
CA THR B 167 22.96 11.02 3.13
C THR B 167 23.85 12.14 3.65
N LEU B 168 24.95 12.46 2.93
CA LEU B 168 25.93 13.44 3.40
C LEU B 168 26.51 14.26 2.23
N SER B 169 27.23 15.33 2.58
CA SER B 169 27.97 16.15 1.62
C SER B 169 29.45 15.73 1.62
N ALA B 170 29.87 15.01 0.59
CA ALA B 170 31.20 14.41 0.56
C ALA B 170 31.81 14.61 -0.83
N ASN B 171 32.95 15.32 -0.89
CA ASN B 171 33.62 15.63 -2.14
C ASN B 171 34.22 14.37 -2.77
N ALA B 172 33.94 14.16 -4.06
CA ALA B 172 34.31 12.93 -4.75
C ALA B 172 35.83 12.84 -4.88
N MET B 173 36.54 13.98 -4.86
CA MET B 173 37.98 13.95 -5.05
C MET B 173 38.72 13.46 -3.80
N ILE B 174 38.12 13.56 -2.61
CA ILE B 174 38.79 13.19 -1.37
C ILE B 174 38.09 12.07 -0.61
N SER B 175 36.81 11.80 -0.92
CA SER B 175 36.04 10.79 -0.21
C SER B 175 35.55 9.66 -1.13
N ASP B 176 36.17 9.57 -2.32
CA ASP B 176 36.13 8.40 -3.18
C ASP B 176 36.27 7.07 -2.42
N TYR B 177 37.15 6.99 -1.42
CA TYR B 177 37.38 5.72 -0.73
C TYR B 177 36.24 5.31 0.23
N MET B 178 35.34 6.24 0.58
CA MET B 178 34.45 6.08 1.72
C MET B 178 33.29 5.13 1.37
N ASP B 179 32.92 4.31 2.37
CA ASP B 179 31.72 3.51 2.38
C ASP B 179 30.49 4.37 2.68
N GLU B 180 29.61 4.50 1.68
CA GLU B 180 28.37 5.25 1.80
C GLU B 180 27.16 4.30 1.95
N SER B 181 27.41 3.03 2.17
CA SER B 181 26.34 2.06 2.17
C SER B 181 25.50 2.22 3.43
N ILE B 182 25.95 3.01 4.41
CA ILE B 182 25.18 3.25 5.63
C ILE B 182 24.10 4.30 5.40
N PHE B 183 24.19 5.07 4.30
CA PHE B 183 23.23 6.11 4.01
C PHE B 183 22.10 5.61 3.08
N ASP B 184 21.06 6.41 2.95
CA ASP B 184 19.93 5.97 2.18
C ASP B 184 20.17 6.25 0.70
N VAL B 185 21.03 7.22 0.40
CA VAL B 185 21.29 7.56 -0.99
C VAL B 185 22.77 7.95 -1.11
N TYR B 186 23.33 7.64 -2.28
CA TYR B 186 24.73 7.90 -2.57
C TYR B 186 24.84 9.34 -3.02
N ALA B 187 25.88 10.04 -2.57
CA ALA B 187 26.02 11.45 -2.90
C ALA B 187 27.49 11.84 -2.92
N TYR B 188 27.82 12.75 -3.84
CA TYR B 188 29.11 13.44 -3.85
C TYR B 188 28.96 14.92 -4.25
N ASN B 189 29.91 15.75 -3.76
CA ASN B 189 30.33 17.00 -4.38
C ASN B 189 31.29 16.71 -5.53
N CYS B 190 30.93 17.14 -6.74
CA CYS B 190 31.54 16.65 -7.96
C CYS B 190 32.08 17.85 -8.74
N TYR B 191 33.42 18.02 -8.85
CA TYR B 191 33.97 19.13 -9.60
C TYR B 191 34.84 18.57 -10.72
N ASP B 192 34.81 19.25 -11.88
CA ASP B 192 35.54 18.85 -13.08
C ASP B 192 36.59 19.92 -13.35
N HIS B 193 37.79 19.70 -12.80
CA HIS B 193 38.91 20.60 -13.01
C HIS B 193 40.01 19.92 -13.82
N ASN B 194 39.73 18.72 -14.34
CA ASN B 194 40.61 18.05 -15.29
C ASN B 194 42.02 17.89 -14.69
N GLU B 195 42.06 17.20 -13.56
CA GLU B 195 43.27 16.95 -12.81
C GLU B 195 42.97 15.73 -11.94
N GLY B 196 44.03 14.95 -11.66
CA GLY B 196 43.93 13.72 -10.90
C GLY B 196 42.94 12.78 -11.54
N GLN B 197 42.00 12.31 -10.73
CA GLN B 197 40.97 11.39 -11.16
C GLN B 197 40.21 11.92 -12.38
N THR B 198 39.99 13.25 -12.49
CA THR B 198 39.11 13.77 -13.54
C THR B 198 39.91 14.01 -14.82
N ALA B 199 41.26 14.05 -14.73
CA ALA B 199 42.14 14.07 -15.90
C ALA B 199 42.32 12.65 -16.47
N THR B 200 42.41 11.64 -15.59
CA THR B 200 42.67 10.27 -16.03
C THR B 200 41.37 9.62 -16.53
N MET B 201 40.30 9.61 -15.73
CA MET B 201 39.09 8.89 -16.12
C MET B 201 38.08 9.78 -16.83
N GLY B 202 38.28 11.12 -16.76
CA GLY B 202 37.30 12.07 -17.25
C GLY B 202 36.19 12.17 -16.21
N PHE B 203 35.32 13.17 -16.35
CA PHE B 203 34.44 13.54 -15.26
C PHE B 203 33.30 12.54 -15.18
N LYS B 204 32.60 12.29 -16.28
CA LYS B 204 31.57 11.26 -16.31
C LYS B 204 32.08 9.94 -15.73
N ASP B 205 33.09 9.39 -16.39
CA ASP B 205 33.56 8.07 -16.03
C ASP B 205 34.12 8.02 -14.60
N TYR B 206 34.75 9.09 -14.10
CA TYR B 206 35.19 9.03 -12.72
C TYR B 206 34.01 8.84 -11.74
N ILE B 207 32.96 9.65 -11.87
CA ILE B 207 31.82 9.63 -10.97
C ILE B 207 30.98 8.39 -11.19
N LYS B 208 30.87 7.96 -12.46
CA LYS B 208 30.18 6.73 -12.76
C LYS B 208 30.91 5.57 -12.12
N GLY B 209 32.26 5.61 -12.12
CA GLY B 209 33.05 4.53 -11.53
C GLY B 209 32.74 4.39 -10.03
N LEU B 210 32.64 5.51 -9.31
CA LEU B 210 32.29 5.49 -7.89
C LEU B 210 30.89 4.93 -7.64
N ASN B 211 29.92 5.30 -8.48
CA ASN B 211 28.60 4.69 -8.45
C ASN B 211 28.65 3.17 -8.68
N GLU B 212 29.49 2.68 -9.60
CA GLU B 212 29.61 1.23 -9.80
C GLU B 212 30.18 0.57 -8.56
N LEU B 213 31.23 1.13 -7.98
CA LEU B 213 31.84 0.52 -6.79
C LEU B 213 30.85 0.59 -5.61
N ASN B 214 30.07 1.69 -5.53
CA ASN B 214 29.04 1.86 -4.51
C ASN B 214 27.98 0.74 -4.59
N GLY B 215 27.75 0.16 -5.79
CA GLY B 215 26.96 -1.06 -5.97
C GLY B 215 25.63 -0.87 -6.72
N LEU B 216 25.37 0.34 -7.26
CA LEU B 216 24.22 0.61 -8.13
C LEU B 216 22.91 0.17 -7.49
N ASP B 217 22.79 0.29 -6.17
CA ASP B 217 21.67 -0.26 -5.41
C ASP B 217 20.90 0.84 -4.68
N LYS B 218 21.21 2.13 -4.92
CA LYS B 218 20.49 3.25 -4.31
C LYS B 218 20.52 4.43 -5.27
N PRO B 219 19.59 5.41 -5.15
CA PRO B 219 19.66 6.63 -5.94
C PRO B 219 21.01 7.29 -5.72
N PHE B 220 21.53 7.96 -6.74
CA PHE B 220 22.75 8.76 -6.62
C PHE B 220 22.38 10.20 -6.94
N ILE B 221 22.80 11.15 -6.07
CA ILE B 221 22.63 12.57 -6.38
C ILE B 221 23.98 13.27 -6.26
N THR B 222 24.04 14.47 -6.87
CA THR B 222 25.14 15.42 -6.69
C THR B 222 24.64 16.55 -5.79
N THR B 223 25.48 16.97 -4.83
CA THR B 223 25.17 17.97 -3.82
C THR B 223 25.97 19.25 -4.06
N ALA B 224 26.78 19.28 -5.13
CA ALA B 224 27.51 20.46 -5.58
C ALA B 224 28.30 20.15 -6.85
N PHE B 225 28.42 21.15 -7.72
CA PHE B 225 29.24 21.16 -8.93
C PHE B 225 29.20 22.58 -9.49
N GLY B 226 30.25 22.98 -10.20
CA GLY B 226 30.24 24.31 -10.80
C GLY B 226 31.61 24.97 -10.77
N TYR B 227 31.62 26.28 -11.08
CA TYR B 227 32.79 27.06 -11.41
C TYR B 227 32.69 28.47 -10.82
N SER B 228 33.89 28.98 -10.48
CA SER B 228 34.11 30.27 -9.85
C SER B 228 34.56 31.27 -10.91
N VAL B 229 34.00 32.50 -10.85
CA VAL B 229 34.37 33.51 -11.82
C VAL B 229 35.21 34.60 -11.15
N SER B 230 36.05 34.20 -10.20
CA SER B 230 36.92 35.13 -9.51
C SER B 230 37.80 35.87 -10.52
N PRO B 231 38.11 37.16 -10.31
CA PRO B 231 39.06 37.89 -11.16
C PRO B 231 40.40 37.21 -11.34
N GLU B 232 40.86 36.56 -10.27
CA GLU B 232 42.11 35.80 -10.26
C GLU B 232 42.11 34.85 -9.06
N GLY B 233 43.26 34.17 -8.88
CA GLY B 233 43.47 33.21 -7.82
C GLY B 233 43.03 31.80 -8.21
N GLY B 234 43.31 30.86 -7.31
CA GLY B 234 43.03 29.45 -7.56
C GLY B 234 44.10 28.79 -8.41
N ASN B 235 43.78 27.64 -8.99
CA ASN B 235 44.72 26.96 -9.90
C ASN B 235 43.89 26.35 -11.04
N GLY B 236 44.27 26.62 -12.27
CA GLY B 236 43.59 26.05 -13.42
C GLY B 236 42.12 26.41 -13.47
N GLN B 237 41.28 25.41 -13.69
CA GLN B 237 39.86 25.66 -13.76
C GLN B 237 39.24 25.95 -12.39
N TYR B 238 40.00 25.82 -11.28
CA TYR B 238 39.54 26.23 -9.96
C TYR B 238 39.84 27.70 -9.74
N GLY B 239 38.79 28.52 -9.76
CA GLY B 239 38.90 29.96 -9.79
C GLY B 239 39.09 30.46 -11.22
N SER B 240 38.97 31.79 -11.38
CA SER B 240 39.51 32.53 -12.52
C SER B 240 38.79 32.22 -13.84
N ASN B 241 37.56 31.69 -13.80
CA ASN B 241 36.80 31.42 -15.03
C ASN B 241 36.16 32.71 -15.56
N THR B 242 35.96 32.79 -16.88
CA THR B 242 35.10 33.79 -17.47
C THR B 242 33.66 33.40 -17.17
N LEU B 243 32.74 34.35 -17.37
CA LEU B 243 31.31 34.07 -17.24
C LEU B 243 30.88 33.01 -18.24
N LYS B 244 31.44 33.09 -19.47
CA LYS B 244 31.08 32.12 -20.49
C LYS B 244 31.55 30.72 -20.10
N GLN B 245 32.76 30.65 -19.52
CA GLN B 245 33.32 29.38 -19.07
C GLN B 245 32.49 28.84 -17.91
N GLN B 246 32.04 29.73 -17.00
CA GLN B 246 31.20 29.29 -15.92
C GLN B 246 29.94 28.66 -16.51
N SER B 247 29.32 29.36 -17.45
CA SER B 247 28.05 28.92 -18.02
C SER B 247 28.25 27.65 -18.85
N ASP B 248 29.25 27.60 -19.75
CA ASP B 248 29.51 26.39 -20.52
C ASP B 248 29.82 25.20 -19.62
N GLY B 249 30.58 25.47 -18.55
CA GLY B 249 30.96 24.46 -17.60
C GLY B 249 29.78 23.84 -16.86
N LEU B 250 28.87 24.66 -16.31
CA LEU B 250 27.70 24.11 -15.62
C LEU B 250 26.95 23.14 -16.53
N ILE B 251 26.80 23.50 -17.81
CA ILE B 251 26.01 22.71 -18.74
C ILE B 251 26.75 21.42 -19.11
N SER B 252 28.08 21.49 -19.20
CA SER B 252 28.88 20.32 -19.48
C SER B 252 28.83 19.37 -18.27
N ASN B 253 28.90 19.95 -17.06
CA ASN B 253 28.82 19.17 -15.83
C ASN B 253 27.46 18.47 -15.70
N TYR B 254 26.35 19.16 -16.02
CA TYR B 254 25.01 18.61 -15.77
C TYR B 254 24.78 17.34 -16.63
N ARG B 255 25.24 17.41 -17.88
CA ARG B 255 25.17 16.31 -18.83
C ARG B 255 26.01 15.13 -18.32
N ASP B 256 27.28 15.42 -18.04
CA ASP B 256 28.23 14.41 -17.58
C ASP B 256 27.70 13.71 -16.33
N LEU B 257 27.16 14.47 -15.37
CA LEU B 257 26.77 13.91 -14.10
C LEU B 257 25.53 13.03 -14.22
N ILE B 258 24.58 13.38 -15.08
CA ILE B 258 23.47 12.48 -15.36
C ILE B 258 23.97 11.21 -16.06
N ASP B 259 24.93 11.39 -16.96
CA ASP B 259 25.56 10.27 -17.66
C ASP B 259 26.26 9.35 -16.67
N ALA B 260 26.59 9.83 -15.46
CA ALA B 260 27.14 8.98 -14.40
C ALA B 260 26.06 8.28 -13.57
N GLY B 261 24.78 8.47 -13.87
CA GLY B 261 23.70 7.81 -13.14
C GLY B 261 22.96 8.70 -12.15
N ALA B 262 23.26 10.00 -12.08
CA ALA B 262 22.60 10.88 -11.09
C ALA B 262 21.13 11.11 -11.44
N VAL B 263 20.26 11.12 -10.40
CA VAL B 263 18.83 11.38 -10.55
C VAL B 263 18.39 12.55 -9.66
N GLY B 264 19.41 13.30 -9.22
CA GLY B 264 19.24 14.49 -8.43
C GLY B 264 20.51 15.34 -8.54
N MET B 265 20.30 16.66 -8.71
CA MET B 265 21.39 17.54 -9.07
C MET B 265 21.29 18.82 -8.25
N CYS B 266 22.41 19.14 -7.59
CA CYS B 266 22.52 20.34 -6.79
C CYS B 266 23.64 21.22 -7.34
N PRO B 267 23.49 21.85 -8.51
CA PRO B 267 24.47 22.85 -8.96
C PRO B 267 24.82 23.87 -7.86
N PHE B 268 26.10 24.27 -7.86
CA PHE B 268 26.62 25.18 -6.88
C PHE B 268 26.98 26.51 -7.56
N TYR B 269 26.28 27.61 -7.23
CA TYR B 269 25.11 27.72 -6.37
C TYR B 269 24.46 29.10 -6.58
N TYR B 270 23.41 29.43 -5.82
CA TYR B 270 22.59 30.61 -6.04
C TYR B 270 23.35 31.92 -6.18
N ALA B 271 24.07 32.34 -5.12
CA ALA B 271 24.65 33.67 -5.04
C ALA B 271 26.01 33.67 -4.34
N ASP B 272 26.88 34.59 -4.77
CA ASP B 272 28.16 34.82 -4.11
C ASP B 272 28.04 35.03 -2.60
N GLY B 273 29.00 34.45 -1.87
CA GLY B 273 29.17 34.72 -0.46
C GLY B 273 30.55 35.31 -0.16
N TRP B 274 30.62 36.61 0.09
CA TRP B 274 31.87 37.31 0.28
C TRP B 274 32.61 36.80 1.52
N TRP B 275 31.89 36.16 2.46
CA TRP B 275 32.49 35.71 3.71
C TRP B 275 33.44 34.55 3.44
N LYS B 276 33.24 33.84 2.35
CA LYS B 276 33.84 32.52 2.18
C LYS B 276 35.37 32.56 2.19
N GLY B 277 35.99 33.65 1.73
CA GLY B 277 37.44 33.70 1.80
C GLY B 277 37.96 34.58 2.92
N GLY B 278 37.13 34.81 3.96
CA GLY B 278 37.44 35.78 5.02
C GLY B 278 37.09 37.21 4.59
N GLU B 279 36.90 38.09 5.59
CA GLU B 279 36.44 39.46 5.38
C GLU B 279 35.13 39.50 4.60
N LYS B 280 34.02 39.31 5.32
CA LYS B 280 32.69 39.38 4.75
C LYS B 280 32.32 40.72 4.08
N SER B 281 33.01 41.82 4.39
CA SER B 281 32.66 43.15 3.90
C SER B 281 33.47 43.48 2.65
N ASP B 282 34.27 42.53 2.19
CA ASP B 282 35.16 42.72 1.05
C ASP B 282 34.98 41.59 0.04
N HIS B 283 35.00 41.97 -1.24
CA HIS B 283 34.92 41.00 -2.33
C HIS B 283 36.32 40.81 -2.89
N SER B 284 37.05 39.87 -2.30
CA SER B 284 38.46 39.69 -2.62
C SER B 284 38.61 39.27 -4.08
N LEU B 285 39.55 39.93 -4.77
CA LEU B 285 39.82 39.66 -6.18
C LEU B 285 40.39 38.26 -6.40
N ASN B 286 41.01 37.67 -5.35
CA ASN B 286 41.76 36.43 -5.56
C ASN B 286 41.22 35.28 -4.68
N GLN B 287 39.96 35.35 -4.25
CA GLN B 287 39.36 34.25 -3.51
C GLN B 287 38.30 33.58 -4.35
N PRO B 288 38.68 32.46 -5.01
CA PRO B 288 37.73 31.67 -5.80
C PRO B 288 36.39 31.44 -5.13
N GLU B 289 36.46 31.21 -3.83
CA GLU B 289 35.31 30.78 -3.02
C GLU B 289 34.22 31.84 -2.97
N GLU B 290 34.60 33.11 -3.24
CA GLU B 290 33.71 34.25 -3.15
C GLU B 290 33.00 34.55 -4.48
N TRP B 291 33.24 33.76 -5.52
CA TRP B 291 32.73 34.06 -6.85
C TRP B 291 32.10 32.82 -7.48
N PHE B 292 31.34 32.03 -6.73
CA PHE B 292 30.76 30.82 -7.29
C PHE B 292 29.30 30.98 -7.69
N GLY B 293 28.71 32.12 -7.32
CA GLY B 293 27.26 32.27 -7.41
C GLY B 293 26.78 32.35 -8.85
N PHE B 294 25.56 31.85 -9.11
CA PHE B 294 24.82 32.17 -10.31
C PHE B 294 24.37 33.65 -10.29
N TRP B 295 24.27 34.24 -9.10
CA TRP B 295 23.94 35.66 -8.95
C TRP B 295 25.14 36.37 -8.35
N GLY B 296 25.34 37.64 -8.71
CA GLY B 296 26.42 38.42 -8.14
C GLY B 296 25.94 39.78 -7.62
N TYR B 297 26.65 40.33 -6.63
CA TYR B 297 26.27 41.59 -6.00
C TYR B 297 27.19 42.70 -6.48
N SER B 298 26.60 43.88 -6.71
CA SER B 298 27.28 44.98 -7.34
C SER B 298 28.30 45.56 -6.38
N ASP B 299 27.92 45.66 -5.10
CA ASP B 299 28.79 46.26 -4.09
C ASP B 299 28.28 45.86 -2.70
N LEU B 300 28.98 46.33 -1.66
CA LEU B 300 28.69 45.98 -0.28
C LEU B 300 27.24 46.25 0.12
N ASN B 301 26.58 47.23 -0.52
CA ASN B 301 25.24 47.65 -0.15
C ASN B 301 24.16 46.93 -0.97
N ASP B 302 24.54 46.03 -1.88
CA ASP B 302 23.55 45.37 -2.70
C ASP B 302 23.06 44.13 -1.94
N LYS B 303 21.75 44.05 -1.70
CA LYS B 303 21.19 42.92 -0.99
C LYS B 303 20.51 41.96 -1.97
N TYR B 304 20.52 42.28 -3.27
CA TYR B 304 19.64 41.63 -4.22
C TYR B 304 20.48 40.91 -5.28
N GLY B 305 21.32 41.67 -5.97
CA GLY B 305 22.21 41.12 -6.98
C GLY B 305 21.50 40.89 -8.30
N THR B 306 22.24 40.37 -9.30
CA THR B 306 21.70 40.09 -10.62
C THR B 306 22.23 38.75 -11.12
N PRO B 307 21.50 38.05 -12.02
CA PRO B 307 21.91 36.75 -12.52
C PRO B 307 23.02 36.87 -13.55
N ARG B 308 24.04 36.00 -13.44
CA ARG B 308 25.04 35.82 -14.48
C ARG B 308 24.50 34.94 -15.62
N PRO B 309 25.17 34.92 -16.81
CA PRO B 309 24.73 34.12 -17.95
C PRO B 309 24.38 32.66 -17.62
N VAL B 310 25.17 32.04 -16.74
CA VAL B 310 24.92 30.66 -16.33
C VAL B 310 23.48 30.44 -15.85
N TRP B 311 22.89 31.43 -15.16
CA TRP B 311 21.54 31.33 -14.65
C TRP B 311 20.53 30.98 -15.74
N PHE B 312 20.68 31.67 -16.88
CA PHE B 312 19.81 31.55 -18.03
C PHE B 312 20.09 30.27 -18.81
N ALA B 313 21.35 29.88 -18.96
CA ALA B 313 21.66 28.65 -19.69
C ALA B 313 21.09 27.46 -18.93
N MET B 314 21.25 27.50 -17.59
CA MET B 314 20.77 26.45 -16.70
C MET B 314 19.24 26.33 -16.74
N ARG B 315 18.55 27.47 -16.59
CA ARG B 315 17.10 27.49 -16.79
C ARG B 315 16.72 26.80 -18.10
N ASP B 316 17.35 27.19 -19.22
CA ASP B 316 16.97 26.69 -20.53
C ASP B 316 17.33 25.20 -20.63
N TYR B 317 18.43 24.82 -20.00
CA TYR B 317 18.84 23.44 -20.06
C TYR B 317 17.83 22.53 -19.37
N MET B 318 17.27 23.01 -18.27
CA MET B 318 16.47 22.18 -17.37
C MET B 318 15.07 21.93 -17.94
N LYS B 319 14.67 22.57 -19.04
CA LYS B 319 13.29 22.44 -19.46
C LYS B 319 12.98 21.00 -19.86
N GLY B 320 13.98 20.30 -20.42
CA GLY B 320 13.86 18.90 -20.76
C GLY B 320 15.21 18.17 -20.61
N LEU B 321 15.24 17.18 -19.72
CA LEU B 321 16.45 16.46 -19.42
C LEU B 321 16.40 15.09 -20.08
N ILE B 322 17.56 14.71 -20.66
CA ILE B 322 17.78 13.38 -21.17
C ILE B 322 18.62 12.63 -20.15
N ILE B 323 18.00 11.55 -19.61
CA ILE B 323 18.61 10.65 -18.65
C ILE B 323 19.12 9.42 -19.41
N SER B 324 18.33 8.92 -20.33
CA SER B 324 18.79 7.85 -21.18
C SER B 324 18.31 8.16 -22.59
N PRO B 325 19.08 7.85 -23.66
CA PRO B 325 20.45 7.32 -23.55
C PRO B 325 21.46 8.36 -23.07
N LYS B 326 22.62 7.89 -22.63
CA LYS B 326 23.67 8.70 -22.06
C LYS B 326 24.76 9.07 -23.08
N ASN B 327 25.31 10.27 -22.92
CA ASN B 327 26.36 10.72 -23.82
C ASN B 327 27.60 9.85 -23.57
N LYS B 328 28.33 9.54 -24.64
CA LYS B 328 29.44 8.58 -24.62
C LYS B 328 29.02 7.21 -24.10
N SER B 329 27.80 6.77 -24.41
CA SER B 329 27.35 5.45 -24.03
C SER B 329 27.57 4.52 -25.21
N ILE B 330 27.77 3.25 -24.86
CA ILE B 330 28.10 2.25 -25.85
C ILE B 330 26.97 1.21 -25.88
N HIS B 331 26.46 0.93 -27.07
CA HIS B 331 25.25 0.13 -27.20
C HIS B 331 25.50 -0.93 -28.23
N THR B 332 25.14 -2.17 -27.88
CA THR B 332 25.32 -3.32 -28.76
C THR B 332 23.94 -3.94 -29.03
N ASN B 333 22.94 -3.09 -29.20
CA ASN B 333 21.57 -3.49 -29.41
C ASN B 333 20.90 -2.43 -30.29
N THR B 334 19.90 -2.81 -31.10
CA THR B 334 19.15 -1.86 -31.93
C THR B 334 18.11 -1.10 -31.11
N LYS B 335 17.86 -1.53 -29.86
CA LYS B 335 16.86 -0.94 -29.00
C LYS B 335 17.51 -0.20 -27.87
N ILE B 336 17.28 1.11 -27.80
CA ILE B 336 17.96 2.00 -26.87
C ILE B 336 16.92 2.50 -25.87
N PRO B 337 17.03 2.19 -24.55
CA PRO B 337 16.14 2.80 -23.56
C PRO B 337 16.16 4.32 -23.69
N LEU B 338 14.95 4.90 -23.59
CA LEU B 338 14.79 6.35 -23.55
C LEU B 338 14.17 6.73 -22.21
N GLU B 339 14.80 7.71 -21.55
CA GLU B 339 14.32 8.24 -20.30
C GLU B 339 14.42 9.75 -20.37
N LEU B 340 13.28 10.43 -20.24
CA LEU B 340 13.25 11.90 -20.22
C LEU B 340 12.59 12.42 -18.93
N TYR B 341 12.94 13.64 -18.55
CA TYR B 341 12.24 14.30 -17.47
C TYR B 341 11.91 15.72 -17.92
N ASN B 342 10.64 15.94 -18.23
CA ASN B 342 10.19 17.10 -18.95
C ASN B 342 9.52 18.06 -17.98
N ASP B 343 9.68 19.36 -18.22
CA ASP B 343 8.92 20.37 -17.49
C ASP B 343 7.58 20.54 -18.21
N LYS B 344 6.69 21.39 -17.69
CA LYS B 344 5.32 21.41 -18.18
C LYS B 344 5.21 22.13 -19.54
N ASP B 345 6.24 22.84 -19.96
CA ASP B 345 6.21 23.50 -21.24
C ASP B 345 6.52 22.58 -22.41
N VAL B 346 7.15 21.42 -22.19
CA VAL B 346 7.48 20.51 -23.28
C VAL B 346 6.23 19.72 -23.69
N LYS B 347 5.90 19.78 -24.99
CA LYS B 347 4.76 19.07 -25.57
C LYS B 347 5.14 18.11 -26.70
N LYS B 348 6.40 18.13 -27.13
CA LYS B 348 6.88 17.20 -28.13
C LYS B 348 8.40 17.03 -28.00
N VAL B 349 8.82 15.78 -28.19
CA VAL B 349 10.24 15.48 -28.29
C VAL B 349 10.47 14.74 -29.59
N VAL B 350 11.47 15.23 -30.34
CA VAL B 350 11.90 14.58 -31.57
C VAL B 350 13.37 14.18 -31.42
N VAL B 351 13.73 13.00 -31.96
CA VAL B 351 15.11 12.59 -32.09
C VAL B 351 15.45 12.38 -33.56
N LYS B 352 16.52 13.05 -34.03
CA LYS B 352 17.01 12.88 -35.39
C LYS B 352 18.41 12.29 -35.45
N PHE B 353 18.69 11.65 -36.56
CA PHE B 353 20.00 11.16 -36.88
C PHE B 353 20.18 11.47 -38.36
N ARG B 354 21.20 12.28 -38.68
CA ARG B 354 21.47 12.70 -40.05
C ARG B 354 20.22 13.35 -40.65
N ASP B 355 19.56 14.18 -39.85
CA ASP B 355 18.46 15.01 -40.33
C ASP B 355 17.23 14.16 -40.63
N LYS B 356 17.21 12.90 -40.18
CA LYS B 356 16.05 12.04 -40.32
C LYS B 356 15.42 11.77 -38.94
N VAL B 357 14.09 11.84 -38.88
CA VAL B 357 13.36 11.53 -37.65
C VAL B 357 13.41 10.01 -37.44
N ILE B 358 13.89 9.61 -36.27
CA ILE B 358 13.87 8.22 -35.82
C ILE B 358 12.98 8.08 -34.59
N TYR B 359 12.63 9.19 -33.95
CA TYR B 359 11.68 9.14 -32.85
C TYR B 359 10.91 10.47 -32.74
N SER B 360 9.60 10.34 -32.46
CA SER B 360 8.68 11.47 -32.38
C SER B 360 7.51 11.14 -31.44
N LYS B 361 7.40 11.85 -30.32
CA LYS B 361 6.36 11.63 -29.32
C LYS B 361 5.78 12.96 -28.86
N ASN B 362 4.44 13.08 -28.87
CA ASN B 362 3.71 14.14 -28.18
C ASN B 362 3.69 13.85 -26.68
N ILE B 363 4.10 14.84 -25.85
CA ILE B 363 4.06 14.72 -24.39
C ILE B 363 2.75 15.28 -23.84
N THR B 364 1.95 14.44 -23.17
CA THR B 364 0.67 14.82 -22.56
C THR B 364 0.79 14.95 -21.03
N SER B 365 1.92 14.59 -20.48
CA SER B 365 2.11 14.44 -19.04
C SER B 365 3.53 14.89 -18.75
N GLU B 366 3.69 15.84 -17.84
CA GLU B 366 5.02 16.33 -17.52
C GLU B 366 5.75 15.31 -16.63
N GLY B 367 7.05 15.55 -16.40
CA GLY B 367 7.88 14.72 -15.53
C GLY B 367 8.47 13.50 -16.26
N TYR B 368 8.57 12.38 -15.55
CA TYR B 368 9.28 11.21 -16.07
C TYR B 368 8.50 10.61 -17.23
N MET B 369 9.20 10.24 -18.31
CA MET B 369 8.67 9.24 -19.22
C MET B 369 9.79 8.31 -19.67
N ALA B 370 9.38 7.08 -20.03
CA ALA B 370 10.29 6.06 -20.55
C ALA B 370 9.74 5.52 -21.86
N ASP B 371 10.64 5.10 -22.74
CA ASP B 371 10.27 4.62 -24.06
C ASP B 371 11.52 3.96 -24.62
N GLU B 372 11.56 3.73 -25.94
CA GLU B 372 12.79 3.25 -26.55
C GLU B 372 12.96 3.72 -28.00
N LEU B 373 14.20 4.07 -28.36
CA LEU B 373 14.60 4.38 -29.72
C LEU B 373 15.00 3.10 -30.41
N THR B 374 14.73 3.04 -31.71
CA THR B 374 15.23 2.01 -32.60
C THR B 374 16.27 2.67 -33.51
N ILE B 375 17.50 2.15 -33.52
CA ILE B 375 18.53 2.54 -34.46
C ILE B 375 18.89 1.36 -35.37
N ASP B 376 19.53 1.63 -36.51
CA ASP B 376 20.00 0.59 -37.44
C ASP B 376 21.45 0.94 -37.83
N PRO B 377 22.44 0.61 -36.99
CA PRO B 377 23.81 1.00 -37.24
C PRO B 377 24.56 0.00 -38.12
N VAL B 378 25.42 0.50 -39.00
CA VAL B 378 26.20 -0.32 -39.92
C VAL B 378 27.57 -0.56 -39.30
N GLY B 379 27.99 -1.83 -39.23
CA GLY B 379 29.20 -2.25 -38.52
C GLY B 379 29.21 -1.61 -37.14
N ILE B 380 30.29 -0.88 -36.85
CA ILE B 380 30.39 -0.08 -35.65
C ILE B 380 30.22 1.36 -36.10
N GLU B 381 29.33 2.11 -35.46
CA GLU B 381 28.92 3.39 -36.00
C GLU B 381 28.81 4.39 -34.84
N ASP B 382 29.64 5.43 -34.88
CA ASP B 382 29.42 6.59 -34.03
C ASP B 382 28.16 7.29 -34.48
N MET B 383 27.34 7.79 -33.54
CA MET B 383 26.09 8.45 -33.92
C MET B 383 25.81 9.61 -32.97
N GLU B 384 25.61 10.82 -33.53
CA GLU B 384 25.15 11.95 -32.74
C GLU B 384 23.62 12.01 -32.84
N LEU B 385 22.93 11.61 -31.76
CA LEU B 385 21.48 11.61 -31.75
C LEU B 385 21.04 13.03 -31.36
N ALA B 386 20.29 13.70 -32.25
CA ALA B 386 19.93 15.10 -32.04
C ALA B 386 18.51 15.19 -31.47
N PHE B 387 18.44 15.61 -30.20
CA PHE B 387 17.19 15.73 -29.48
C PHE B 387 16.65 17.15 -29.64
N GLU B 388 15.34 17.20 -29.91
CA GLU B 388 14.59 18.46 -30.04
C GLU B 388 13.37 18.48 -29.12
N PHE B 389 13.29 19.48 -28.22
CA PHE B 389 12.13 19.66 -27.36
C PHE B 389 11.31 20.83 -27.89
N TYR B 390 9.99 20.61 -28.05
CA TYR B 390 9.09 21.64 -28.59
C TYR B 390 8.03 22.07 -27.57
N ASP B 391 7.61 23.33 -27.62
CA ASP B 391 6.53 23.87 -26.79
C ASP B 391 5.18 23.67 -27.50
N SER B 392 4.12 24.28 -26.96
CA SER B 392 2.77 24.09 -27.48
C SER B 392 2.51 24.85 -28.79
N ASP B 393 3.38 25.82 -29.14
CA ASP B 393 3.29 26.49 -30.44
C ASP B 393 4.19 25.79 -31.47
N ASN B 394 4.67 24.60 -31.13
CA ASN B 394 5.47 23.80 -32.03
C ASN B 394 6.80 24.52 -32.37
N LYS B 395 7.35 25.28 -31.40
CA LYS B 395 8.65 25.91 -31.53
C LYS B 395 9.67 25.16 -30.67
N ILE B 396 10.92 25.07 -31.15
CA ILE B 396 11.99 24.39 -30.42
C ILE B 396 12.44 25.28 -29.28
N ILE B 397 12.46 24.73 -28.06
CA ILE B 397 12.94 25.47 -26.91
C ILE B 397 14.22 24.87 -26.35
N LYS B 398 14.64 23.68 -26.83
CA LYS B 398 15.93 23.12 -26.47
C LYS B 398 16.43 22.14 -27.54
N ASN B 399 17.74 22.24 -27.83
CA ASN B 399 18.49 21.26 -28.59
C ASN B 399 19.51 20.60 -27.66
N GLU B 400 19.79 19.29 -27.87
CA GLU B 400 20.87 18.62 -27.16
C GLU B 400 21.25 17.34 -27.90
N SER B 401 22.54 17.03 -27.94
CA SER B 401 23.02 15.86 -28.65
C SER B 401 23.34 14.79 -27.63
N ILE B 402 23.14 13.54 -28.01
CA ILE B 402 23.67 12.43 -27.24
C ILE B 402 24.56 11.62 -28.17
N ASN B 403 25.84 11.50 -27.81
CA ASN B 403 26.76 10.78 -28.67
C ASN B 403 26.84 9.33 -28.22
N ILE B 404 26.53 8.41 -29.12
CA ILE B 404 26.68 7.00 -28.78
C ILE B 404 27.60 6.34 -29.82
N LEU B 405 28.15 5.17 -29.45
CA LEU B 405 28.82 4.28 -30.37
C LEU B 405 28.01 2.99 -30.40
N ALA B 406 27.55 2.56 -31.57
CA ALA B 406 26.56 1.50 -31.60
C ALA B 406 26.90 0.43 -32.62
N SER B 407 26.56 -0.81 -32.28
CA SER B 407 26.59 -1.90 -33.24
C SER B 407 25.46 -2.89 -32.97
N LYS B 408 25.14 -3.71 -33.97
CA LYS B 408 24.11 -4.72 -33.81
C LYS B 408 24.60 -5.84 -32.89
N THR B 409 25.92 -6.06 -32.88
CA THR B 409 26.55 -7.11 -32.08
C THR B 409 27.71 -6.54 -31.26
N ALA B 410 28.24 -7.37 -30.34
CA ALA B 410 29.35 -7.01 -29.48
C ALA B 410 30.60 -6.77 -30.33
N PHE B 411 31.54 -5.99 -29.78
CA PHE B 411 32.76 -5.65 -30.50
C PHE B 411 33.85 -5.33 -29.48
N GLU B 412 35.09 -5.52 -29.93
CA GLU B 412 36.26 -5.27 -29.12
C GLU B 412 36.54 -3.78 -29.04
N LEU B 413 36.76 -3.31 -27.82
CA LEU B 413 37.29 -1.99 -27.51
C LEU B 413 38.76 -2.08 -27.11
N PRO B 414 39.57 -1.00 -27.22
CA PRO B 414 40.85 -0.97 -26.51
C PRO B 414 40.62 -0.88 -25.00
N GLU B 415 41.59 -1.42 -24.24
CA GLU B 415 41.50 -1.54 -22.79
C GLU B 415 42.80 -1.09 -22.14
N LEU B 416 42.62 -0.30 -21.07
CA LEU B 416 43.70 0.18 -20.22
C LEU B 416 43.48 -0.42 -18.85
N THR B 417 44.52 -1.12 -18.34
CA THR B 417 44.57 -1.65 -17.00
C THR B 417 45.88 -1.21 -16.39
N ILE B 418 45.91 -1.09 -15.07
CA ILE B 418 47.13 -0.77 -14.34
C ILE B 418 47.38 -1.85 -13.30
N GLU B 419 48.65 -2.03 -12.91
CA GLU B 419 49.04 -2.73 -11.69
C GLU B 419 49.82 -1.74 -10.84
N VAL B 420 49.52 -1.67 -9.53
CA VAL B 420 50.05 -0.63 -8.64
C VAL B 420 50.88 -1.28 -7.53
N THR B 421 52.01 -0.66 -7.17
CA THR B 421 52.84 -1.08 -6.06
C THR B 421 53.02 0.08 -5.06
N PRO B 422 52.97 -0.17 -3.73
CA PRO B 422 52.40 -1.40 -3.17
C PRO B 422 50.95 -1.59 -3.55
N GLU B 423 50.56 -2.87 -3.71
CA GLU B 423 49.29 -3.28 -4.29
C GLU B 423 48.11 -3.04 -3.33
N LYS B 424 48.34 -3.25 -2.01
CA LYS B 424 47.30 -3.41 -1.00
C LYS B 424 47.56 -2.60 0.28
N ASP B 425 48.82 -2.44 0.66
CA ASP B 425 49.14 -1.83 1.93
C ASP B 425 50.28 -0.86 1.71
N LEU B 426 50.05 0.42 2.00
CA LEU B 426 51.04 1.46 1.72
C LEU B 426 52.24 1.35 2.68
N ASN B 427 52.15 0.49 3.73
CA ASN B 427 53.25 0.36 4.68
C ASN B 427 54.33 -0.57 4.15
N GLU B 428 54.13 -1.15 2.94
CA GLU B 428 55.08 -2.09 2.34
C GLU B 428 56.20 -1.32 1.63
N GLY B 429 56.01 -0.02 1.37
CA GLY B 429 57.13 0.75 0.84
C GLY B 429 56.92 2.26 0.93
N LYS B 430 58.03 2.99 0.75
CA LYS B 430 58.02 4.45 0.73
C LYS B 430 57.85 4.98 -0.69
N ILE B 431 58.03 4.09 -1.69
CA ILE B 431 57.94 4.43 -3.11
C ILE B 431 56.84 3.60 -3.77
N ALA B 432 56.09 4.22 -4.69
CA ALA B 432 55.05 3.54 -5.45
C ALA B 432 55.36 3.51 -6.92
N SER B 433 54.73 2.59 -7.66
CA SER B 433 54.74 2.63 -9.12
C SER B 433 53.35 2.34 -9.68
N ILE B 434 53.10 2.78 -10.93
CA ILE B 434 51.92 2.40 -11.70
C ILE B 434 52.39 1.91 -13.06
N LYS B 435 52.13 0.63 -13.34
CA LYS B 435 52.40 0.01 -14.61
C LYS B 435 51.13 0.02 -15.43
N THR B 436 51.15 0.77 -16.52
CA THR B 436 50.01 0.89 -17.39
C THR B 436 50.18 -0.10 -18.53
N LYS B 437 49.05 -0.73 -18.88
CA LYS B 437 48.95 -1.62 -20.02
C LYS B 437 47.75 -1.21 -20.89
N ILE B 438 48.03 -0.84 -22.16
CA ILE B 438 46.98 -0.56 -23.13
C ILE B 438 46.99 -1.58 -24.27
N GLU B 439 45.88 -2.32 -24.34
CA GLU B 439 45.60 -3.21 -25.45
C GLU B 439 44.87 -2.43 -26.54
N THR B 440 45.47 -2.38 -27.73
CA THR B 440 44.99 -1.52 -28.80
C THR B 440 43.97 -2.30 -29.60
N SER B 441 43.16 -1.57 -30.36
CA SER B 441 42.21 -2.21 -31.25
C SER B 441 42.17 -1.43 -32.55
N GLU B 442 41.99 -2.17 -33.66
CA GLU B 442 42.44 -1.69 -34.95
C GLU B 442 41.66 -0.45 -35.34
N ASN B 443 40.37 -0.44 -34.99
CA ASN B 443 39.48 0.59 -35.52
C ASN B 443 39.53 1.89 -34.70
N PHE B 444 40.19 1.86 -33.52
CA PHE B 444 40.17 2.97 -32.57
C PHE B 444 41.51 3.68 -32.58
N THR B 445 41.47 5.01 -32.48
CA THR B 445 42.66 5.85 -32.42
C THR B 445 42.86 6.32 -30.99
N LEU B 446 44.09 6.16 -30.50
CA LEU B 446 44.55 6.72 -29.24
C LEU B 446 45.09 8.12 -29.47
N LEU B 447 44.73 9.05 -28.59
CA LEU B 447 45.05 10.45 -28.77
C LEU B 447 46.17 10.87 -27.84
N ASP B 448 46.91 11.91 -28.26
CA ASP B 448 47.67 12.77 -27.37
C ASP B 448 48.41 11.92 -26.34
N ASP B 449 48.11 12.17 -25.05
CA ASP B 449 48.92 11.74 -23.91
C ASP B 449 48.09 10.90 -22.93
N LEU B 450 48.71 9.76 -22.60
CA LEU B 450 48.44 9.01 -21.40
C LEU B 450 48.68 9.90 -20.19
N LYS B 451 47.67 9.95 -19.29
CA LYS B 451 47.78 10.66 -18.01
C LYS B 451 47.75 9.68 -16.84
N ILE B 452 48.55 9.97 -15.80
CA ILE B 452 48.75 9.11 -14.65
C ILE B 452 48.51 9.94 -13.39
N SER B 453 47.86 9.40 -12.37
CA SER B 453 47.57 10.17 -11.18
C SER B 453 47.78 9.30 -9.96
N TYR B 454 48.53 9.83 -8.99
CA TYR B 454 48.73 9.17 -7.69
C TYR B 454 48.24 10.13 -6.60
N ASN B 455 46.92 10.14 -6.40
CA ASN B 455 46.31 11.16 -5.55
C ASN B 455 46.33 10.71 -4.10
N THR B 456 47.21 11.32 -3.30
CA THR B 456 47.55 10.83 -1.99
C THR B 456 46.63 11.43 -0.93
N HIS B 457 45.65 12.25 -1.33
CA HIS B 457 44.58 12.69 -0.43
C HIS B 457 45.05 13.56 0.75
N LEU B 458 46.15 14.29 0.59
CA LEU B 458 46.60 15.25 1.61
C LEU B 458 45.75 16.54 1.50
N GLY B 459 44.74 16.66 2.36
CA GLY B 459 43.77 17.73 2.21
C GLY B 459 43.26 17.78 0.77
N TRP B 460 43.35 18.95 0.15
CA TRP B 460 42.82 19.16 -1.20
C TRP B 460 43.89 18.96 -2.27
N ALA B 461 45.15 18.77 -1.86
CA ALA B 461 46.23 18.59 -2.82
C ALA B 461 46.02 17.31 -3.62
N ILE B 462 46.35 17.39 -4.91
CA ILE B 462 46.02 16.40 -5.92
C ILE B 462 47.07 15.29 -5.96
N GLY B 463 48.28 15.60 -5.48
CA GLY B 463 49.36 14.63 -5.54
C GLY B 463 49.99 14.66 -6.92
N SER B 464 50.89 13.73 -7.18
CA SER B 464 51.64 13.72 -8.42
C SER B 464 50.75 13.41 -9.62
N GLN B 465 51.08 14.03 -10.76
CA GLN B 465 50.55 13.65 -12.06
C GLN B 465 51.73 13.45 -13.03
N ALA B 466 51.53 12.66 -14.08
CA ALA B 466 52.46 12.63 -15.20
C ALA B 466 51.71 12.55 -16.52
N SER B 467 52.29 13.19 -17.55
CA SER B 467 51.88 13.04 -18.94
C SER B 467 52.93 12.22 -19.66
N VAL B 468 52.56 11.04 -20.19
CA VAL B 468 53.47 10.17 -20.90
C VAL B 468 53.05 10.11 -22.37
N SER B 469 54.00 10.46 -23.26
CA SER B 469 53.85 10.34 -24.71
C SER B 469 54.02 8.89 -25.14
N ILE B 470 53.12 8.44 -26.00
CA ILE B 470 53.10 7.07 -26.47
C ILE B 470 53.16 7.04 -27.99
N SER B 471 53.36 8.21 -28.62
CA SER B 471 53.55 8.32 -30.06
C SER B 471 54.57 7.30 -30.57
N ASP B 472 55.67 7.04 -29.82
CA ASP B 472 56.71 6.11 -30.22
C ASP B 472 56.25 4.63 -30.21
N GLN B 473 54.99 4.34 -29.84
CA GLN B 473 54.47 2.99 -29.64
C GLN B 473 53.08 2.74 -30.26
N LEU B 474 52.53 3.70 -30.99
CA LEU B 474 51.12 3.60 -31.45
C LEU B 474 50.87 2.38 -32.35
N ASP B 475 51.91 1.87 -32.99
CA ASP B 475 51.78 0.72 -33.92
C ASP B 475 51.66 -0.60 -33.15
N LYS B 476 52.07 -0.62 -31.89
CA LYS B 476 52.12 -1.89 -31.13
C LYS B 476 50.73 -2.37 -30.70
N LYS B 477 50.58 -3.69 -30.55
CA LYS B 477 49.35 -4.29 -30.07
C LYS B 477 49.15 -3.97 -28.59
N ILE B 478 50.29 -3.88 -27.85
CA ILE B 478 50.32 -3.61 -26.43
C ILE B 478 51.28 -2.46 -26.13
N ILE B 479 50.80 -1.47 -25.39
CA ILE B 479 51.57 -0.29 -25.08
C ILE B 479 51.70 -0.19 -23.56
N THR B 480 52.94 -0.07 -23.06
CA THR B 480 53.18 -0.11 -21.62
C THR B 480 53.87 1.16 -21.14
N SER B 481 53.67 1.48 -19.89
CA SER B 481 54.32 2.62 -19.28
C SER B 481 54.53 2.30 -17.81
N GLU B 482 55.57 2.89 -17.22
CA GLU B 482 55.90 2.68 -15.83
C GLU B 482 56.28 4.02 -15.23
N ASN B 483 55.67 4.37 -14.11
CA ASN B 483 55.81 5.69 -13.54
C ASN B 483 55.92 5.60 -12.03
N PHE B 484 56.96 6.20 -11.45
CA PHE B 484 57.23 6.06 -10.01
C PHE B 484 56.79 7.30 -9.24
N PHE B 485 56.40 7.12 -7.97
CA PHE B 485 55.95 8.24 -7.15
C PHE B 485 56.35 7.98 -5.72
N ASN B 486 56.79 9.04 -5.00
CA ASN B 486 57.13 8.95 -3.59
C ASN B 486 55.83 8.94 -2.79
N ILE B 487 55.78 8.14 -1.72
CA ILE B 487 54.57 8.01 -0.92
C ILE B 487 54.78 8.79 0.37
N PRO B 488 54.02 9.86 0.64
CA PRO B 488 54.21 10.60 1.88
C PRO B 488 53.93 9.70 3.09
N ASP B 489 54.70 9.90 4.17
CA ASP B 489 54.51 9.21 5.42
C ASP B 489 53.05 9.32 5.87
N ASN B 490 52.42 10.49 5.65
CA ASN B 490 51.08 10.78 6.16
C ASN B 490 50.01 10.65 5.08
N CYS B 491 50.26 9.88 4.02
CA CYS B 491 49.26 9.42 3.08
C CYS B 491 48.59 8.19 3.67
N TRP B 492 47.27 8.30 3.90
CA TRP B 492 46.53 7.24 4.57
C TRP B 492 45.81 6.41 3.52
N VAL B 493 45.50 7.05 2.40
CA VAL B 493 44.84 6.37 1.29
C VAL B 493 45.28 7.08 0.02
N VAL B 494 45.42 6.29 -1.07
CA VAL B 494 45.69 6.82 -2.40
C VAL B 494 44.64 6.34 -3.39
N ASN B 495 44.28 7.23 -4.33
CA ASN B 495 43.65 6.85 -5.58
C ASN B 495 44.69 6.89 -6.70
N ALA B 496 44.99 5.72 -7.26
CA ALA B 496 45.98 5.60 -8.29
C ALA B 496 45.24 5.27 -9.57
N SER B 497 45.45 6.08 -10.62
CA SER B 497 44.72 5.93 -11.86
C SER B 497 45.57 6.36 -13.06
N ALA B 498 45.12 5.91 -14.24
CA ALA B 498 45.69 6.24 -15.53
C ALA B 498 44.58 6.20 -16.58
N GLY B 499 44.63 7.09 -17.57
CA GLY B 499 43.66 7.09 -18.66
C GLY B 499 44.22 7.79 -19.90
N ILE B 500 43.51 7.59 -21.01
CA ILE B 500 43.87 8.17 -22.31
C ILE B 500 42.59 8.30 -23.14
N SER B 501 42.51 9.39 -23.94
CA SER B 501 41.41 9.58 -24.88
C SER B 501 41.51 8.63 -26.07
N VAL B 502 40.34 8.33 -26.65
CA VAL B 502 40.16 7.41 -27.77
C VAL B 502 39.10 7.95 -28.72
N ARG B 503 39.33 7.82 -30.03
CA ARG B 503 38.38 8.29 -31.03
C ARG B 503 37.92 7.15 -31.92
N TYR B 504 36.60 7.12 -32.21
CA TYR B 504 36.03 6.39 -33.34
C TYR B 504 35.11 7.38 -34.04
N GLY B 505 35.46 7.78 -35.26
CA GLY B 505 34.71 8.78 -35.99
C GLY B 505 34.66 10.10 -35.20
N LYS B 506 33.45 10.57 -34.90
CA LYS B 506 33.29 11.78 -34.11
C LYS B 506 33.16 11.48 -32.62
N PHE B 507 33.23 10.20 -32.24
CA PHE B 507 32.99 9.78 -30.86
C PHE B 507 34.30 9.59 -30.08
N THR B 508 34.58 10.49 -29.14
CA THR B 508 35.77 10.43 -28.32
C THR B 508 35.37 10.07 -26.89
N PHE B 509 36.16 9.22 -26.22
CA PHE B 509 35.89 8.83 -24.84
C PHE B 509 37.22 8.45 -24.16
N LYS B 510 37.17 8.04 -22.89
CA LYS B 510 38.38 7.68 -22.17
C LYS B 510 38.31 6.22 -21.76
N ILE B 511 39.41 5.50 -21.96
CA ILE B 511 39.68 4.26 -21.25
C ILE B 511 40.68 4.57 -20.13
N HIS B 512 40.62 3.77 -19.05
CA HIS B 512 41.18 4.11 -17.75
C HIS B 512 40.99 2.94 -16.79
N ASP B 513 41.74 2.98 -15.70
CA ASP B 513 41.67 2.06 -14.60
C ASP B 513 42.07 2.80 -13.34
N GLN B 514 41.69 2.23 -12.20
CA GLN B 514 41.71 2.94 -10.92
C GLN B 514 41.86 1.91 -9.82
N LYS B 515 42.73 2.19 -8.86
CA LYS B 515 42.89 1.41 -7.65
C LYS B 515 42.94 2.33 -6.44
N ILE B 516 42.18 1.97 -5.40
CA ILE B 516 42.21 2.70 -4.14
C ILE B 516 42.92 1.83 -3.12
N ILE B 517 43.94 2.37 -2.46
CA ILE B 517 44.83 1.59 -1.61
C ILE B 517 45.10 2.32 -0.31
N TYR B 518 45.05 1.56 0.79
CA TYR B 518 45.08 2.08 2.14
C TYR B 518 46.42 1.80 2.80
N ARG B 519 46.82 2.67 3.74
CA ARG B 519 47.89 2.34 4.66
C ARG B 519 47.31 1.52 5.81
N GLY B 520 47.62 0.22 5.83
CA GLY B 520 47.29 -0.62 6.96
C GLY B 520 45.78 -0.74 7.08
N ASP B 521 45.26 -0.73 8.32
CA ASP B 521 43.89 -1.15 8.56
C ASP B 521 43.00 0.02 9.03
N TRP B 522 43.46 1.27 8.90
CA TRP B 522 42.79 2.39 9.51
C TRP B 522 41.36 2.51 8.97
N ALA B 523 41.13 2.05 7.75
CA ALA B 523 39.85 2.25 7.08
C ALA B 523 38.96 0.99 7.11
N LYS B 524 39.17 0.05 8.03
CA LYS B 524 38.35 -1.15 8.00
C LYS B 524 36.87 -0.81 8.17
N GLU B 525 36.55 0.19 8.99
CA GLU B 525 35.17 0.60 9.18
C GLU B 525 34.76 1.59 8.10
N VAL B 526 35.53 2.68 7.89
CA VAL B 526 35.05 3.79 7.07
C VAL B 526 35.22 3.54 5.57
N GLY B 527 36.15 2.64 5.18
CA GLY B 527 36.47 2.42 3.78
C GLY B 527 35.49 1.46 3.07
N ARG B 528 35.31 1.65 1.76
CA ARG B 528 34.42 0.79 0.98
C ARG B 528 34.94 -0.65 1.06
N LYS B 529 34.00 -1.61 1.21
CA LYS B 529 34.32 -3.03 1.32
C LYS B 529 34.27 -3.70 -0.07
N SER C 3 -3.72 10.65 24.86
CA SER C 3 -4.63 11.63 25.49
C SER C 3 -5.73 12.02 24.49
N LYS C 4 -7.00 11.99 24.92
CA LYS C 4 -8.11 12.24 24.02
C LYS C 4 -8.63 13.68 24.17
N THR C 5 -9.17 14.19 23.05
CA THR C 5 -9.69 15.54 22.89
C THR C 5 -10.61 15.96 24.05
N LYS C 6 -10.31 17.14 24.60
CA LYS C 6 -11.11 17.80 25.61
C LYS C 6 -11.99 18.83 24.92
N ILE C 7 -13.30 18.64 25.05
CA ILE C 7 -14.28 19.56 24.51
C ILE C 7 -14.84 20.42 25.65
N GLU C 8 -14.79 21.74 25.48
CA GLU C 8 -15.27 22.68 26.48
C GLU C 8 -16.19 23.71 25.82
N LEU C 9 -17.39 23.86 26.35
CA LEU C 9 -18.35 24.82 25.85
C LEU C 9 -18.37 26.05 26.76
N LYS C 10 -18.06 27.22 26.22
CA LYS C 10 -17.83 28.39 27.04
C LYS C 10 -17.79 29.60 26.12
N ASP C 11 -18.37 30.72 26.55
CA ASP C 11 -18.52 31.92 25.74
C ASP C 11 -19.27 31.62 24.45
N ASN C 12 -20.20 30.64 24.51
CA ASN C 12 -20.99 30.19 23.36
C ASN C 12 -20.12 29.63 22.21
N TRP C 13 -18.96 29.03 22.53
CA TRP C 13 -18.06 28.44 21.53
C TRP C 13 -17.66 27.02 21.94
N TYR C 14 -17.49 26.15 20.94
CA TYR C 14 -16.71 24.94 21.14
C TYR C 14 -15.23 25.34 21.24
N HIS C 15 -14.58 24.80 22.27
CA HIS C 15 -13.14 24.80 22.43
C HIS C 15 -12.70 23.34 22.29
N LEU C 16 -11.69 23.08 21.46
CA LEU C 16 -11.02 21.79 21.39
C LEU C 16 -9.60 21.98 21.91
N ASP C 17 -9.27 21.26 22.99
CA ASP C 17 -8.01 21.36 23.70
C ASP C 17 -7.61 22.82 23.86
N GLY C 18 -8.46 23.62 24.50
CA GLY C 18 -8.15 25.00 24.84
C GLY C 18 -8.49 26.03 23.75
N GLU C 19 -8.65 25.62 22.49
CA GLU C 19 -8.68 26.50 21.33
C GLU C 19 -10.10 26.70 20.78
N LYS C 20 -10.55 27.95 20.55
CA LYS C 20 -11.87 28.11 19.93
C LYS C 20 -11.89 27.39 18.59
N TYR C 21 -12.98 26.70 18.30
CA TYR C 21 -13.04 25.80 17.15
C TYR C 21 -14.38 25.98 16.45
N PHE C 22 -14.33 26.62 15.29
CA PHE C 22 -15.51 26.81 14.48
C PHE C 22 -15.74 25.52 13.70
N ILE C 23 -16.93 24.95 13.83
CA ILE C 23 -17.24 23.71 13.12
C ILE C 23 -17.67 24.04 11.69
N LYS C 24 -16.77 23.63 10.78
CA LYS C 24 -16.95 23.69 9.35
C LYS C 24 -17.33 22.30 8.85
N ALA C 25 -18.63 21.99 8.91
CA ALA C 25 -19.09 20.65 8.63
C ALA C 25 -19.86 20.63 7.33
N ILE C 26 -20.23 19.42 6.92
CA ILE C 26 -21.14 19.19 5.83
C ILE C 26 -21.94 17.96 6.17
N GLY C 27 -23.23 18.00 5.84
CA GLY C 27 -24.09 16.82 5.90
C GLY C 27 -23.55 15.74 4.98
N TYR C 28 -23.48 14.50 5.49
CA TYR C 28 -22.88 13.42 4.76
C TYR C 28 -23.66 12.14 5.04
N GLU C 29 -24.23 11.53 3.99
CA GLU C 29 -25.02 10.31 4.14
C GLU C 29 -24.45 9.23 3.23
N ILE C 30 -23.67 8.31 3.82
CA ILE C 30 -23.25 7.10 3.13
C ILE C 30 -24.47 6.19 2.92
N GLY C 31 -24.37 5.29 1.92
CA GLY C 31 -25.42 4.35 1.58
C GLY C 31 -26.64 5.00 0.91
N ALA C 32 -26.43 6.10 0.18
CA ALA C 32 -27.47 6.87 -0.47
C ALA C 32 -27.11 7.18 -1.93
N ARG C 33 -26.30 6.30 -2.52
CA ARG C 33 -26.04 6.35 -3.95
C ARG C 33 -27.33 6.06 -4.73
N PRO C 34 -27.36 6.37 -6.04
CA PRO C 34 -28.48 5.96 -6.87
C PRO C 34 -28.66 4.46 -6.71
N GLY C 35 -29.91 4.04 -6.50
CA GLY C 35 -30.25 2.63 -6.41
C GLY C 35 -30.23 2.10 -4.98
N GLN C 36 -29.78 2.96 -4.04
CA GLN C 36 -29.68 2.60 -2.64
C GLN C 36 -30.75 3.34 -1.83
N ALA C 37 -31.09 2.74 -0.69
CA ALA C 37 -31.98 3.36 0.30
C ALA C 37 -31.45 3.01 1.68
N PRO C 38 -30.79 3.94 2.40
CA PRO C 38 -30.12 3.60 3.65
C PRO C 38 -31.01 3.11 4.80
N TYR C 39 -32.33 3.36 4.74
CA TYR C 39 -33.24 2.96 5.81
C TYR C 39 -34.05 1.72 5.40
N GLU C 40 -33.76 1.10 4.25
CA GLU C 40 -34.45 -0.12 3.85
C GLU C 40 -33.47 -1.22 3.44
N ASP C 41 -32.38 -0.85 2.77
CA ASP C 41 -31.37 -1.83 2.39
C ASP C 41 -30.66 -2.40 3.63
N GLU C 42 -30.19 -3.64 3.50
CA GLU C 42 -29.25 -4.21 4.44
C GLU C 42 -28.01 -3.31 4.55
N ARG C 43 -27.49 -3.17 5.76
CA ARG C 43 -26.48 -2.18 6.07
C ARG C 43 -25.09 -2.71 5.70
N LYS C 44 -24.27 -1.88 5.07
CA LYS C 44 -22.90 -2.20 4.72
C LYS C 44 -21.97 -1.04 5.08
N ASP C 45 -20.74 -1.36 5.42
CA ASP C 45 -19.73 -0.37 5.78
C ASP C 45 -19.40 0.58 4.62
N GLU C 46 -19.24 0.04 3.41
CA GLU C 46 -18.98 0.81 2.20
C GLU C 46 -17.66 1.58 2.36
N LEU C 47 -16.63 0.92 2.89
CA LEU C 47 -15.40 1.60 3.25
C LEU C 47 -14.77 2.30 2.05
N GLU C 48 -14.70 1.62 0.88
CA GLU C 48 -14.06 2.21 -0.28
C GLU C 48 -14.79 3.47 -0.74
N LEU C 49 -16.11 3.45 -0.78
CA LEU C 49 -16.82 4.64 -1.18
C LEU C 49 -16.62 5.73 -0.13
N MET C 50 -16.51 5.33 1.15
CA MET C 50 -16.35 6.30 2.22
C MET C 50 -15.03 7.03 2.10
N LYS C 51 -13.96 6.29 1.78
CA LYS C 51 -12.62 6.88 1.66
C LYS C 51 -12.61 7.95 0.57
N PHE C 52 -13.22 7.62 -0.57
CA PHE C 52 -13.40 8.57 -1.64
C PHE C 52 -14.08 9.84 -1.13
N ASP C 53 -15.22 9.70 -0.45
CA ASP C 53 -16.02 10.81 0.05
C ASP C 53 -15.25 11.71 1.04
N LEU C 54 -14.59 11.07 2.01
CA LEU C 54 -13.88 11.78 3.07
C LEU C 54 -12.74 12.61 2.49
N GLU C 55 -11.95 12.01 1.56
CA GLU C 55 -10.94 12.76 0.83
C GLU C 55 -11.57 13.96 0.11
N ASN C 56 -12.70 13.71 -0.56
CA ASN C 56 -13.38 14.80 -1.23
C ASN C 56 -13.70 15.91 -0.23
N ILE C 57 -14.25 15.53 0.93
CA ILE C 57 -14.74 16.49 1.89
C ILE C 57 -13.59 17.29 2.51
N LYS C 58 -12.42 16.66 2.69
CA LYS C 58 -11.24 17.38 3.14
C LYS C 58 -10.76 18.39 2.11
N GLU C 59 -10.75 17.99 0.84
CA GLU C 59 -10.34 18.84 -0.26
C GLU C 59 -11.30 20.03 -0.45
N GLY C 60 -12.59 19.85 -0.09
CA GLY C 60 -13.57 20.90 -0.22
C GLY C 60 -13.53 21.92 0.93
N GLY C 61 -12.66 21.69 1.92
CA GLY C 61 -12.34 22.69 2.94
C GLY C 61 -12.98 22.45 4.32
N TYR C 62 -13.70 21.32 4.51
CA TYR C 62 -14.49 21.03 5.70
C TYR C 62 -13.57 20.41 6.76
N ASN C 63 -13.91 20.62 8.05
CA ASN C 63 -13.18 20.01 9.16
C ASN C 63 -14.05 18.95 9.86
N THR C 64 -15.32 18.81 9.44
CA THR C 64 -16.30 17.99 10.16
C THR C 64 -17.34 17.41 9.20
N ILE C 65 -17.89 16.23 9.56
CA ILE C 65 -19.07 15.70 8.89
C ILE C 65 -20.20 15.56 9.89
N ARG C 66 -21.43 15.74 9.37
CA ARG C 66 -22.64 15.57 10.16
C ARG C 66 -23.46 14.46 9.53
N THR C 67 -24.01 13.56 10.35
CA THR C 67 -24.73 12.39 9.86
C THR C 67 -26.09 12.26 10.58
N TRP C 68 -26.95 11.38 10.03
CA TRP C 68 -28.31 11.12 10.54
C TRP C 68 -28.41 9.76 11.21
N SER C 69 -27.58 8.82 10.77
CA SER C 69 -27.60 7.43 11.31
C SER C 69 -26.22 7.03 11.83
N GLN C 70 -26.18 6.27 12.93
CA GLN C 70 -24.93 5.82 13.58
C GLN C 70 -24.00 5.10 12.62
N TYR C 71 -22.72 5.19 12.91
CA TYR C 71 -21.73 4.44 12.10
C TYR C 71 -21.33 3.20 12.84
N SER C 72 -20.90 2.19 12.10
CA SER C 72 -20.31 1.00 12.69
C SER C 72 -18.91 1.35 13.18
N GLU C 73 -18.27 0.37 13.85
CA GLU C 73 -16.93 0.53 14.39
C GLU C 73 -15.99 0.76 13.21
N ASN C 74 -16.03 -0.13 12.22
CA ASN C 74 -15.14 -0.01 11.08
C ASN C 74 -15.31 1.34 10.39
N GLN C 75 -16.54 1.84 10.37
CA GLN C 75 -16.79 3.12 9.74
C GLN C 75 -16.14 4.25 10.54
N LEU C 76 -16.37 4.27 11.85
CA LEU C 76 -15.71 5.18 12.75
C LEU C 76 -14.19 5.11 12.62
N LYS C 77 -13.60 3.89 12.59
CA LYS C 77 -12.15 3.75 12.52
C LYS C 77 -11.65 4.62 11.38
N LEU C 78 -12.41 4.65 10.29
CA LEU C 78 -12.03 5.33 9.07
C LEU C 78 -12.10 6.85 9.20
N VAL C 79 -13.19 7.32 9.80
CA VAL C 79 -13.40 8.73 10.03
C VAL C 79 -12.30 9.23 10.96
N GLN C 80 -12.02 8.47 12.00
CA GLN C 80 -10.98 8.82 12.97
C GLN C 80 -9.66 9.10 12.24
N GLU C 81 -9.14 8.13 11.48
CA GLU C 81 -7.84 8.28 10.84
C GLU C 81 -7.87 9.36 9.74
N SER C 82 -9.05 9.71 9.21
CA SER C 82 -9.21 10.75 8.20
C SER C 82 -8.73 12.12 8.68
N GLY C 83 -8.82 12.39 9.99
CA GLY C 83 -8.62 13.72 10.55
C GLY C 83 -9.93 14.48 10.74
N LEU C 84 -11.05 14.03 10.15
CA LEU C 84 -12.28 14.81 10.20
C LEU C 84 -12.99 14.60 11.52
N LYS C 85 -13.68 15.64 12.00
CA LYS C 85 -14.51 15.51 13.18
C LYS C 85 -15.88 15.02 12.75
N LEU C 86 -16.67 14.54 13.72
CA LEU C 86 -17.94 13.90 13.45
C LEU C 86 -19.00 14.40 14.43
N ILE C 87 -20.10 14.85 13.85
CA ILE C 87 -21.34 15.07 14.57
C ILE C 87 -22.21 13.89 14.18
N MET C 88 -22.34 12.89 15.06
CA MET C 88 -23.03 11.63 14.75
C MET C 88 -24.50 11.71 15.15
N GLY C 89 -25.37 11.53 14.16
CA GLY C 89 -26.80 11.41 14.43
C GLY C 89 -27.12 9.98 14.82
N ILE C 90 -28.08 9.85 15.77
CA ILE C 90 -28.64 8.55 16.13
C ILE C 90 -30.02 8.44 15.47
N ASP C 91 -30.33 7.19 15.07
CA ASP C 91 -31.50 6.84 14.28
C ASP C 91 -32.67 6.51 15.20
N ILE C 92 -33.27 7.54 15.78
CA ILE C 92 -34.41 7.34 16.65
C ILE C 92 -35.64 7.79 15.86
N LYS C 93 -36.47 6.84 15.41
CA LYS C 93 -37.55 7.10 14.45
C LYS C 93 -38.50 8.18 14.96
N PRO C 94 -38.60 9.38 14.31
CA PRO C 94 -39.43 10.46 14.84
C PRO C 94 -40.93 10.19 14.92
N GLU C 95 -41.45 9.18 14.19
CA GLU C 95 -42.88 8.92 14.09
C GLU C 95 -43.33 7.86 15.10
N GLU C 96 -42.39 7.31 15.89
CA GLU C 96 -42.74 6.30 16.87
C GLU C 96 -43.28 6.98 18.13
N ASP C 97 -44.01 6.21 18.95
CA ASP C 97 -44.58 6.68 20.21
C ASP C 97 -43.47 6.74 21.27
N TYR C 98 -43.03 7.95 21.60
CA TYR C 98 -41.88 8.12 22.46
C TYR C 98 -42.19 7.59 23.86
N GLY C 99 -43.48 7.43 24.18
CA GLY C 99 -43.86 7.03 25.53
C GLY C 99 -44.08 5.51 25.66
N ASP C 100 -44.09 4.77 24.54
CA ASP C 100 -44.26 3.32 24.58
C ASP C 100 -42.97 2.68 25.13
N PRO C 101 -43.07 1.90 26.23
CA PRO C 101 -41.87 1.38 26.91
C PRO C 101 -40.99 0.50 26.02
N GLU C 102 -41.60 -0.20 25.05
CA GLU C 102 -40.84 -1.09 24.17
C GLU C 102 -39.99 -0.28 23.18
N PHE C 103 -40.48 0.89 22.77
CA PHE C 103 -39.76 1.78 21.88
C PHE C 103 -38.57 2.40 22.61
N VAL C 104 -38.80 2.86 23.86
CA VAL C 104 -37.74 3.37 24.69
C VAL C 104 -36.66 2.30 24.77
N LYS C 105 -37.04 1.13 25.30
CA LYS C 105 -36.16 -0.02 25.43
C LYS C 105 -35.29 -0.14 24.18
N ASP C 106 -35.89 -0.53 23.05
CA ASP C 106 -35.12 -0.90 21.86
C ASP C 106 -34.08 0.16 21.48
N SER C 107 -34.46 1.45 21.72
CA SER C 107 -33.68 2.65 21.48
C SER C 107 -32.48 2.74 22.44
N GLU C 108 -32.74 2.53 23.74
CA GLU C 108 -31.70 2.50 24.76
C GLU C 108 -30.66 1.43 24.47
N ILE C 109 -31.10 0.25 24.00
CA ILE C 109 -30.22 -0.87 23.71
C ILE C 109 -29.35 -0.57 22.49
N GLU C 110 -29.95 -0.02 21.44
CA GLU C 110 -29.20 0.38 20.26
C GLU C 110 -28.18 1.46 20.65
N LEU C 111 -28.57 2.44 21.48
CA LEU C 111 -27.72 3.58 21.78
C LEU C 111 -26.50 3.13 22.60
N LYS C 112 -26.73 2.34 23.64
CA LYS C 112 -25.66 1.85 24.50
C LYS C 112 -24.75 0.92 23.71
N ARG C 113 -25.34 0.16 22.77
CA ARG C 113 -24.56 -0.70 21.91
C ARG C 113 -23.53 0.17 21.19
N VAL C 114 -24.02 1.29 20.64
CA VAL C 114 -23.21 2.16 19.81
C VAL C 114 -22.12 2.83 20.65
N LEU C 115 -22.54 3.39 21.79
CA LEU C 115 -21.67 4.14 22.69
C LEU C 115 -20.55 3.24 23.17
N ASN C 116 -20.81 1.94 23.08
CA ASN C 116 -19.96 0.93 23.67
C ASN C 116 -18.65 0.83 22.88
N TYR C 117 -18.69 1.02 21.55
CA TYR C 117 -17.49 1.14 20.75
C TYR C 117 -17.20 2.63 20.45
N ALA C 118 -18.24 3.48 20.41
CA ALA C 118 -18.08 4.83 19.89
C ALA C 118 -17.19 5.69 20.79
N LYS C 119 -17.22 5.39 22.08
CA LYS C 119 -16.54 6.18 23.10
C LYS C 119 -15.02 6.10 22.99
N LYS C 120 -14.51 5.19 22.16
CA LYS C 120 -13.07 5.09 21.95
C LYS C 120 -12.58 6.05 20.87
N TYR C 121 -13.51 6.79 20.24
CA TYR C 121 -13.21 7.53 19.04
C TYR C 121 -13.48 9.01 19.32
N ASP C 122 -12.40 9.78 19.52
CA ASP C 122 -12.52 11.16 19.98
C ASP C 122 -12.76 12.09 18.80
N CYS C 123 -12.87 11.53 17.59
CA CYS C 123 -13.31 12.33 16.45
C CYS C 123 -14.76 12.79 16.58
N ILE C 124 -15.57 12.10 17.41
CA ILE C 124 -16.96 12.47 17.64
C ILE C 124 -16.98 13.66 18.58
N ILE C 125 -17.50 14.80 18.12
CA ILE C 125 -17.49 16.02 18.93
C ILE C 125 -18.89 16.48 19.27
N THR C 126 -19.93 15.86 18.69
CA THR C 126 -21.32 16.06 19.14
C THR C 126 -22.17 14.84 18.78
N TYR C 127 -23.13 14.53 19.64
CA TYR C 127 -24.19 13.59 19.31
C TYR C 127 -25.49 14.38 19.08
N LEU C 128 -26.27 13.92 18.08
CA LEU C 128 -27.63 14.37 17.80
C LEU C 128 -28.64 13.24 18.09
N VAL C 129 -29.43 13.38 19.16
CA VAL C 129 -30.19 12.27 19.70
C VAL C 129 -31.46 12.00 18.90
N ILE C 130 -31.97 12.97 18.12
CA ILE C 130 -33.16 12.71 17.31
C ILE C 130 -33.23 13.67 16.12
N ASN C 131 -33.89 13.21 15.06
CA ASN C 131 -34.06 13.98 13.84
C ASN C 131 -35.52 14.37 13.60
N GLU C 132 -35.84 15.64 13.81
CA GLU C 132 -37.01 16.30 13.24
C GLU C 132 -38.34 15.77 13.79
N PRO C 133 -38.57 15.87 15.13
CA PRO C 133 -39.88 15.55 15.71
C PRO C 133 -40.91 16.60 15.32
N GLN C 134 -41.99 16.11 14.70
CA GLN C 134 -43.04 16.99 14.20
C GLN C 134 -43.88 17.48 15.37
N THR C 135 -44.33 18.75 15.24
CA THR C 135 -45.23 19.44 16.17
C THR C 135 -46.47 18.61 16.45
N ASP C 136 -47.16 18.15 15.40
CA ASP C 136 -48.43 17.46 15.62
C ASP C 136 -48.18 16.10 16.31
N HIS C 137 -47.04 15.48 15.98
CA HIS C 137 -46.70 14.18 16.52
C HIS C 137 -46.32 14.26 18.00
N ILE C 138 -45.64 15.32 18.42
CA ILE C 138 -45.34 15.53 19.84
C ILE C 138 -46.61 15.80 20.62
N HIS C 139 -47.56 16.57 20.05
CA HIS C 139 -48.83 16.86 20.75
C HIS C 139 -49.54 15.55 21.06
N SER C 140 -49.58 14.64 20.06
CA SER C 140 -50.31 13.39 20.08
C SER C 140 -49.70 12.35 21.03
N VAL C 141 -48.38 12.28 21.19
CA VAL C 141 -47.81 11.30 22.10
C VAL C 141 -47.48 11.99 23.43
N THR C 142 -47.39 13.32 23.41
CA THR C 142 -47.37 14.21 24.57
C THR C 142 -45.99 14.87 24.71
N GLY C 143 -46.00 16.16 25.06
CA GLY C 143 -44.81 16.88 25.49
C GLY C 143 -43.96 16.07 26.47
N LYS C 144 -44.62 15.47 27.48
CA LYS C 144 -43.93 14.81 28.58
C LYS C 144 -43.09 13.65 28.05
N ALA C 145 -43.68 12.80 27.20
CA ALA C 145 -43.07 11.56 26.73
C ALA C 145 -41.89 11.84 25.80
N PHE C 146 -41.94 13.01 25.14
CA PHE C 146 -40.84 13.57 24.38
C PHE C 146 -39.70 13.98 25.32
N VAL C 147 -39.97 14.92 26.24
CA VAL C 147 -38.94 15.46 27.11
C VAL C 147 -38.29 14.36 27.96
N ASP C 148 -39.08 13.40 28.43
CA ASP C 148 -38.61 12.27 29.23
C ASP C 148 -37.70 11.34 28.39
N LEU C 149 -37.99 11.20 27.10
CA LEU C 149 -37.17 10.41 26.22
C LEU C 149 -35.84 11.14 26.03
N MET C 150 -35.88 12.44 25.72
CA MET C 150 -34.66 13.19 25.47
C MET C 150 -33.73 13.04 26.66
N ASN C 151 -34.22 13.34 27.87
CA ASN C 151 -33.43 13.27 29.08
C ASN C 151 -32.81 11.89 29.28
N THR C 152 -33.57 10.85 28.89
CA THR C 152 -33.11 9.48 29.02
C THR C 152 -31.92 9.24 28.07
N LEU C 153 -32.01 9.73 26.84
CA LEU C 153 -30.97 9.47 25.85
C LEU C 153 -29.75 10.37 26.14
N ILE C 154 -29.99 11.62 26.57
CA ILE C 154 -28.92 12.55 26.89
C ILE C 154 -28.04 11.96 28.00
N ASN C 155 -28.67 11.34 29.00
CA ASN C 155 -27.98 10.85 30.18
C ASN C 155 -27.25 9.55 29.88
N ILE C 156 -27.84 8.69 29.06
CA ILE C 156 -27.12 7.53 28.57
C ILE C 156 -25.83 7.96 27.87
N ILE C 157 -25.86 9.11 27.15
CA ILE C 157 -24.68 9.55 26.41
C ILE C 157 -23.69 10.21 27.36
N HIS C 158 -24.18 11.04 28.25
CA HIS C 158 -23.23 11.76 29.14
C HIS C 158 -22.41 10.73 29.91
N LYS C 159 -22.93 9.52 30.09
CA LYS C 159 -22.22 8.51 30.92
C LYS C 159 -21.47 7.50 30.04
N GLY C 160 -22.03 7.11 28.90
CA GLY C 160 -21.41 6.10 28.03
C GLY C 160 -20.24 6.67 27.26
N HIS C 161 -20.35 7.93 26.84
CA HIS C 161 -19.27 8.62 26.16
C HIS C 161 -19.08 9.98 26.84
N PRO C 162 -18.36 10.05 27.99
CA PRO C 162 -18.14 11.33 28.69
C PRO C 162 -17.60 12.46 27.81
N GLY C 163 -18.03 13.67 28.11
CA GLY C 163 -17.32 14.86 27.65
C GLY C 163 -17.82 15.33 26.30
N ILE C 164 -18.74 14.58 25.68
CA ILE C 164 -19.21 14.92 24.34
C ILE C 164 -20.56 15.65 24.44
N PRO C 165 -20.69 16.86 23.85
CA PRO C 165 -21.99 17.52 23.75
C PRO C 165 -23.15 16.77 23.12
N VAL C 166 -24.37 16.98 23.65
CA VAL C 166 -25.55 16.36 23.07
C VAL C 166 -26.60 17.42 22.68
N THR C 167 -27.04 17.38 21.41
CA THR C 167 -28.18 18.16 21.01
C THR C 167 -29.02 17.34 20.03
N LEU C 168 -29.91 18.04 19.29
CA LEU C 168 -30.85 17.39 18.40
C LEU C 168 -30.90 18.14 17.07
N SER C 169 -31.55 17.51 16.10
CA SER C 169 -31.84 18.10 14.80
C SER C 169 -33.32 18.51 14.73
N ALA C 170 -33.58 19.82 14.79
CA ALA C 170 -34.94 20.34 14.73
C ALA C 170 -34.96 21.62 13.89
N ASN C 171 -35.93 21.65 12.95
CA ASN C 171 -36.12 22.72 12.01
C ASN C 171 -36.68 23.94 12.75
N ALA C 172 -36.10 25.13 12.46
CA ALA C 172 -36.44 26.37 13.13
C ALA C 172 -37.86 26.81 12.76
N MET C 173 -38.33 26.40 11.58
CA MET C 173 -39.62 26.82 11.08
C MET C 173 -40.78 26.09 11.78
N ILE C 174 -40.54 24.90 12.38
CA ILE C 174 -41.58 24.13 13.04
C ILE C 174 -41.30 23.92 14.53
N SER C 175 -40.04 24.07 14.95
CA SER C 175 -39.78 23.86 16.37
C SER C 175 -39.15 25.11 16.99
N ASP C 176 -39.49 26.27 16.43
CA ASP C 176 -39.29 27.54 17.11
C ASP C 176 -39.77 27.53 18.56
N TYR C 177 -40.90 26.86 18.87
CA TYR C 177 -41.51 26.87 20.19
C TYR C 177 -40.70 26.06 21.22
N MET C 178 -39.92 25.05 20.73
CA MET C 178 -39.38 23.98 21.58
C MET C 178 -38.32 24.50 22.54
N ASP C 179 -38.31 23.93 23.75
CA ASP C 179 -37.26 24.19 24.72
C ASP C 179 -36.01 23.36 24.38
N GLU C 180 -34.86 24.01 24.22
CA GLU C 180 -33.63 23.28 23.92
C GLU C 180 -32.66 23.28 25.11
N SER C 181 -33.12 23.83 26.25
CA SER C 181 -32.29 24.08 27.42
C SER C 181 -31.82 22.77 28.08
N ILE C 182 -32.47 21.66 27.76
CA ILE C 182 -32.06 20.37 28.30
C ILE C 182 -30.83 19.85 27.56
N PHE C 183 -30.48 20.46 26.42
CA PHE C 183 -29.37 20.01 25.59
C PHE C 183 -28.12 20.84 25.89
N ASP C 184 -26.95 20.39 25.43
CA ASP C 184 -25.71 21.05 25.78
C ASP C 184 -25.43 22.20 24.83
N VAL C 185 -26.00 22.13 23.63
CA VAL C 185 -25.81 23.16 22.63
C VAL C 185 -27.12 23.32 21.88
N TYR C 186 -27.37 24.55 21.42
CA TYR C 186 -28.57 24.90 20.69
C TYR C 186 -28.32 24.58 19.22
N ALA C 187 -29.36 24.08 18.53
CA ALA C 187 -29.25 23.75 17.11
C ALA C 187 -30.60 23.88 16.42
N TYR C 188 -30.53 24.28 15.16
CA TYR C 188 -31.67 24.22 14.26
C TYR C 188 -31.21 23.78 12.88
N ASN C 189 -32.12 23.13 12.14
CA ASN C 189 -32.09 23.16 10.69
C ASN C 189 -32.72 24.45 10.19
N CYS C 190 -32.01 25.18 9.32
CA CYS C 190 -32.36 26.55 8.99
C CYS C 190 -32.39 26.72 7.48
N TYR C 191 -33.58 27.06 6.97
CA TYR C 191 -33.83 27.27 5.56
C TYR C 191 -34.38 28.68 5.35
N ASP C 192 -33.82 29.33 4.34
CA ASP C 192 -34.27 30.64 3.91
C ASP C 192 -35.05 30.51 2.60
N HIS C 193 -36.38 30.45 2.73
CA HIS C 193 -37.30 30.37 1.60
C HIS C 193 -38.11 31.66 1.49
N ASN C 194 -37.79 32.63 2.32
CA ASN C 194 -38.45 33.92 2.31
C ASN C 194 -39.98 33.78 2.43
N GLU C 195 -40.43 33.02 3.43
CA GLU C 195 -41.85 32.81 3.66
C GLU C 195 -42.08 32.68 5.16
N GLY C 196 -43.32 32.92 5.58
CA GLY C 196 -43.62 32.90 7.00
C GLY C 196 -42.60 33.72 7.80
N GLN C 197 -42.03 33.11 8.83
CA GLN C 197 -41.07 33.75 9.72
C GLN C 197 -39.87 34.33 8.96
N THR C 198 -39.39 33.67 7.88
CA THR C 198 -38.26 34.21 7.13
C THR C 198 -38.70 35.35 6.21
N ALA C 199 -40.02 35.53 5.94
CA ALA C 199 -40.53 36.66 5.16
C ALA C 199 -40.71 37.89 6.04
N THR C 200 -41.02 37.69 7.31
CA THR C 200 -41.31 38.81 8.22
C THR C 200 -40.06 39.35 8.87
N MET C 201 -39.20 38.48 9.40
CA MET C 201 -38.04 38.96 10.18
C MET C 201 -36.74 38.87 9.36
N GLY C 202 -36.75 38.14 8.26
CA GLY C 202 -35.51 37.90 7.51
C GLY C 202 -34.84 36.67 8.07
N PHE C 203 -33.95 36.04 7.30
CA PHE C 203 -33.33 34.81 7.77
C PHE C 203 -32.50 35.10 9.00
N LYS C 204 -31.59 36.08 8.90
CA LYS C 204 -30.67 36.33 10.00
C LYS C 204 -31.44 36.63 11.28
N ASP C 205 -32.39 37.57 11.21
CA ASP C 205 -33.03 38.02 12.44
C ASP C 205 -33.98 36.94 12.98
N TYR C 206 -34.53 36.09 12.10
CA TYR C 206 -35.39 35.02 12.59
C TYR C 206 -34.58 34.10 13.51
N ILE C 207 -33.49 33.56 12.98
CA ILE C 207 -32.64 32.64 13.74
C ILE C 207 -31.98 33.33 14.94
N LYS C 208 -31.51 34.57 14.75
CA LYS C 208 -30.94 35.32 15.85
C LYS C 208 -31.94 35.50 16.99
N GLY C 209 -33.23 35.70 16.65
CA GLY C 209 -34.27 35.88 17.66
C GLY C 209 -34.57 34.60 18.45
N LEU C 210 -34.42 33.41 17.83
CA LEU C 210 -34.57 32.17 18.56
C LEU C 210 -33.42 32.03 19.56
N ASN C 211 -32.22 32.42 19.13
CA ASN C 211 -31.01 32.26 19.92
C ASN C 211 -31.11 33.18 21.15
N GLU C 212 -31.63 34.39 20.95
CA GLU C 212 -31.90 35.30 22.06
C GLU C 212 -32.89 34.67 23.05
N LEU C 213 -33.96 34.08 22.51
CA LEU C 213 -34.98 33.45 23.33
C LEU C 213 -34.37 32.25 24.06
N ASN C 214 -33.49 31.50 23.40
CA ASN C 214 -32.79 30.38 24.05
C ASN C 214 -31.95 30.85 25.23
N GLY C 215 -31.51 32.13 25.24
CA GLY C 215 -30.78 32.69 26.38
C GLY C 215 -29.30 32.97 26.13
N LEU C 216 -28.79 32.77 24.91
CA LEU C 216 -27.42 33.14 24.57
C LEU C 216 -26.46 32.61 25.63
N ASP C 217 -26.73 31.41 26.11
CA ASP C 217 -25.97 30.87 27.22
C ASP C 217 -25.24 29.61 26.77
N LYS C 218 -25.42 29.16 25.52
CA LYS C 218 -24.79 27.96 25.01
C LYS C 218 -24.35 28.15 23.56
N PRO C 219 -23.35 27.38 23.07
CA PRO C 219 -22.99 27.46 21.66
C PRO C 219 -24.21 27.13 20.82
N PHE C 220 -24.35 27.85 19.70
CA PHE C 220 -25.39 27.58 18.71
C PHE C 220 -24.73 27.15 17.38
N ILE C 221 -25.27 26.06 16.80
CA ILE C 221 -24.82 25.51 15.52
C ILE C 221 -26.05 25.28 14.61
N THR C 222 -25.79 25.24 13.29
CA THR C 222 -26.81 24.85 12.32
C THR C 222 -26.54 23.42 11.86
N THR C 223 -27.60 22.62 11.82
CA THR C 223 -27.44 21.22 11.49
C THR C 223 -27.84 20.97 10.04
N ALA C 224 -28.26 22.03 9.34
CA ALA C 224 -28.60 22.00 7.91
C ALA C 224 -29.03 23.38 7.41
N PHE C 225 -28.83 23.57 6.10
CA PHE C 225 -29.24 24.73 5.35
C PHE C 225 -28.80 24.45 3.92
N GLY C 226 -29.56 25.04 2.97
CA GLY C 226 -29.22 24.96 1.55
C GLY C 226 -30.44 24.95 0.62
N TYR C 227 -30.19 24.50 -0.63
CA TYR C 227 -31.12 24.65 -1.75
C TYR C 227 -31.04 23.46 -2.68
N SER C 228 -32.17 23.16 -3.31
CA SER C 228 -32.32 22.06 -4.22
C SER C 228 -32.36 22.60 -5.64
N VAL C 229 -31.73 21.81 -6.56
CA VAL C 229 -31.67 22.12 -7.98
C VAL C 229 -32.54 21.19 -8.81
N SER C 230 -33.64 20.71 -8.22
CA SER C 230 -34.58 19.84 -8.91
C SER C 230 -35.06 20.60 -10.14
N PRO C 231 -35.22 19.92 -11.30
CA PRO C 231 -35.75 20.54 -12.51
C PRO C 231 -37.06 21.30 -12.30
N GLU C 232 -37.91 20.75 -11.39
CA GLU C 232 -39.20 21.33 -11.08
C GLU C 232 -39.62 20.83 -9.71
N GLY C 233 -40.86 21.20 -9.36
CA GLY C 233 -41.47 20.79 -8.10
C GLY C 233 -41.10 21.76 -6.98
N GLY C 234 -41.73 21.53 -5.82
CA GLY C 234 -41.61 22.32 -4.62
C GLY C 234 -42.51 23.53 -4.75
N ASN C 235 -42.10 24.67 -4.19
CA ASN C 235 -42.66 25.95 -4.54
C ASN C 235 -41.75 27.07 -4.00
N GLY C 236 -41.81 28.22 -4.66
CA GLY C 236 -40.89 29.30 -4.37
C GLY C 236 -39.46 28.79 -4.51
N GLN C 237 -38.67 29.08 -3.47
CA GLN C 237 -37.26 28.79 -3.49
C GLN C 237 -37.02 27.35 -3.05
N TYR C 238 -38.08 26.63 -2.66
CA TYR C 238 -37.95 25.23 -2.26
C TYR C 238 -38.18 24.34 -3.49
N GLY C 239 -37.13 23.61 -3.83
CA GLY C 239 -36.98 23.02 -5.15
C GLY C 239 -36.72 24.09 -6.19
N SER C 240 -36.36 23.62 -7.39
CA SER C 240 -36.40 24.39 -8.62
C SER C 240 -35.35 25.52 -8.72
N ASN C 241 -34.26 25.48 -7.94
CA ASN C 241 -33.20 26.46 -8.10
C ASN C 241 -32.28 26.13 -9.26
N THR C 242 -31.64 27.14 -9.87
CA THR C 242 -30.55 26.90 -10.81
C THR C 242 -29.30 26.51 -10.03
N LEU C 243 -28.27 26.07 -10.73
CA LEU C 243 -26.98 25.84 -10.08
C LEU C 243 -26.41 27.14 -9.48
N LYS C 244 -26.57 28.27 -10.19
CA LYS C 244 -26.16 29.56 -9.67
C LYS C 244 -26.91 29.95 -8.40
N GLN C 245 -28.25 29.83 -8.40
CA GLN C 245 -29.05 30.15 -7.22
C GLN C 245 -28.64 29.27 -6.05
N GLN C 246 -28.39 27.99 -6.33
CA GLN C 246 -27.91 27.11 -5.27
C GLN C 246 -26.62 27.69 -4.70
N SER C 247 -25.65 27.98 -5.57
CA SER C 247 -24.33 28.39 -5.13
C SER C 247 -24.45 29.70 -4.35
N ASP C 248 -25.11 30.69 -4.96
CA ASP C 248 -25.25 31.99 -4.29
C ASP C 248 -26.02 31.82 -2.98
N GLY C 249 -27.03 30.91 -2.98
CA GLY C 249 -27.88 30.68 -1.81
C GLY C 249 -27.10 30.19 -0.58
N LEU C 250 -26.18 29.25 -0.83
CA LEU C 250 -25.43 28.66 0.28
C LEU C 250 -24.55 29.74 0.91
N ILE C 251 -23.96 30.64 0.10
CA ILE C 251 -23.09 31.69 0.60
C ILE C 251 -23.92 32.72 1.37
N SER C 252 -25.11 33.05 0.81
CA SER C 252 -26.07 33.95 1.46
C SER C 252 -26.45 33.39 2.84
N ASN C 253 -26.77 32.07 2.88
CA ASN C 253 -27.07 31.44 4.16
C ASN C 253 -25.90 31.47 5.13
N TYR C 254 -24.68 31.20 4.66
CA TYR C 254 -23.55 31.03 5.55
C TYR C 254 -23.31 32.34 6.30
N ARG C 255 -23.30 33.45 5.56
CA ARG C 255 -23.15 34.77 6.14
C ARG C 255 -24.24 34.98 7.20
N ASP C 256 -25.49 34.81 6.77
CA ASP C 256 -26.64 35.16 7.59
C ASP C 256 -26.60 34.34 8.87
N LEU C 257 -26.18 33.07 8.78
CA LEU C 257 -26.33 32.26 9.97
C LEU C 257 -25.23 32.55 10.97
N ILE C 258 -24.02 32.88 10.48
CA ILE C 258 -22.99 33.37 11.38
C ILE C 258 -23.51 34.64 12.08
N ASP C 259 -24.19 35.49 11.32
CA ASP C 259 -24.72 36.75 11.84
C ASP C 259 -25.75 36.53 12.96
N ALA C 260 -26.36 35.34 12.99
CA ALA C 260 -27.32 34.97 14.03
C ALA C 260 -26.59 34.44 15.25
N GLY C 261 -25.27 34.25 15.14
CA GLY C 261 -24.46 33.84 16.28
C GLY C 261 -23.96 32.40 16.19
N ALA C 262 -24.05 31.76 15.01
CA ALA C 262 -23.69 30.36 14.84
C ALA C 262 -22.17 30.23 14.90
N VAL C 263 -21.69 29.25 15.67
CA VAL C 263 -20.25 28.96 15.80
C VAL C 263 -19.94 27.55 15.25
N GLY C 264 -20.94 26.95 14.63
CA GLY C 264 -20.76 25.73 13.87
C GLY C 264 -21.83 25.67 12.79
N MET C 265 -21.44 25.10 11.64
CA MET C 265 -22.26 25.18 10.44
C MET C 265 -22.24 23.82 9.76
N CYS C 266 -23.45 23.32 9.48
CA CYS C 266 -23.61 22.07 8.76
C CYS C 266 -24.43 22.27 7.48
N PRO C 267 -23.86 22.92 6.43
CA PRO C 267 -24.49 22.98 5.11
C PRO C 267 -24.94 21.61 4.59
N PHE C 268 -26.12 21.63 3.95
CA PHE C 268 -26.84 20.47 3.46
C PHE C 268 -26.85 20.47 1.94
N TYR C 269 -26.23 19.46 1.31
CA TYR C 269 -25.32 18.49 1.93
C TYR C 269 -24.40 17.93 0.84
N TYR C 270 -23.62 16.89 1.14
CA TYR C 270 -22.59 16.40 0.21
C TYR C 270 -23.17 15.90 -1.12
N ALA C 271 -24.10 14.94 -1.14
CA ALA C 271 -24.53 14.40 -2.43
C ALA C 271 -26.00 14.00 -2.48
N ASP C 272 -26.56 14.04 -3.70
CA ASP C 272 -27.96 13.75 -3.93
C ASP C 272 -28.31 12.36 -3.40
N GLY C 273 -29.49 12.29 -2.80
CA GLY C 273 -30.14 11.04 -2.41
C GLY C 273 -31.37 10.80 -3.27
N TRP C 274 -31.29 9.86 -4.21
CA TRP C 274 -32.37 9.59 -5.14
C TRP C 274 -33.54 8.91 -4.41
N TRP C 275 -33.23 8.34 -3.24
CA TRP C 275 -34.22 7.61 -2.47
C TRP C 275 -35.25 8.57 -1.87
N LYS C 276 -34.87 9.83 -1.76
CA LYS C 276 -35.48 10.72 -0.79
C LYS C 276 -36.90 11.11 -1.18
N GLY C 277 -37.28 10.95 -2.44
CA GLY C 277 -38.64 11.26 -2.86
C GLY C 277 -39.36 10.03 -3.42
N GLY C 278 -38.95 8.82 -2.99
CA GLY C 278 -39.47 7.58 -3.53
C GLY C 278 -38.69 7.18 -4.78
N GLU C 279 -38.78 5.90 -5.10
CA GLU C 279 -38.06 5.31 -6.21
C GLU C 279 -36.57 5.61 -6.09
N LYS C 280 -35.87 4.75 -5.38
CA LYS C 280 -34.43 4.94 -5.16
C LYS C 280 -33.61 4.80 -6.44
N SER C 281 -34.15 4.12 -7.46
CA SER C 281 -33.48 3.86 -8.73
C SER C 281 -33.77 4.88 -9.82
N ASP C 282 -34.57 5.89 -9.48
CA ASP C 282 -34.92 6.91 -10.44
C ASP C 282 -34.71 8.26 -9.78
N HIS C 283 -34.22 9.21 -10.59
CA HIS C 283 -34.03 10.57 -10.12
C HIS C 283 -35.22 11.40 -10.57
N SER C 284 -36.16 11.58 -9.67
CA SER C 284 -37.41 12.19 -10.07
C SER C 284 -37.21 13.70 -10.33
N LEU C 285 -37.77 14.17 -11.45
CA LEU C 285 -37.57 15.54 -11.91
C LEU C 285 -38.31 16.51 -11.00
N ASN C 286 -39.36 16.04 -10.30
CA ASN C 286 -40.17 16.96 -9.51
C ASN C 286 -40.11 16.71 -8.01
N GLN C 287 -39.01 16.12 -7.52
CA GLN C 287 -38.83 15.88 -6.10
C GLN C 287 -37.70 16.75 -5.60
N PRO C 288 -37.97 17.91 -4.99
CA PRO C 288 -36.90 18.76 -4.43
C PRO C 288 -35.82 17.99 -3.66
N GLU C 289 -36.27 16.95 -2.94
CA GLU C 289 -35.51 16.32 -1.88
C GLU C 289 -34.36 15.49 -2.47
N GLU C 290 -34.42 15.18 -3.78
CA GLU C 290 -33.42 14.35 -4.42
C GLU C 290 -32.29 15.18 -5.04
N TRP C 291 -32.34 16.53 -4.90
CA TRP C 291 -31.41 17.38 -5.63
C TRP C 291 -30.73 18.41 -4.72
N PHE C 292 -30.47 18.08 -3.47
CA PHE C 292 -29.87 18.99 -2.52
C PHE C 292 -28.34 18.92 -2.48
N GLY C 293 -27.75 17.98 -3.21
CA GLY C 293 -26.33 17.69 -3.05
C GLY C 293 -25.47 18.81 -3.60
N PHE C 294 -24.27 18.95 -3.03
CA PHE C 294 -23.21 19.69 -3.69
C PHE C 294 -22.61 18.83 -4.80
N TRP C 295 -22.74 17.50 -4.69
CA TRP C 295 -22.29 16.61 -5.75
C TRP C 295 -23.52 15.95 -6.37
N GLY C 296 -23.43 15.64 -7.67
CA GLY C 296 -24.55 15.06 -8.40
C GLY C 296 -24.10 13.88 -9.22
N TYR C 297 -25.01 12.92 -9.40
CA TYR C 297 -24.75 11.66 -10.08
C TYR C 297 -25.22 11.78 -11.52
N SER C 298 -24.39 11.27 -12.44
CA SER C 298 -24.70 11.29 -13.86
C SER C 298 -25.90 10.39 -14.17
N ASP C 299 -26.03 9.26 -13.47
CA ASP C 299 -27.00 8.23 -13.85
C ASP C 299 -27.11 7.23 -12.71
N LEU C 300 -28.04 6.27 -12.86
CA LEU C 300 -28.26 5.17 -11.93
C LEU C 300 -27.01 4.37 -11.57
N ASN C 301 -25.99 4.32 -12.43
CA ASN C 301 -24.85 3.46 -12.16
C ASN C 301 -23.71 4.24 -11.49
N ASP C 302 -23.89 5.53 -11.27
CA ASP C 302 -22.79 6.39 -10.84
C ASP C 302 -22.62 6.28 -9.34
N LYS C 303 -21.46 5.82 -8.92
CA LYS C 303 -21.20 5.71 -7.51
C LYS C 303 -20.35 6.90 -7.04
N TYR C 304 -19.98 7.84 -7.93
CA TYR C 304 -18.95 8.81 -7.62
C TYR C 304 -19.51 10.24 -7.65
N GLY C 305 -20.03 10.63 -8.80
CA GLY C 305 -20.57 11.97 -8.97
C GLY C 305 -19.46 12.97 -9.29
N THR C 306 -19.90 14.22 -9.52
CA THR C 306 -19.01 15.35 -9.75
C THR C 306 -19.59 16.58 -9.04
N PRO C 307 -18.72 17.47 -8.53
CA PRO C 307 -19.20 18.63 -7.78
C PRO C 307 -19.98 19.65 -8.60
N ARG C 308 -20.99 20.27 -7.98
CA ARG C 308 -21.64 21.41 -8.60
C ARG C 308 -20.92 22.70 -8.19
N PRO C 309 -21.24 23.85 -8.86
CA PRO C 309 -20.53 25.12 -8.61
C PRO C 309 -20.52 25.52 -7.15
N VAL C 310 -21.60 25.20 -6.43
CA VAL C 310 -21.69 25.44 -5.00
C VAL C 310 -20.44 24.90 -4.27
N TRP C 311 -19.95 23.73 -4.68
CA TRP C 311 -18.80 23.12 -4.02
C TRP C 311 -17.61 24.07 -3.94
N PHE C 312 -17.34 24.72 -5.07
CA PHE C 312 -16.19 25.60 -5.24
C PHE C 312 -16.44 26.91 -4.50
N ALA C 313 -17.69 27.40 -4.52
CA ALA C 313 -18.00 28.66 -3.86
C ALA C 313 -17.86 28.47 -2.35
N MET C 314 -18.33 27.33 -1.85
CA MET C 314 -18.22 26.99 -0.42
C MET C 314 -16.76 26.85 0.00
N ARG C 315 -16.00 26.02 -0.69
CA ARG C 315 -14.61 25.88 -0.40
C ARG C 315 -13.92 27.25 -0.33
N ASP C 316 -14.11 28.08 -1.35
CA ASP C 316 -13.43 29.37 -1.36
C ASP C 316 -13.94 30.25 -0.23
N TYR C 317 -15.25 30.17 0.08
CA TYR C 317 -15.84 30.98 1.12
C TYR C 317 -15.30 30.58 2.49
N MET C 318 -15.00 29.31 2.69
CA MET C 318 -14.59 28.84 4.01
C MET C 318 -13.14 29.22 4.35
N LYS C 319 -12.34 29.70 3.40
CA LYS C 319 -10.93 29.90 3.70
C LYS C 319 -10.71 30.91 4.83
N GLY C 320 -11.60 31.91 4.94
CA GLY C 320 -11.47 32.93 5.96
C GLY C 320 -12.86 33.41 6.36
N LEU C 321 -13.26 33.08 7.60
CA LEU C 321 -14.60 33.38 8.06
C LEU C 321 -14.58 34.64 8.96
N ILE C 322 -15.55 35.54 8.72
CA ILE C 322 -15.75 36.72 9.54
C ILE C 322 -16.90 36.40 10.49
N ILE C 323 -16.61 36.33 11.79
CA ILE C 323 -17.64 36.11 12.79
C ILE C 323 -18.16 37.44 13.35
N SER C 324 -17.24 38.37 13.60
CA SER C 324 -17.55 39.73 14.02
C SER C 324 -16.60 40.67 13.28
N PRO C 325 -17.03 41.87 12.81
CA PRO C 325 -18.41 42.34 12.97
C PRO C 325 -19.39 41.56 12.10
N LYS C 326 -20.68 41.66 12.44
CA LYS C 326 -21.71 40.91 11.74
C LYS C 326 -22.37 41.77 10.65
N ASN C 327 -22.72 41.12 9.53
CA ASN C 327 -23.45 41.80 8.48
C ASN C 327 -24.82 42.25 8.99
N LYS C 328 -25.12 43.53 8.73
CA LYS C 328 -26.36 44.21 9.08
C LYS C 328 -26.43 44.44 10.59
N SER C 329 -25.27 44.60 11.22
CA SER C 329 -25.19 44.94 12.62
C SER C 329 -25.17 46.45 12.80
N ILE C 330 -25.64 46.90 13.97
CA ILE C 330 -25.70 48.33 14.29
C ILE C 330 -24.72 48.58 15.43
N HIS C 331 -23.92 49.64 15.34
CA HIS C 331 -22.84 49.87 16.29
C HIS C 331 -22.85 51.34 16.68
N THR C 332 -22.84 51.62 17.98
CA THR C 332 -22.73 52.99 18.44
C THR C 332 -21.40 53.18 19.15
N ASN C 333 -20.39 52.44 18.71
CA ASN C 333 -19.11 52.48 19.35
C ASN C 333 -18.10 52.70 18.24
N THR C 334 -17.02 53.45 18.50
CA THR C 334 -15.96 53.63 17.51
C THR C 334 -15.05 52.40 17.48
N LYS C 335 -15.05 51.56 18.52
CA LYS C 335 -14.27 50.33 18.52
C LYS C 335 -15.19 49.16 18.24
N ILE C 336 -14.94 48.45 17.14
CA ILE C 336 -15.78 47.33 16.70
C ILE C 336 -15.02 46.04 16.98
N PRO C 337 -15.55 45.11 17.80
CA PRO C 337 -14.96 43.77 17.93
C PRO C 337 -14.72 43.09 16.60
N LEU C 338 -13.50 42.58 16.40
CA LEU C 338 -13.20 41.77 15.23
C LEU C 338 -12.90 40.33 15.64
N GLU C 339 -13.60 39.38 15.01
CA GLU C 339 -13.42 37.95 15.26
C GLU C 339 -13.31 37.25 13.91
N LEU C 340 -12.22 36.51 13.69
CA LEU C 340 -12.01 35.75 12.47
C LEU C 340 -11.69 34.28 12.79
N TYR C 341 -12.04 33.40 11.85
CA TYR C 341 -11.58 32.02 11.84
C TYR C 341 -10.96 31.71 10.47
N ASN C 342 -9.63 31.61 10.44
CA ASN C 342 -8.82 31.49 9.22
C ASN C 342 -8.23 30.08 9.04
N ASP C 343 -8.32 29.55 7.83
CA ASP C 343 -7.59 28.35 7.51
C ASP C 343 -6.11 28.69 7.36
N LYS C 344 -5.29 27.67 7.03
CA LYS C 344 -3.85 27.76 7.17
C LYS C 344 -3.25 28.59 6.04
N ASP C 345 -4.05 28.88 5.02
CA ASP C 345 -3.60 29.63 3.85
C ASP C 345 -3.65 31.14 4.06
N VAL C 346 -4.49 31.63 4.97
CA VAL C 346 -4.62 33.07 5.22
C VAL C 346 -3.38 33.59 5.97
N LYS C 347 -2.67 34.55 5.38
CA LYS C 347 -1.45 35.09 5.99
C LYS C 347 -1.58 36.56 6.31
N LYS C 348 -2.63 37.20 5.76
CA LYS C 348 -2.85 38.60 6.00
C LYS C 348 -4.34 38.93 5.85
N VAL C 349 -4.82 39.85 6.68
CA VAL C 349 -6.18 40.30 6.56
C VAL C 349 -6.20 41.82 6.56
N VAL C 350 -6.86 42.37 5.54
CA VAL C 350 -7.01 43.82 5.40
C VAL C 350 -8.49 44.14 5.35
N VAL C 351 -8.86 45.23 6.03
CA VAL C 351 -10.19 45.83 5.96
C VAL C 351 -10.06 47.25 5.42
N LYS C 352 -10.83 47.53 4.38
CA LYS C 352 -10.96 48.85 3.80
C LYS C 352 -12.37 49.41 3.99
N PHE C 353 -12.42 50.72 4.07
CA PHE C 353 -13.62 51.49 3.88
C PHE C 353 -13.35 52.59 2.86
N ARG C 354 -14.14 52.64 1.78
CA ARG C 354 -13.95 53.64 0.74
C ARG C 354 -12.49 53.66 0.31
N ASP C 355 -11.91 52.46 0.12
CA ASP C 355 -10.62 52.27 -0.55
C ASP C 355 -9.43 52.69 0.33
N LYS C 356 -9.71 52.97 1.60
CA LYS C 356 -8.71 53.35 2.61
C LYS C 356 -8.63 52.19 3.60
N VAL C 357 -7.38 51.74 3.83
CA VAL C 357 -7.10 50.73 4.82
C VAL C 357 -7.41 51.28 6.22
N ILE C 358 -8.35 50.63 6.92
CA ILE C 358 -8.60 50.94 8.32
C ILE C 358 -8.08 49.83 9.24
N TYR C 359 -7.71 48.66 8.72
CA TYR C 359 -7.19 47.57 9.55
C TYR C 359 -6.32 46.65 8.69
N SER C 360 -5.18 46.23 9.22
CA SER C 360 -4.21 45.38 8.52
C SER C 360 -3.46 44.52 9.53
N LYS C 361 -3.42 43.19 9.32
CA LYS C 361 -2.79 42.31 10.28
C LYS C 361 -2.21 41.07 9.58
N ASN C 362 -0.89 40.85 9.72
CA ASN C 362 -0.27 39.61 9.29
C ASN C 362 -0.73 38.50 10.22
N ILE C 363 -1.22 37.39 9.67
CA ILE C 363 -1.70 36.27 10.46
C ILE C 363 -0.56 35.28 10.68
N THR C 364 -0.14 35.13 11.94
CA THR C 364 0.92 34.19 12.32
C THR C 364 0.30 32.84 12.71
N SER C 365 -0.94 32.84 13.17
CA SER C 365 -1.54 31.62 13.71
C SER C 365 -2.90 31.37 13.05
N GLU C 366 -3.17 30.13 12.66
CA GLU C 366 -4.43 29.77 12.01
C GLU C 366 -5.55 29.58 13.05
N GLY C 367 -6.79 29.44 12.59
CA GLY C 367 -7.93 29.33 13.48
C GLY C 367 -8.43 30.69 14.00
N TYR C 368 -8.89 30.71 15.26
CA TYR C 368 -9.55 31.87 15.84
C TYR C 368 -8.53 32.97 16.14
N MET C 369 -8.91 34.23 15.84
CA MET C 369 -8.20 35.40 16.32
C MET C 369 -9.19 36.56 16.53
N ALA C 370 -8.98 37.29 17.62
CA ALA C 370 -9.87 38.39 18.00
C ALA C 370 -9.03 39.68 18.02
N ASP C 371 -9.63 40.77 17.57
CA ASP C 371 -9.00 42.07 17.58
C ASP C 371 -10.11 43.12 17.61
N GLU C 372 -9.80 44.36 17.20
CA GLU C 372 -10.84 45.37 17.06
C GLU C 372 -10.49 46.34 15.94
N LEU C 373 -11.54 46.83 15.26
CA LEU C 373 -11.44 47.84 14.22
C LEU C 373 -11.73 49.17 14.85
N THR C 374 -11.12 50.23 14.32
CA THR C 374 -11.52 51.57 14.66
C THR C 374 -12.19 52.20 13.44
N ILE C 375 -13.34 52.83 13.69
CA ILE C 375 -14.09 53.57 12.68
C ILE C 375 -14.34 54.98 13.20
N ASP C 376 -14.63 55.89 12.27
CA ASP C 376 -14.84 57.30 12.62
C ASP C 376 -16.12 57.78 11.91
N PRO C 377 -17.31 57.24 12.23
CA PRO C 377 -18.53 57.57 11.50
C PRO C 377 -18.97 59.02 11.63
N VAL C 378 -19.58 59.54 10.55
CA VAL C 378 -20.12 60.89 10.53
C VAL C 378 -21.64 60.80 10.65
N GLY C 379 -22.18 61.39 11.71
CA GLY C 379 -23.58 61.27 12.05
C GLY C 379 -23.98 59.80 12.08
N ILE C 380 -25.12 59.49 11.46
CA ILE C 380 -25.46 58.11 11.17
C ILE C 380 -24.94 57.76 9.77
N GLU C 381 -24.05 56.76 9.74
CA GLU C 381 -23.30 56.38 8.54
C GLU C 381 -23.43 54.89 8.21
N ASP C 382 -24.06 54.56 7.07
CA ASP C 382 -23.95 53.21 6.54
C ASP C 382 -22.52 52.98 6.03
N MET C 383 -21.94 51.81 6.33
CA MET C 383 -20.58 51.50 5.95
C MET C 383 -20.49 50.08 5.42
N GLU C 384 -20.01 49.93 4.18
CA GLU C 384 -19.64 48.63 3.64
C GLU C 384 -18.16 48.38 3.95
N LEU C 385 -17.88 47.57 4.97
CA LEU C 385 -16.51 47.24 5.33
C LEU C 385 -16.01 46.13 4.40
N ALA C 386 -14.93 46.39 3.65
CA ALA C 386 -14.40 45.49 2.64
C ALA C 386 -13.21 44.69 3.18
N PHE C 387 -13.45 43.40 3.45
CA PHE C 387 -12.44 42.53 4.00
C PHE C 387 -11.72 41.87 2.83
N GLU C 388 -10.38 41.82 2.94
CA GLU C 388 -9.55 41.11 1.97
C GLU C 388 -8.66 40.11 2.71
N PHE C 389 -8.67 38.87 2.22
CA PHE C 389 -7.86 37.77 2.74
C PHE C 389 -6.78 37.42 1.73
N TYR C 390 -5.52 37.34 2.17
CA TYR C 390 -4.35 37.17 1.31
C TYR C 390 -3.58 35.90 1.70
N ASP C 391 -3.01 35.22 0.70
CA ASP C 391 -2.18 34.03 0.87
C ASP C 391 -0.71 34.46 1.06
N SER C 392 0.22 33.49 1.06
CA SER C 392 1.62 33.79 1.34
C SER C 392 2.31 34.46 0.16
N ASP C 393 1.68 34.48 -1.01
CA ASP C 393 2.23 35.26 -2.11
C ASP C 393 1.64 36.68 -2.14
N ASN C 394 0.81 37.04 -1.16
CA ASN C 394 0.24 38.39 -1.11
C ASN C 394 -0.79 38.59 -2.24
N LYS C 395 -1.44 37.50 -2.65
CA LYS C 395 -2.56 37.51 -3.58
C LYS C 395 -3.86 37.34 -2.80
N ILE C 396 -4.90 38.10 -3.20
CA ILE C 396 -6.20 38.07 -2.53
C ILE C 396 -6.90 36.76 -2.87
N ILE C 397 -7.36 36.02 -1.86
CA ILE C 397 -8.01 34.74 -2.12
C ILE C 397 -9.49 34.79 -1.77
N LYS C 398 -9.91 35.81 -1.00
CA LYS C 398 -11.32 36.03 -0.70
C LYS C 398 -11.55 37.51 -0.46
N ASN C 399 -12.62 38.04 -1.07
CA ASN C 399 -13.22 39.32 -0.72
C ASN C 399 -14.51 39.06 0.01
N GLU C 400 -14.80 39.81 1.08
CA GLU C 400 -16.13 39.74 1.70
C GLU C 400 -16.50 41.09 2.33
N SER C 401 -17.74 41.55 2.10
CA SER C 401 -18.22 42.80 2.70
C SER C 401 -18.99 42.50 3.98
N ILE C 402 -18.79 43.38 4.98
CA ILE C 402 -19.66 43.41 6.15
C ILE C 402 -20.33 44.79 6.22
N ASN C 403 -21.66 44.83 6.11
CA ASN C 403 -22.42 46.06 6.09
C ASN C 403 -22.87 46.40 7.51
N ILE C 404 -22.49 47.59 7.96
CA ILE C 404 -22.90 48.07 9.26
C ILE C 404 -23.52 49.45 9.15
N LEU C 405 -24.21 49.81 10.24
CA LEU C 405 -24.77 51.13 10.45
C LEU C 405 -24.15 51.69 11.72
N ALA C 406 -23.44 52.82 11.62
CA ALA C 406 -22.60 53.22 12.73
C ALA C 406 -22.83 54.69 13.06
N SER C 407 -22.63 54.99 14.34
CA SER C 407 -22.67 56.36 14.82
C SER C 407 -21.92 56.44 16.14
N LYS C 408 -21.37 57.61 16.44
CA LYS C 408 -20.75 57.86 17.72
C LYS C 408 -21.82 58.22 18.76
N THR C 409 -23.07 58.43 18.33
CA THR C 409 -24.10 58.77 19.29
C THR C 409 -25.27 57.78 19.10
N ALA C 410 -26.11 57.72 20.13
CA ALA C 410 -27.32 56.92 20.07
C ALA C 410 -28.18 57.52 18.98
N PHE C 411 -29.11 56.72 18.44
CA PHE C 411 -30.12 57.24 17.53
C PHE C 411 -31.37 56.36 17.60
N GLU C 412 -32.51 56.91 17.18
CA GLU C 412 -33.77 56.17 17.13
C GLU C 412 -33.89 55.44 15.79
N LEU C 413 -34.20 54.15 15.89
CA LEU C 413 -34.65 53.34 14.78
C LEU C 413 -36.17 53.41 14.73
N PRO C 414 -36.80 53.10 13.58
CA PRO C 414 -38.23 52.82 13.54
C PRO C 414 -38.46 51.43 14.14
N GLU C 415 -39.63 51.25 14.75
CA GLU C 415 -39.95 50.10 15.58
C GLU C 415 -41.31 49.55 15.19
N LEU C 416 -41.34 48.24 14.98
CA LEU C 416 -42.55 47.51 14.68
C LEU C 416 -42.85 46.58 15.86
N THR C 417 -44.04 46.73 16.46
CA THR C 417 -44.50 45.84 17.52
C THR C 417 -45.85 45.28 17.08
N ILE C 418 -46.23 44.12 17.60
CA ILE C 418 -47.54 43.55 17.28
C ILE C 418 -48.29 43.20 18.57
N GLU C 419 -49.62 43.23 18.45
CA GLU C 419 -50.55 42.78 19.48
C GLU C 419 -51.41 41.68 18.87
N VAL C 420 -51.36 40.47 19.43
CA VAL C 420 -51.99 39.30 18.84
C VAL C 420 -53.16 38.89 19.75
N THR C 421 -54.32 38.65 19.13
CA THR C 421 -55.47 38.05 19.79
C THR C 421 -55.76 36.70 19.14
N PRO C 422 -56.14 35.65 19.91
CA PRO C 422 -55.84 35.56 21.35
C PRO C 422 -54.34 35.61 21.67
N GLU C 423 -54.05 36.13 22.86
CA GLU C 423 -52.73 36.61 23.25
C GLU C 423 -51.90 35.48 23.86
N LYS C 424 -52.55 34.55 24.60
CA LYS C 424 -51.89 33.57 25.45
C LYS C 424 -52.50 32.18 25.33
N ASP C 425 -53.75 32.07 24.89
CA ASP C 425 -54.42 30.78 24.91
C ASP C 425 -55.33 30.67 23.69
N LEU C 426 -54.93 29.84 22.72
CA LEU C 426 -55.66 29.67 21.48
C LEU C 426 -57.08 29.09 21.70
N ASN C 427 -57.36 28.51 22.87
CA ASN C 427 -58.70 28.05 23.14
C ASN C 427 -59.67 29.23 23.28
N GLU C 428 -59.17 30.46 23.40
CA GLU C 428 -60.04 31.61 23.65
C GLU C 428 -60.76 32.10 22.39
N GLY C 429 -60.53 31.46 21.22
CA GLY C 429 -61.21 31.87 20.01
C GLY C 429 -60.99 30.89 18.86
N LYS C 430 -61.84 31.02 17.83
CA LYS C 430 -61.67 30.36 16.56
C LYS C 430 -60.98 31.29 15.55
N ILE C 431 -60.95 32.60 15.84
CA ILE C 431 -60.38 33.56 14.92
C ILE C 431 -59.31 34.38 15.64
N ALA C 432 -58.22 34.70 14.92
CA ALA C 432 -57.11 35.46 15.47
C ALA C 432 -56.99 36.79 14.73
N SER C 433 -56.33 37.77 15.36
CA SER C 433 -55.88 38.95 14.66
C SER C 433 -54.43 39.30 15.04
N ILE C 434 -53.78 40.03 14.13
CA ILE C 434 -52.50 40.65 14.42
C ILE C 434 -52.64 42.13 14.15
N LYS C 435 -52.54 42.96 15.20
CA LYS C 435 -52.51 44.40 15.06
C LYS C 435 -51.05 44.87 15.04
N THR C 436 -50.58 45.32 13.87
CA THR C 436 -49.21 45.82 13.73
C THR C 436 -49.16 47.33 13.99
N LYS C 437 -48.11 47.80 14.68
CA LYS C 437 -47.87 49.22 14.89
C LYS C 437 -46.41 49.57 14.52
N ILE C 438 -46.22 50.46 13.54
CA ILE C 438 -44.90 50.91 13.14
C ILE C 438 -44.71 52.37 13.55
N GLU C 439 -43.74 52.61 14.45
CA GLU C 439 -43.27 53.96 14.79
C GLU C 439 -42.22 54.38 13.77
N THR C 440 -42.51 55.41 12.97
CA THR C 440 -41.60 55.86 11.93
C THR C 440 -40.48 56.68 12.56
N SER C 441 -39.38 56.79 11.81
CA SER C 441 -38.22 57.61 12.14
C SER C 441 -37.80 58.40 10.91
N GLU C 442 -37.64 59.70 11.10
CA GLU C 442 -37.45 60.66 10.01
C GLU C 442 -36.32 60.20 9.08
N ASN C 443 -35.21 59.69 9.61
CA ASN C 443 -34.09 59.45 8.72
C ASN C 443 -34.20 58.13 7.95
N PHE C 444 -35.19 57.27 8.26
CA PHE C 444 -35.23 55.91 7.78
C PHE C 444 -36.41 55.69 6.83
N THR C 445 -36.17 55.03 5.69
CA THR C 445 -37.20 54.83 4.68
C THR C 445 -37.78 53.42 4.77
N LEU C 446 -39.11 53.34 4.82
CA LEU C 446 -39.80 52.06 4.79
C LEU C 446 -39.90 51.59 3.36
N LEU C 447 -39.76 50.29 3.14
CA LEU C 447 -39.67 49.78 1.79
C LEU C 447 -40.84 48.85 1.51
N ASP C 448 -41.52 49.07 0.38
CA ASP C 448 -42.41 48.07 -0.20
C ASP C 448 -43.48 47.72 0.83
N ASP C 449 -43.65 46.42 1.09
CA ASP C 449 -44.81 45.91 1.81
C ASP C 449 -44.40 45.38 3.19
N LEU C 450 -45.23 45.77 4.17
CA LEU C 450 -45.48 45.03 5.40
C LEU C 450 -45.89 43.57 5.11
N LYS C 451 -45.26 42.61 5.80
CA LYS C 451 -45.61 41.20 5.68
C LYS C 451 -46.08 40.70 7.04
N ILE C 452 -47.18 39.92 7.01
CA ILE C 452 -47.80 39.32 8.18
C ILE C 452 -47.75 37.80 8.04
N SER C 453 -47.39 37.06 9.10
CA SER C 453 -47.44 35.61 9.07
C SER C 453 -48.17 35.06 10.30
N TYR C 454 -49.10 34.13 10.08
CA TYR C 454 -49.75 33.42 11.16
C TYR C 454 -49.49 31.92 10.99
N ASN C 455 -48.32 31.50 11.42
CA ASN C 455 -47.85 30.18 11.04
C ASN C 455 -48.30 29.18 12.08
N THR C 456 -49.29 28.36 11.68
CA THR C 456 -50.02 27.45 12.55
C THR C 456 -49.41 26.04 12.69
N HIS C 457 -48.28 25.76 12.04
CA HIS C 457 -47.43 24.63 12.43
C HIS C 457 -48.12 23.31 12.11
N LEU C 458 -48.99 23.28 11.07
CA LEU C 458 -49.61 22.05 10.60
C LEU C 458 -48.65 21.40 9.61
N GLY C 459 -47.93 20.38 10.08
CA GLY C 459 -46.87 19.78 9.30
C GLY C 459 -45.83 20.83 8.90
N TRP C 460 -45.54 20.86 7.60
CA TRP C 460 -44.68 21.84 6.98
C TRP C 460 -45.44 23.04 6.41
N ALA C 461 -46.79 23.03 6.34
CA ALA C 461 -47.57 24.16 5.89
C ALA C 461 -47.25 25.38 6.76
N ILE C 462 -46.98 26.54 6.14
CA ILE C 462 -46.58 27.72 6.89
C ILE C 462 -47.80 28.56 7.32
N GLY C 463 -49.01 28.19 6.89
CA GLY C 463 -50.20 28.93 7.25
C GLY C 463 -50.37 30.20 6.44
N SER C 464 -51.24 31.09 6.93
CA SER C 464 -51.63 32.30 6.22
C SER C 464 -50.53 33.36 6.26
N GLN C 465 -50.41 34.12 5.17
CA GLN C 465 -49.55 35.30 5.09
C GLN C 465 -50.38 36.43 4.50
N ALA C 466 -49.95 37.68 4.69
CA ALA C 466 -50.57 38.76 3.94
C ALA C 466 -49.50 39.80 3.60
N SER C 467 -49.67 40.51 2.50
CA SER C 467 -48.86 41.68 2.19
C SER C 467 -49.76 42.88 2.22
N VAL C 468 -49.36 43.88 3.01
CA VAL C 468 -50.16 45.06 3.24
C VAL C 468 -49.39 46.27 2.71
N SER C 469 -49.97 46.97 1.75
CA SER C 469 -49.47 48.26 1.29
C SER C 469 -49.71 49.30 2.37
N ILE C 470 -48.63 50.04 2.68
CA ILE C 470 -48.64 51.14 3.63
C ILE C 470 -48.27 52.46 2.94
N SER C 471 -48.23 52.46 1.60
CA SER C 471 -47.91 53.61 0.77
C SER C 471 -48.88 54.78 1.03
N ASP C 472 -50.14 54.51 1.37
CA ASP C 472 -51.11 55.53 1.74
C ASP C 472 -50.87 56.13 3.13
N GLN C 473 -49.80 55.74 3.84
CA GLN C 473 -49.62 56.14 5.22
C GLN C 473 -48.20 56.64 5.52
N LEU C 474 -47.33 56.75 4.51
CA LEU C 474 -45.88 56.84 4.75
C LEU C 474 -45.51 58.10 5.56
N ASP C 475 -46.22 59.22 5.31
CA ASP C 475 -45.98 60.50 5.99
C ASP C 475 -46.28 60.45 7.51
N LYS C 476 -47.12 59.51 7.97
CA LYS C 476 -47.62 59.53 9.34
C LYS C 476 -46.53 59.06 10.31
N LYS C 477 -46.72 59.36 11.59
CA LYS C 477 -45.75 59.09 12.65
C LYS C 477 -45.91 57.65 13.12
N ILE C 478 -47.15 57.18 13.09
CA ILE C 478 -47.50 55.83 13.50
C ILE C 478 -48.33 55.22 12.40
N ILE C 479 -47.90 54.08 11.87
CA ILE C 479 -48.63 53.33 10.85
C ILE C 479 -49.25 52.09 11.51
N THR C 480 -50.53 51.81 11.25
CA THR C 480 -51.12 50.64 11.87
C THR C 480 -51.67 49.71 10.79
N SER C 481 -52.00 48.49 11.18
CA SER C 481 -52.60 47.50 10.30
C SER C 481 -53.31 46.44 11.14
N GLU C 482 -54.39 45.87 10.62
CA GLU C 482 -55.14 44.84 11.35
C GLU C 482 -55.51 43.72 10.36
N ASN C 483 -55.00 42.52 10.62
CA ASN C 483 -55.22 41.40 9.73
C ASN C 483 -55.79 40.21 10.49
N PHE C 484 -56.77 39.53 9.88
CA PHE C 484 -57.47 38.44 10.55
C PHE C 484 -57.04 37.09 9.98
N PHE C 485 -57.08 36.04 10.84
CA PHE C 485 -56.74 34.70 10.42
C PHE C 485 -57.61 33.68 11.16
N ASN C 486 -58.04 32.66 10.43
CA ASN C 486 -58.73 31.56 11.07
C ASN C 486 -57.70 30.73 11.86
N ILE C 487 -58.16 30.20 13.00
CA ILE C 487 -57.38 29.30 13.81
C ILE C 487 -57.84 27.86 13.54
N PRO C 488 -57.00 26.99 12.93
CA PRO C 488 -57.37 25.57 12.81
C PRO C 488 -57.58 24.97 14.21
N ASP C 489 -58.63 24.15 14.35
CA ASP C 489 -58.91 23.41 15.56
C ASP C 489 -57.75 22.50 15.97
N ASN C 490 -56.98 22.01 14.99
CA ASN C 490 -55.79 21.22 15.30
C ASN C 490 -54.51 22.07 15.20
N CYS C 491 -54.61 23.38 15.51
CA CYS C 491 -53.43 24.22 15.74
C CYS C 491 -53.14 24.22 17.23
N TRP C 492 -51.92 23.76 17.57
CA TRP C 492 -51.47 23.57 18.95
C TRP C 492 -50.56 24.73 19.34
N VAL C 493 -49.84 25.25 18.35
CA VAL C 493 -49.01 26.41 18.57
C VAL C 493 -48.95 27.22 17.28
N VAL C 494 -48.78 28.54 17.43
CA VAL C 494 -48.68 29.42 16.29
C VAL C 494 -47.48 30.34 16.52
N ASN C 495 -46.75 30.63 15.45
CA ASN C 495 -45.81 31.74 15.44
C ASN C 495 -46.43 32.87 14.63
N ALA C 496 -46.80 33.94 15.33
CA ALA C 496 -47.43 35.08 14.67
C ALA C 496 -46.37 36.15 14.57
N SER C 497 -46.13 36.61 13.35
CA SER C 497 -45.10 37.61 13.13
C SER C 497 -45.55 38.64 12.11
N ALA C 498 -44.87 39.77 12.13
CA ALA C 498 -44.98 40.75 11.06
C ALA C 498 -43.65 41.51 10.95
N GLY C 499 -43.39 42.07 9.76
CA GLY C 499 -42.12 42.72 9.48
C GLY C 499 -42.11 43.54 8.19
N ILE C 500 -41.20 44.53 8.15
CA ILE C 500 -41.06 45.40 6.99
C ILE C 500 -39.59 45.77 6.80
N SER C 501 -39.21 46.06 5.55
CA SER C 501 -37.84 46.43 5.23
C SER C 501 -37.56 47.92 5.45
N VAL C 502 -36.37 48.23 5.97
CA VAL C 502 -35.95 49.62 6.19
C VAL C 502 -34.60 49.90 5.53
N ARG C 503 -34.47 51.10 4.96
CA ARG C 503 -33.28 51.53 4.24
C ARG C 503 -32.71 52.78 4.90
N TYR C 504 -31.40 52.76 5.17
CA TYR C 504 -30.61 53.96 5.42
C TYR C 504 -29.36 53.89 4.52
N GLY C 505 -29.30 54.74 3.49
CA GLY C 505 -28.22 54.74 2.53
C GLY C 505 -28.23 53.42 1.78
N LYS C 506 -27.13 52.67 1.81
CA LYS C 506 -27.08 51.35 1.17
C LYS C 506 -27.38 50.22 2.16
N PHE C 507 -27.73 50.58 3.40
CA PHE C 507 -27.99 49.62 4.46
C PHE C 507 -29.50 49.33 4.52
N THR C 508 -29.86 48.08 4.24
CA THR C 508 -31.24 47.61 4.28
C THR C 508 -31.32 46.54 5.35
N PHE C 509 -32.41 46.55 6.13
CA PHE C 509 -32.63 45.58 7.18
C PHE C 509 -34.13 45.51 7.42
N LYS C 510 -34.54 44.67 8.38
CA LYS C 510 -35.93 44.46 8.69
C LYS C 510 -36.18 44.79 10.16
N ILE C 511 -37.37 45.35 10.43
CA ILE C 511 -37.90 45.49 11.78
C ILE C 511 -39.13 44.60 11.85
N HIS C 512 -39.39 44.03 13.03
CA HIS C 512 -40.31 42.91 13.11
C HIS C 512 -40.59 42.62 14.57
N ASP C 513 -41.62 41.83 14.79
CA ASP C 513 -41.98 41.32 16.09
C ASP C 513 -42.59 39.95 15.86
N GLN C 514 -42.75 39.24 16.97
CA GLN C 514 -43.00 37.81 16.94
C GLN C 514 -43.64 37.41 18.24
N LYS C 515 -44.70 36.62 18.16
CA LYS C 515 -45.28 35.99 19.34
C LYS C 515 -45.50 34.51 19.07
N ILE C 516 -45.09 33.70 20.04
CA ILE C 516 -45.37 32.26 20.01
C ILE C 516 -46.49 31.97 21.00
N ILE C 517 -47.60 31.39 20.54
CA ILE C 517 -48.79 31.27 21.37
C ILE C 517 -49.30 29.84 21.29
N TYR C 518 -49.74 29.30 22.45
CA TYR C 518 -50.06 27.89 22.62
C TYR C 518 -51.56 27.75 22.86
N ARG C 519 -52.08 26.57 22.53
CA ARG C 519 -53.49 26.30 22.83
C ARG C 519 -53.59 26.05 24.34
N GLY C 520 -53.64 24.81 24.79
CA GLY C 520 -53.84 24.63 26.24
C GLY C 520 -52.56 24.68 27.03
N ASP C 521 -52.30 23.63 27.81
CA ASP C 521 -51.05 23.52 28.61
C ASP C 521 -50.29 22.32 28.04
N TRP C 522 -50.64 21.92 26.83
CA TRP C 522 -50.04 20.71 26.25
C TRP C 522 -48.50 20.80 26.22
N ALA C 523 -47.98 22.04 26.12
CA ALA C 523 -46.56 22.31 25.99
C ALA C 523 -45.93 22.82 27.30
N LYS C 524 -46.52 22.53 28.47
CA LYS C 524 -45.91 23.02 29.71
C LYS C 524 -44.54 22.39 29.87
N GLU C 525 -44.32 21.19 29.30
CA GLU C 525 -43.01 20.53 29.41
C GLU C 525 -42.10 20.93 28.25
N VAL C 526 -42.51 20.62 27.02
CA VAL C 526 -41.67 20.74 25.82
C VAL C 526 -41.41 22.19 25.40
N GLY C 527 -42.33 23.13 25.71
CA GLY C 527 -42.26 24.51 25.20
C GLY C 527 -41.29 25.41 25.96
N ARG C 528 -40.68 26.37 25.24
CA ARG C 528 -39.74 27.29 25.85
C ARG C 528 -40.42 28.03 27.01
N LYS C 529 -39.63 28.28 28.07
CA LYS C 529 -40.07 29.03 29.23
C LYS C 529 -39.36 30.41 29.27
N SER D 3 28.25 -30.33 4.08
CA SER D 3 26.82 -29.98 3.85
C SER D 3 26.16 -29.53 5.16
N LYS D 4 25.08 -28.76 5.04
CA LYS D 4 24.54 -28.04 6.17
C LYS D 4 23.63 -28.95 7.03
N THR D 5 23.50 -28.65 8.33
CA THR D 5 22.62 -29.35 9.25
C THR D 5 21.27 -29.68 8.59
N LYS D 6 20.81 -30.91 8.76
CA LYS D 6 19.47 -31.34 8.38
C LYS D 6 18.58 -31.35 9.62
N ILE D 7 17.52 -30.54 9.59
CA ILE D 7 16.58 -30.54 10.70
C ILE D 7 15.34 -31.31 10.29
N GLU D 8 14.98 -32.32 11.09
CA GLU D 8 13.78 -33.09 10.88
C GLU D 8 12.90 -33.04 12.14
N LEU D 9 11.61 -32.86 11.89
CA LEU D 9 10.62 -32.83 12.94
C LEU D 9 9.78 -34.10 12.80
N LYS D 10 9.89 -35.03 13.77
CA LYS D 10 8.98 -36.16 13.82
C LYS D 10 9.01 -36.75 15.23
N ASP D 11 7.95 -37.54 15.52
CA ASP D 11 7.68 -38.06 16.85
C ASP D 11 7.75 -36.95 17.90
N ASN D 12 7.44 -35.71 17.51
CA ASN D 12 7.34 -34.56 18.42
C ASN D 12 8.71 -34.12 18.99
N TRP D 13 9.78 -34.42 18.22
CA TRP D 13 11.14 -34.05 18.54
C TRP D 13 11.76 -33.35 17.33
N TYR D 14 12.59 -32.33 17.62
CA TYR D 14 13.60 -31.88 16.69
C TYR D 14 14.69 -32.94 16.59
N HIS D 15 15.14 -33.20 15.37
CA HIS D 15 16.30 -34.02 15.09
C HIS D 15 17.31 -33.15 14.35
N LEU D 16 18.55 -33.15 14.83
CA LEU D 16 19.66 -32.55 14.09
C LEU D 16 20.52 -33.68 13.53
N ASP D 17 20.63 -33.75 12.20
CA ASP D 17 21.47 -34.72 11.51
C ASP D 17 21.12 -36.14 11.97
N GLY D 18 19.81 -36.39 12.14
CA GLY D 18 19.27 -37.71 12.45
C GLY D 18 19.07 -38.00 13.94
N GLU D 19 19.69 -37.21 14.83
CA GLU D 19 19.66 -37.48 16.27
C GLU D 19 18.67 -36.56 16.99
N LYS D 20 17.90 -37.12 17.92
CA LYS D 20 17.02 -36.33 18.77
C LYS D 20 17.83 -35.28 19.53
N TYR D 21 17.34 -34.04 19.49
CA TYR D 21 18.08 -32.93 20.07
C TYR D 21 17.14 -32.14 20.99
N PHE D 22 17.37 -32.28 22.29
CA PHE D 22 16.67 -31.47 23.27
C PHE D 22 17.27 -30.06 23.25
N ILE D 23 16.47 -29.04 22.90
CA ILE D 23 17.00 -27.69 22.84
C ILE D 23 17.10 -27.12 24.25
N LYS D 24 18.34 -26.82 24.66
CA LYS D 24 18.60 -26.24 25.96
C LYS D 24 19.01 -24.77 25.77
N ALA D 25 18.03 -23.91 25.52
CA ALA D 25 18.28 -22.51 25.18
C ALA D 25 18.26 -21.63 26.43
N ILE D 26 18.68 -20.40 26.25
CA ILE D 26 18.36 -19.34 27.20
C ILE D 26 18.04 -18.12 26.37
N GLY D 27 17.01 -17.39 26.80
CA GLY D 27 16.71 -16.11 26.20
C GLY D 27 17.94 -15.20 26.35
N TYR D 28 18.21 -14.39 25.34
CA TYR D 28 19.45 -13.64 25.30
C TYR D 28 19.23 -12.40 24.46
N GLU D 29 19.46 -11.22 25.06
CA GLU D 29 19.20 -9.99 24.33
C GLU D 29 20.42 -9.10 24.47
N ILE D 30 21.22 -9.06 23.41
CA ILE D 30 22.28 -8.07 23.30
C ILE D 30 21.69 -6.68 23.12
N GLY D 31 22.45 -5.66 23.49
CA GLY D 31 22.06 -4.27 23.30
C GLY D 31 21.17 -3.76 24.44
N ALA D 32 21.25 -4.44 25.61
CA ALA D 32 20.37 -4.17 26.73
C ALA D 32 21.14 -4.00 28.03
N ARG D 33 22.40 -3.52 27.93
CA ARG D 33 23.17 -3.21 29.12
C ARG D 33 22.53 -2.06 29.86
N PRO D 34 22.91 -1.80 31.13
CA PRO D 34 22.52 -0.55 31.80
C PRO D 34 22.81 0.63 30.89
N GLY D 35 21.80 1.49 30.66
CA GLY D 35 22.01 2.66 29.81
C GLY D 35 21.68 2.41 28.33
N GLN D 36 21.32 1.18 27.94
CA GLN D 36 21.03 0.88 26.54
C GLN D 36 19.56 0.56 26.37
N ALA D 37 19.05 0.82 25.16
CA ALA D 37 17.70 0.40 24.81
C ALA D 37 17.71 -0.18 23.39
N PRO D 38 17.55 -1.51 23.20
CA PRO D 38 17.71 -2.08 21.86
C PRO D 38 16.73 -1.65 20.76
N TYR D 39 15.57 -1.10 21.10
CA TYR D 39 14.55 -0.83 20.04
C TYR D 39 14.50 0.65 19.72
N GLU D 40 15.16 1.46 20.55
CA GLU D 40 15.21 2.92 20.31
C GLU D 40 16.64 3.31 19.89
N ASP D 41 17.65 2.60 20.37
CA ASP D 41 19.04 3.01 20.07
C ASP D 41 19.47 2.39 18.75
N GLU D 42 20.34 3.07 17.99
CA GLU D 42 20.86 2.51 16.73
C GLU D 42 21.45 1.12 16.97
N ARG D 43 21.24 0.19 16.04
CA ARG D 43 21.77 -1.16 16.18
C ARG D 43 23.28 -1.19 15.92
N LYS D 44 23.94 -1.92 16.84
CA LYS D 44 25.37 -2.03 16.97
C LYS D 44 25.67 -3.52 17.09
N ASP D 45 26.74 -4.00 16.45
CA ASP D 45 27.04 -5.42 16.50
C ASP D 45 27.36 -5.86 17.94
N GLU D 46 28.10 -5.01 18.68
CA GLU D 46 28.48 -5.30 20.05
C GLU D 46 29.24 -6.62 20.12
N LEU D 47 30.14 -6.84 19.17
CA LEU D 47 30.79 -8.13 19.05
C LEU D 47 31.54 -8.44 20.34
N GLU D 48 32.27 -7.48 20.91
CA GLU D 48 33.12 -7.82 22.04
C GLU D 48 32.29 -8.36 23.21
N LEU D 49 31.16 -7.72 23.50
CA LEU D 49 30.31 -8.14 24.61
C LEU D 49 29.59 -9.44 24.28
N MET D 50 29.32 -9.71 22.99
CA MET D 50 28.71 -10.96 22.57
C MET D 50 29.69 -12.10 22.80
N LYS D 51 30.98 -11.86 22.54
CA LYS D 51 31.97 -12.89 22.78
C LYS D 51 31.88 -13.30 24.23
N PHE D 52 31.87 -12.29 25.12
CA PHE D 52 31.80 -12.50 26.56
C PHE D 52 30.52 -13.25 26.93
N ASP D 53 29.38 -12.83 26.38
CA ASP D 53 28.09 -13.41 26.74
C ASP D 53 27.98 -14.86 26.25
N LEU D 54 28.40 -15.12 25.00
CA LEU D 54 28.33 -16.47 24.47
C LEU D 54 29.25 -17.43 25.25
N GLU D 55 30.41 -16.96 25.69
CA GLU D 55 31.30 -17.82 26.45
C GLU D 55 30.60 -18.23 27.75
N ASN D 56 29.94 -17.25 28.40
CA ASN D 56 29.27 -17.53 29.67
C ASN D 56 28.14 -18.55 29.49
N ILE D 57 27.34 -18.36 28.43
CA ILE D 57 26.18 -19.16 28.13
C ILE D 57 26.61 -20.60 27.88
N LYS D 58 27.66 -20.80 27.10
CA LYS D 58 28.23 -22.13 26.97
C LYS D 58 28.59 -22.70 28.34
N GLU D 59 29.32 -21.91 29.12
CA GLU D 59 29.81 -22.37 30.41
C GLU D 59 28.63 -22.68 31.31
N GLY D 60 27.50 -22.02 31.06
CA GLY D 60 26.30 -22.20 31.88
C GLY D 60 25.49 -23.43 31.50
N GLY D 61 25.92 -24.17 30.46
CA GLY D 61 25.46 -25.52 30.09
C GLY D 61 24.45 -25.56 28.94
N TYR D 62 24.15 -24.39 28.31
CA TYR D 62 23.15 -24.23 27.26
C TYR D 62 23.73 -24.59 25.89
N ASN D 63 22.85 -24.97 24.97
CA ASN D 63 23.27 -25.34 23.63
C ASN D 63 22.67 -24.38 22.63
N THR D 64 21.78 -23.48 23.08
CA THR D 64 21.05 -22.59 22.19
C THR D 64 20.82 -21.23 22.86
N ILE D 65 20.75 -20.16 22.04
CA ILE D 65 20.26 -18.86 22.50
C ILE D 65 18.98 -18.54 21.75
N ARG D 66 18.03 -17.93 22.45
CA ARG D 66 16.74 -17.46 21.91
C ARG D 66 16.65 -15.93 21.96
N THR D 67 16.31 -15.30 20.81
CA THR D 67 16.33 -13.84 20.66
C THR D 67 14.98 -13.32 20.18
N TRP D 68 14.85 -11.99 20.25
CA TRP D 68 13.60 -11.32 19.94
C TRP D 68 13.75 -10.52 18.65
N SER D 69 14.98 -10.13 18.33
CA SER D 69 15.23 -9.23 17.23
C SER D 69 16.37 -9.80 16.38
N GLN D 70 16.27 -9.58 15.07
CA GLN D 70 17.17 -10.17 14.10
C GLN D 70 18.59 -9.64 14.30
N TYR D 71 19.57 -10.52 14.07
CA TYR D 71 20.97 -10.15 14.11
C TYR D 71 21.45 -9.68 12.75
N SER D 72 22.53 -8.90 12.75
CA SER D 72 23.27 -8.60 11.55
C SER D 72 24.08 -9.84 11.13
N GLU D 73 24.63 -9.79 9.90
CA GLU D 73 25.40 -10.90 9.36
C GLU D 73 26.65 -11.13 10.21
N ASN D 74 27.26 -10.03 10.69
CA ASN D 74 28.44 -10.14 11.54
C ASN D 74 28.13 -10.80 12.88
N GLN D 75 26.97 -10.50 13.47
CA GLN D 75 26.56 -11.13 14.69
C GLN D 75 26.35 -12.63 14.42
N LEU D 76 25.75 -12.97 13.28
CA LEU D 76 25.52 -14.38 12.96
C LEU D 76 26.85 -15.10 12.83
N LYS D 77 27.86 -14.49 12.18
CA LYS D 77 29.14 -15.16 12.01
C LYS D 77 29.71 -15.52 13.39
N LEU D 78 29.43 -14.69 14.39
CA LEU D 78 29.94 -14.92 15.72
C LEU D 78 29.21 -16.12 16.33
N VAL D 79 27.88 -16.11 16.25
CA VAL D 79 27.12 -17.19 16.81
C VAL D 79 27.46 -18.51 16.12
N GLN D 80 27.61 -18.50 14.80
CA GLN D 80 28.07 -19.66 14.05
C GLN D 80 29.37 -20.23 14.63
N GLU D 81 30.40 -19.40 14.84
CA GLU D 81 31.70 -19.87 15.31
C GLU D 81 31.63 -20.31 16.77
N SER D 82 30.70 -19.73 17.54
CA SER D 82 30.57 -20.07 18.96
C SER D 82 30.31 -21.58 19.17
N GLY D 83 29.55 -22.20 18.25
CA GLY D 83 29.05 -23.55 18.42
C GLY D 83 27.58 -23.58 18.86
N LEU D 84 27.06 -22.45 19.35
CA LEU D 84 25.69 -22.41 19.88
C LEU D 84 24.68 -22.40 18.75
N LYS D 85 23.53 -23.07 18.95
CA LYS D 85 22.42 -22.90 18.03
C LYS D 85 21.60 -21.65 18.39
N LEU D 86 20.75 -21.24 17.45
CA LEU D 86 20.00 -20.00 17.55
C LEU D 86 18.54 -20.18 17.15
N ILE D 87 17.65 -19.86 18.09
CA ILE D 87 16.26 -19.53 17.79
C ILE D 87 16.17 -18.00 17.59
N MET D 88 16.05 -17.56 16.33
CA MET D 88 16.11 -16.14 16.04
C MET D 88 14.70 -15.54 15.96
N GLY D 89 14.48 -14.49 16.78
CA GLY D 89 13.26 -13.68 16.75
C GLY D 89 13.39 -12.59 15.68
N ILE D 90 12.28 -12.33 14.99
CA ILE D 90 12.16 -11.28 13.99
C ILE D 90 11.25 -10.19 14.57
N ASP D 91 11.64 -8.89 14.48
CA ASP D 91 10.90 -7.78 15.06
C ASP D 91 9.69 -7.37 14.21
N ILE D 92 8.68 -8.21 14.06
CA ILE D 92 7.42 -7.76 13.45
C ILE D 92 6.58 -7.08 14.54
N LYS D 93 6.39 -5.77 14.45
CA LYS D 93 5.79 -5.07 15.58
C LYS D 93 4.38 -5.60 15.85
N PRO D 94 4.08 -6.13 17.06
CA PRO D 94 2.77 -6.68 17.38
C PRO D 94 1.56 -5.73 17.45
N GLU D 95 1.80 -4.40 17.51
CA GLU D 95 0.73 -3.43 17.72
C GLU D 95 0.27 -2.86 16.39
N GLU D 96 0.98 -3.17 15.31
CA GLU D 96 0.62 -2.64 13.99
C GLU D 96 -0.62 -3.33 13.43
N ASP D 97 -1.21 -2.69 12.43
CA ASP D 97 -2.32 -3.24 11.69
C ASP D 97 -1.82 -4.33 10.70
N TYR D 98 -2.02 -5.60 11.06
CA TYR D 98 -1.54 -6.73 10.28
C TYR D 98 -2.21 -6.77 8.92
N GLY D 99 -3.37 -6.11 8.84
CA GLY D 99 -4.20 -6.08 7.64
C GLY D 99 -3.82 -4.96 6.68
N ASP D 100 -2.95 -4.06 7.12
CA ASP D 100 -2.48 -2.98 6.26
C ASP D 100 -1.38 -3.50 5.33
N PRO D 101 -1.61 -3.46 4.00
CA PRO D 101 -0.68 -4.05 3.04
C PRO D 101 0.69 -3.37 3.08
N GLU D 102 0.68 -2.07 3.46
CA GLU D 102 1.90 -1.32 3.63
C GLU D 102 2.77 -2.04 4.67
N PHE D 103 2.15 -2.41 5.79
CA PHE D 103 2.88 -3.01 6.89
C PHE D 103 3.36 -4.40 6.49
N VAL D 104 2.52 -5.09 5.69
CA VAL D 104 2.84 -6.44 5.29
C VAL D 104 4.06 -6.38 4.39
N LYS D 105 4.08 -5.39 3.50
CA LYS D 105 5.16 -5.22 2.55
C LYS D 105 6.43 -4.86 3.32
N ASP D 106 6.34 -3.94 4.28
CA ASP D 106 7.53 -3.56 5.05
C ASP D 106 8.11 -4.77 5.77
N SER D 107 7.22 -5.57 6.34
CA SER D 107 7.59 -6.79 7.00
C SER D 107 8.29 -7.75 6.01
N GLU D 108 7.70 -8.00 4.84
CA GLU D 108 8.28 -8.91 3.85
C GLU D 108 9.67 -8.43 3.40
N ILE D 109 9.81 -7.15 3.09
CA ILE D 109 11.07 -6.63 2.61
C ILE D 109 12.16 -6.91 3.66
N GLU D 110 11.86 -6.56 4.91
CA GLU D 110 12.81 -6.69 6.00
C GLU D 110 13.13 -8.16 6.27
N LEU D 111 12.09 -9.02 6.28
CA LEU D 111 12.30 -10.44 6.52
C LEU D 111 13.22 -11.01 5.43
N LYS D 112 12.97 -10.65 4.17
CA LYS D 112 13.80 -11.13 3.07
C LYS D 112 15.23 -10.60 3.17
N ARG D 113 15.38 -9.31 3.49
CA ARG D 113 16.71 -8.74 3.60
C ARG D 113 17.51 -9.59 4.59
N VAL D 114 16.87 -10.05 5.66
CA VAL D 114 17.53 -10.85 6.66
C VAL D 114 17.87 -12.25 6.15
N LEU D 115 16.91 -12.90 5.48
CA LEU D 115 17.06 -14.28 5.04
C LEU D 115 18.16 -14.38 4.00
N ASN D 116 18.37 -13.29 3.27
CA ASN D 116 19.34 -13.30 2.20
C ASN D 116 20.77 -13.64 2.68
N TYR D 117 21.15 -13.21 3.89
CA TYR D 117 22.43 -13.58 4.48
C TYR D 117 22.22 -14.67 5.55
N ALA D 118 21.07 -14.60 6.28
CA ALA D 118 20.81 -15.53 7.35
C ALA D 118 20.84 -17.00 6.88
N LYS D 119 20.45 -17.24 5.62
CA LYS D 119 20.34 -18.61 5.11
C LYS D 119 21.70 -19.31 5.03
N LYS D 120 22.82 -18.61 5.26
CA LYS D 120 24.14 -19.20 5.12
C LYS D 120 24.66 -19.73 6.46
N TYR D 121 23.93 -19.43 7.56
CA TYR D 121 24.31 -19.84 8.90
C TYR D 121 23.36 -20.92 9.42
N ASP D 122 23.81 -22.18 9.45
CA ASP D 122 22.99 -23.32 9.85
C ASP D 122 22.98 -23.48 11.37
N CYS D 123 23.67 -22.58 12.08
CA CYS D 123 23.40 -22.44 13.51
C CYS D 123 21.95 -22.04 13.82
N ILE D 124 21.22 -21.48 12.85
CA ILE D 124 19.83 -21.14 13.10
C ILE D 124 18.98 -22.40 12.99
N ILE D 125 18.23 -22.74 14.06
CA ILE D 125 17.43 -23.96 14.10
C ILE D 125 15.93 -23.66 14.20
N THR D 126 15.54 -22.42 14.50
CA THR D 126 14.15 -22.02 14.43
C THR D 126 14.06 -20.49 14.27
N TYR D 127 12.98 -20.05 13.59
CA TYR D 127 12.60 -18.65 13.48
C TYR D 127 11.27 -18.42 14.20
N LEU D 128 11.21 -17.32 14.94
CA LEU D 128 9.98 -16.89 15.59
C LEU D 128 9.50 -15.64 14.89
N VAL D 129 8.30 -15.71 14.34
CA VAL D 129 7.92 -14.76 13.33
C VAL D 129 7.19 -13.55 13.92
N ILE D 130 6.74 -13.65 15.17
CA ILE D 130 6.17 -12.50 15.83
C ILE D 130 6.15 -12.77 17.33
N ASN D 131 6.17 -11.67 18.09
CA ASN D 131 6.24 -11.65 19.54
C ASN D 131 4.96 -11.08 20.16
N GLU D 132 4.09 -11.96 20.62
CA GLU D 132 3.10 -11.60 21.64
C GLU D 132 1.94 -10.76 21.08
N PRO D 133 1.24 -11.20 20.02
CA PRO D 133 0.03 -10.52 19.60
C PRO D 133 -1.03 -10.63 20.69
N GLN D 134 -1.58 -9.49 21.10
CA GLN D 134 -2.57 -9.42 22.16
C GLN D 134 -3.97 -9.75 21.63
N THR D 135 -4.75 -10.45 22.47
CA THR D 135 -6.11 -10.85 22.14
C THR D 135 -6.90 -9.69 21.56
N ASP D 136 -6.91 -8.54 22.23
CA ASP D 136 -7.80 -7.45 21.84
C ASP D 136 -7.37 -6.86 20.50
N HIS D 137 -6.06 -6.81 20.27
CA HIS D 137 -5.53 -6.24 19.06
C HIS D 137 -5.92 -7.11 17.88
N ILE D 138 -5.78 -8.41 18.04
CA ILE D 138 -6.18 -9.34 16.98
C ILE D 138 -7.67 -9.18 16.64
N HIS D 139 -8.54 -9.14 17.65
CA HIS D 139 -9.96 -8.93 17.43
C HIS D 139 -10.15 -7.64 16.62
N SER D 140 -9.37 -6.60 16.96
CA SER D 140 -9.54 -5.29 16.36
C SER D 140 -9.17 -5.29 14.86
N VAL D 141 -8.00 -5.84 14.50
CA VAL D 141 -7.59 -5.87 13.10
C VAL D 141 -8.07 -7.12 12.35
N THR D 142 -8.79 -8.03 13.06
CA THR D 142 -9.41 -9.27 12.58
C THR D 142 -8.40 -10.41 12.64
N GLY D 143 -8.91 -11.59 13.06
CA GLY D 143 -8.12 -12.80 13.04
C GLY D 143 -7.74 -13.25 11.63
N LYS D 144 -8.58 -12.95 10.63
CA LYS D 144 -8.19 -13.19 9.26
C LYS D 144 -6.84 -12.53 8.98
N ALA D 145 -6.75 -11.23 9.26
CA ALA D 145 -5.61 -10.43 8.89
C ALA D 145 -4.36 -11.04 9.51
N PHE D 146 -4.50 -11.48 10.78
CA PHE D 146 -3.43 -12.10 11.55
C PHE D 146 -2.97 -13.40 10.87
N VAL D 147 -3.91 -14.27 10.52
CA VAL D 147 -3.57 -15.57 9.96
C VAL D 147 -2.96 -15.38 8.58
N ASP D 148 -3.50 -14.47 7.78
CA ASP D 148 -2.90 -14.17 6.49
C ASP D 148 -1.44 -13.71 6.67
N LEU D 149 -1.20 -12.84 7.66
CA LEU D 149 0.13 -12.32 7.88
C LEU D 149 1.05 -13.50 8.25
N MET D 150 0.61 -14.35 9.17
CA MET D 150 1.45 -15.44 9.61
C MET D 150 1.81 -16.32 8.45
N ASN D 151 0.80 -16.73 7.69
CA ASN D 151 1.06 -17.61 6.56
C ASN D 151 2.07 -16.99 5.58
N THR D 152 1.91 -15.70 5.32
CA THR D 152 2.74 -15.03 4.34
C THR D 152 4.20 -15.12 4.83
N LEU D 153 4.45 -14.79 6.09
CA LEU D 153 5.81 -14.75 6.62
C LEU D 153 6.38 -16.17 6.80
N ILE D 154 5.53 -17.14 7.16
CA ILE D 154 5.98 -18.51 7.23
C ILE D 154 6.49 -18.96 5.85
N ASN D 155 5.76 -18.65 4.77
CA ASN D 155 6.11 -19.15 3.46
C ASN D 155 7.37 -18.44 2.96
N ILE D 156 7.46 -17.13 3.21
CA ILE D 156 8.67 -16.38 2.91
C ILE D 156 9.87 -17.03 3.57
N ILE D 157 9.74 -17.50 4.83
CA ILE D 157 10.84 -18.18 5.50
C ILE D 157 11.10 -19.56 4.88
N HIS D 158 10.05 -20.38 4.66
CA HIS D 158 10.27 -21.71 4.09
C HIS D 158 11.10 -21.69 2.79
N LYS D 159 10.91 -20.67 1.93
CA LYS D 159 11.60 -20.60 0.66
C LYS D 159 12.95 -19.90 0.79
N GLY D 160 13.04 -18.91 1.69
CA GLY D 160 14.19 -18.04 1.82
C GLY D 160 15.30 -18.68 2.68
N HIS D 161 14.90 -19.52 3.66
CA HIS D 161 15.86 -20.33 4.39
C HIS D 161 15.30 -21.75 4.57
N PRO D 162 15.42 -22.66 3.57
CA PRO D 162 14.70 -23.93 3.63
C PRO D 162 15.14 -24.88 4.75
N GLY D 163 14.15 -25.55 5.35
CA GLY D 163 14.38 -26.64 6.27
C GLY D 163 14.46 -26.15 7.71
N ILE D 164 14.21 -24.83 7.93
CA ILE D 164 14.23 -24.25 9.27
C ILE D 164 12.80 -24.10 9.80
N PRO D 165 12.45 -24.75 10.95
CA PRO D 165 11.15 -24.56 11.60
C PRO D 165 10.77 -23.12 11.92
N VAL D 166 9.47 -22.84 11.83
CA VAL D 166 8.92 -21.53 12.08
C VAL D 166 7.78 -21.67 13.08
N THR D 167 7.89 -20.91 14.17
CA THR D 167 6.77 -20.75 15.08
C THR D 167 6.75 -19.31 15.62
N LEU D 168 6.11 -19.12 16.78
CA LEU D 168 5.91 -17.77 17.28
C LEU D 168 6.14 -17.72 18.78
N SER D 169 6.26 -16.48 19.28
CA SER D 169 6.32 -16.21 20.70
C SER D 169 4.93 -15.81 21.17
N ALA D 170 4.21 -16.71 21.85
CA ALA D 170 2.86 -16.42 22.32
C ALA D 170 2.64 -16.93 23.74
N ASN D 171 2.20 -16.04 24.64
CA ASN D 171 2.03 -16.36 26.05
C ASN D 171 0.81 -17.26 26.27
N ALA D 172 1.03 -18.39 26.96
CA ALA D 172 -0.01 -19.40 27.14
C ALA D 172 -1.23 -18.82 27.86
N MET D 173 -1.03 -17.74 28.63
CA MET D 173 -2.07 -17.26 29.52
C MET D 173 -3.09 -16.45 28.74
N ILE D 174 -2.69 -15.95 27.54
CA ILE D 174 -3.55 -15.08 26.73
C ILE D 174 -3.85 -15.66 25.35
N SER D 175 -3.09 -16.66 24.90
CA SER D 175 -3.21 -17.17 23.54
C SER D 175 -3.43 -18.68 23.54
N ASP D 176 -3.89 -19.20 24.68
CA ASP D 176 -4.44 -20.56 24.81
C ASP D 176 -5.42 -20.87 23.67
N TYR D 177 -6.17 -19.89 23.21
CA TYR D 177 -7.24 -20.12 22.21
C TYR D 177 -6.71 -20.21 20.80
N MET D 178 -5.48 -19.76 20.60
CA MET D 178 -4.97 -19.65 19.21
C MET D 178 -4.70 -20.99 18.54
N ASP D 179 -5.04 -21.07 17.25
CA ASP D 179 -4.68 -22.24 16.43
C ASP D 179 -3.22 -22.07 16.03
N GLU D 180 -2.38 -23.02 16.43
CA GLU D 180 -0.96 -22.93 16.13
C GLU D 180 -0.58 -23.90 15.02
N SER D 181 -1.59 -24.52 14.39
CA SER D 181 -1.39 -25.63 13.46
C SER D 181 -0.76 -25.16 12.13
N ILE D 182 -0.79 -23.84 11.87
CA ILE D 182 -0.13 -23.26 10.71
C ILE D 182 1.39 -23.19 10.91
N PHE D 183 1.85 -23.28 12.15
CA PHE D 183 3.26 -23.23 12.46
C PHE D 183 3.82 -24.64 12.39
N ASP D 184 5.14 -24.74 12.25
CA ASP D 184 5.83 -26.03 12.15
C ASP D 184 6.08 -26.64 13.53
N VAL D 185 6.21 -25.80 14.56
CA VAL D 185 6.36 -26.25 15.93
C VAL D 185 5.35 -25.54 16.81
N TYR D 186 4.92 -26.18 17.91
CA TYR D 186 4.04 -25.52 18.87
C TYR D 186 4.92 -24.87 19.93
N ALA D 187 4.45 -23.72 20.44
CA ALA D 187 5.28 -22.93 21.33
C ALA D 187 4.43 -21.99 22.17
N TYR D 188 4.81 -21.81 23.44
CA TYR D 188 4.24 -20.78 24.31
C TYR D 188 5.31 -20.17 25.22
N ASN D 189 5.06 -18.92 25.63
CA ASN D 189 5.71 -18.38 26.81
C ASN D 189 4.90 -18.85 28.01
N CYS D 190 5.55 -19.51 28.98
CA CYS D 190 4.84 -20.19 30.06
C CYS D 190 5.32 -19.69 31.42
N TYR D 191 4.40 -19.06 32.17
CA TYR D 191 4.72 -18.56 33.49
C TYR D 191 3.79 -19.20 34.52
N ASP D 192 4.38 -19.50 35.68
CA ASP D 192 3.66 -20.10 36.78
C ASP D 192 3.54 -19.13 37.96
N HIS D 193 2.42 -18.42 38.00
CA HIS D 193 2.14 -17.49 39.08
C HIS D 193 1.00 -17.97 39.95
N ASN D 194 0.57 -19.24 39.76
CA ASN D 194 -0.49 -19.79 40.56
C ASN D 194 -1.74 -18.88 40.56
N GLU D 195 -2.22 -18.51 39.37
CA GLU D 195 -3.41 -17.68 39.24
C GLU D 195 -4.12 -18.05 37.93
N GLY D 196 -5.42 -17.74 37.84
CA GLY D 196 -6.23 -18.14 36.71
C GLY D 196 -6.03 -19.61 36.35
N GLN D 197 -5.71 -19.86 35.08
CA GLN D 197 -5.43 -21.20 34.56
C GLN D 197 -4.38 -21.97 35.38
N THR D 198 -3.39 -21.31 35.97
CA THR D 198 -2.31 -22.08 36.58
C THR D 198 -2.68 -22.39 38.02
N ALA D 199 -3.72 -21.73 38.52
CA ALA D 199 -4.27 -21.98 39.83
C ALA D 199 -5.27 -23.13 39.77
N THR D 200 -6.09 -23.24 38.71
CA THR D 200 -7.09 -24.30 38.61
C THR D 200 -6.45 -25.62 38.20
N MET D 201 -5.75 -25.62 37.07
CA MET D 201 -5.23 -26.83 36.47
C MET D 201 -3.82 -27.13 36.97
N GLY D 202 -3.13 -26.10 37.50
CA GLY D 202 -1.74 -26.28 37.85
C GLY D 202 -0.89 -26.05 36.61
N PHE D 203 0.42 -25.76 36.79
CA PHE D 203 1.28 -25.33 35.69
C PHE D 203 1.45 -26.47 34.69
N LYS D 204 1.90 -27.63 35.16
CA LYS D 204 2.05 -28.76 34.24
C LYS D 204 0.77 -29.01 33.45
N ASP D 205 -0.35 -29.22 34.13
CA ASP D 205 -1.50 -29.77 33.42
C ASP D 205 -2.11 -28.73 32.49
N TYR D 206 -2.02 -27.44 32.84
CA TYR D 206 -2.46 -26.36 31.98
C TYR D 206 -1.70 -26.38 30.66
N ILE D 207 -0.38 -26.35 30.74
CA ILE D 207 0.41 -26.35 29.52
C ILE D 207 0.22 -27.67 28.79
N LYS D 208 0.22 -28.78 29.52
CA LYS D 208 -0.06 -30.09 28.94
C LYS D 208 -1.41 -30.14 28.22
N GLY D 209 -2.42 -29.47 28.79
CA GLY D 209 -3.74 -29.48 28.21
C GLY D 209 -3.76 -28.81 26.86
N LEU D 210 -2.99 -27.71 26.71
CA LEU D 210 -2.87 -26.99 25.44
C LEU D 210 -2.17 -27.84 24.39
N ASN D 211 -1.09 -28.52 24.79
CA ASN D 211 -0.37 -29.42 23.90
C ASN D 211 -1.32 -30.47 23.36
N GLU D 212 -2.17 -31.04 24.23
CA GLU D 212 -3.12 -32.08 23.82
C GLU D 212 -4.18 -31.49 22.89
N LEU D 213 -4.68 -30.30 23.21
CA LEU D 213 -5.66 -29.66 22.34
C LEU D 213 -5.04 -29.34 20.98
N ASN D 214 -3.72 -29.07 20.95
CA ASN D 214 -3.02 -28.74 19.71
C ASN D 214 -2.84 -29.99 18.84
N GLY D 215 -2.97 -31.19 19.44
CA GLY D 215 -3.10 -32.42 18.67
C GLY D 215 -1.92 -33.40 18.83
N LEU D 216 -0.90 -33.04 19.62
CA LEU D 216 0.26 -33.90 19.85
C LEU D 216 0.84 -34.39 18.52
N ASP D 217 0.85 -33.55 17.51
CA ASP D 217 1.38 -33.93 16.21
C ASP D 217 2.61 -33.08 15.82
N LYS D 218 3.10 -32.20 16.71
CA LYS D 218 4.27 -31.41 16.40
C LYS D 218 5.11 -31.29 17.65
N PRO D 219 6.42 -30.97 17.55
CA PRO D 219 7.23 -30.70 18.72
C PRO D 219 6.68 -29.49 19.43
N PHE D 220 6.84 -29.52 20.75
CA PHE D 220 6.45 -28.37 21.57
C PHE D 220 7.71 -27.87 22.27
N ILE D 221 7.95 -26.54 22.23
CA ILE D 221 9.05 -25.93 22.95
C ILE D 221 8.49 -24.77 23.77
N THR D 222 9.17 -24.41 24.88
CA THR D 222 8.79 -23.17 25.56
C THR D 222 9.75 -22.04 25.17
N THR D 223 9.18 -20.85 24.96
CA THR D 223 9.97 -19.74 24.45
C THR D 223 10.25 -18.73 25.56
N ALA D 224 9.75 -19.02 26.77
CA ALA D 224 10.07 -18.24 27.97
C ALA D 224 9.42 -18.87 29.21
N PHE D 225 10.09 -18.65 30.36
CA PHE D 225 9.54 -18.94 31.67
C PHE D 225 10.53 -18.45 32.72
N GLY D 226 10.07 -17.97 33.88
CA GLY D 226 11.00 -17.50 34.87
C GLY D 226 10.34 -16.54 35.86
N TYR D 227 11.18 -15.89 36.68
CA TYR D 227 10.81 -15.15 37.88
C TYR D 227 11.71 -13.92 37.97
N SER D 228 11.10 -12.81 38.41
CA SER D 228 11.73 -11.51 38.59
C SER D 228 12.08 -11.35 40.06
N VAL D 229 13.28 -10.80 40.34
CA VAL D 229 13.73 -10.58 41.72
C VAL D 229 13.78 -9.07 42.05
N SER D 230 12.88 -8.30 41.45
CA SER D 230 12.74 -6.89 41.76
C SER D 230 12.58 -6.69 43.26
N PRO D 231 13.19 -5.62 43.82
CA PRO D 231 13.03 -5.28 45.21
C PRO D 231 11.57 -5.17 45.62
N GLU D 232 10.75 -4.62 44.72
CA GLU D 232 9.31 -4.47 44.96
C GLU D 232 8.54 -4.41 43.63
N GLY D 233 7.21 -4.34 43.74
CA GLY D 233 6.34 -4.19 42.59
C GLY D 233 5.82 -5.54 42.08
N GLY D 234 4.95 -5.47 41.06
CA GLY D 234 4.24 -6.61 40.49
C GLY D 234 3.10 -7.08 41.39
N ASN D 235 2.77 -8.38 41.34
CA ASN D 235 1.70 -8.92 42.18
CA ASN D 235 1.66 -8.93 42.10
C ASN D 235 1.95 -10.42 42.33
N GLY D 236 1.82 -10.87 43.59
CA GLY D 236 2.12 -12.24 43.98
C GLY D 236 3.55 -12.64 43.55
N GLN D 237 3.60 -13.67 42.71
CA GLN D 237 4.87 -14.21 42.30
C GLN D 237 5.43 -13.44 41.11
N TYR D 238 4.66 -12.49 40.58
CA TYR D 238 5.11 -11.66 39.48
C TYR D 238 5.80 -10.44 40.09
N GLY D 239 7.10 -10.35 39.83
CA GLY D 239 7.97 -9.46 40.57
C GLY D 239 8.25 -9.98 41.98
N SER D 240 9.20 -9.31 42.65
CA SER D 240 9.40 -9.33 44.10
C SER D 240 9.82 -10.70 44.65
N ASN D 241 10.46 -11.58 43.85
CA ASN D 241 10.97 -12.84 44.41
C ASN D 241 12.32 -12.62 45.10
N THR D 242 12.66 -13.48 46.08
CA THR D 242 14.05 -13.62 46.56
C THR D 242 14.88 -14.36 45.50
N LEU D 243 16.21 -14.24 45.59
CA LEU D 243 17.13 -14.95 44.72
C LEU D 243 16.88 -16.44 44.83
N LYS D 244 16.58 -16.89 46.05
CA LYS D 244 16.26 -18.27 46.30
C LYS D 244 14.95 -18.66 45.63
N GLN D 245 13.92 -17.82 45.72
CA GLN D 245 12.67 -18.16 45.06
C GLN D 245 12.87 -18.21 43.55
N GLN D 246 13.69 -17.29 43.00
CA GLN D 246 13.96 -17.23 41.58
C GLN D 246 14.58 -18.56 41.16
N SER D 247 15.58 -19.02 41.92
CA SER D 247 16.34 -20.22 41.60
C SER D 247 15.44 -21.46 41.67
N ASP D 248 14.75 -21.62 42.81
CA ASP D 248 13.92 -22.78 43.05
C ASP D 248 12.81 -22.86 42.01
N GLY D 249 12.28 -21.68 41.65
CA GLY D 249 11.20 -21.55 40.69
C GLY D 249 11.61 -21.92 39.27
N LEU D 250 12.79 -21.48 38.83
CA LEU D 250 13.28 -21.91 37.52
C LEU D 250 13.32 -23.44 37.42
N ILE D 251 13.77 -24.12 38.48
CA ILE D 251 13.95 -25.58 38.46
C ILE D 251 12.56 -26.23 38.48
N SER D 252 11.64 -25.65 39.24
CA SER D 252 10.28 -26.17 39.32
C SER D 252 9.62 -26.08 37.93
N ASN D 253 9.82 -24.92 37.27
CA ASN D 253 9.23 -24.71 35.97
C ASN D 253 9.87 -25.68 34.96
N TYR D 254 11.17 -25.99 35.08
CA TYR D 254 11.84 -26.86 34.08
C TYR D 254 11.24 -28.27 34.11
N ARG D 255 11.05 -28.84 35.30
CA ARG D 255 10.40 -30.16 35.45
C ARG D 255 8.97 -30.12 34.87
N ASP D 256 8.15 -29.21 35.38
CA ASP D 256 6.72 -29.10 34.96
C ASP D 256 6.62 -28.94 33.45
N LEU D 257 7.50 -28.15 32.82
CA LEU D 257 7.31 -27.94 31.40
C LEU D 257 7.77 -29.17 30.62
N ILE D 258 8.86 -29.83 31.07
CA ILE D 258 9.20 -31.12 30.47
C ILE D 258 7.98 -32.03 30.62
N ASP D 259 7.37 -32.00 31.80
CA ASP D 259 6.30 -32.91 32.15
C ASP D 259 5.06 -32.71 31.28
N ALA D 260 5.00 -31.56 30.61
CA ALA D 260 3.88 -31.20 29.75
C ALA D 260 4.20 -31.53 28.30
N GLY D 261 5.39 -32.09 28.05
CA GLY D 261 5.76 -32.58 26.73
C GLY D 261 6.79 -31.71 26.00
N ALA D 262 7.37 -30.69 26.64
CA ALA D 262 8.38 -29.86 26.00
C ALA D 262 9.65 -30.64 25.62
N VAL D 263 10.17 -30.37 24.42
CA VAL D 263 11.38 -30.99 23.93
C VAL D 263 12.39 -29.91 23.59
N GLY D 264 12.11 -28.68 24.04
CA GLY D 264 12.96 -27.51 23.83
C GLY D 264 12.57 -26.49 24.89
N MET D 265 13.54 -25.84 25.52
CA MET D 265 13.26 -24.94 26.63
C MET D 265 14.06 -23.65 26.52
N CYS D 266 13.37 -22.53 26.73
CA CYS D 266 13.96 -21.21 26.63
C CYS D 266 13.75 -20.45 27.95
N PRO D 267 14.40 -20.86 29.05
CA PRO D 267 14.27 -20.11 30.30
C PRO D 267 14.54 -18.63 30.08
N PHE D 268 13.80 -17.77 30.79
CA PHE D 268 13.92 -16.33 30.63
C PHE D 268 14.62 -15.76 31.86
N TYR D 269 15.84 -15.20 31.72
CA TYR D 269 16.68 -15.07 30.54
C TYR D 269 18.04 -14.62 31.06
N TYR D 270 18.99 -14.37 30.16
CA TYR D 270 20.40 -14.20 30.50
C TYR D 270 20.63 -13.06 31.49
N ALA D 271 20.21 -11.82 31.16
CA ALA D 271 20.61 -10.70 32.01
C ALA D 271 19.55 -9.60 32.04
N ASP D 272 19.50 -8.92 33.17
CA ASP D 272 18.59 -7.80 33.37
C ASP D 272 18.69 -6.78 32.25
N GLY D 273 17.51 -6.27 31.86
CA GLY D 273 17.42 -5.13 30.98
C GLY D 273 16.75 -3.94 31.68
N TRP D 274 17.56 -2.93 32.00
CA TRP D 274 17.04 -1.79 32.74
C TRP D 274 16.04 -1.01 31.90
N TRP D 275 16.17 -1.07 30.57
CA TRP D 275 15.26 -0.36 29.68
C TRP D 275 13.80 -0.81 29.83
N LYS D 276 13.54 -1.97 30.45
CA LYS D 276 12.29 -2.67 30.25
C LYS D 276 11.15 -2.00 31.00
N GLY D 277 11.42 -1.27 32.07
CA GLY D 277 10.35 -0.49 32.70
C GLY D 277 10.37 1.00 32.31
N GLY D 278 11.01 1.35 31.19
CA GLY D 278 11.33 2.75 30.95
C GLY D 278 12.51 3.18 31.82
N GLU D 279 13.17 4.27 31.38
CA GLU D 279 14.35 4.81 32.03
C GLU D 279 15.51 3.80 31.98
N LYS D 280 16.19 3.70 30.83
CA LYS D 280 17.21 2.67 30.59
C LYS D 280 18.48 2.90 31.43
N SER D 281 18.70 4.11 31.92
CA SER D 281 19.83 4.43 32.78
C SER D 281 19.49 4.27 34.27
N ASP D 282 18.27 3.82 34.58
CA ASP D 282 17.85 3.64 35.95
C ASP D 282 17.38 2.20 36.19
N HIS D 283 17.86 1.60 37.28
CA HIS D 283 17.40 0.29 37.67
C HIS D 283 16.28 0.45 38.71
N SER D 284 15.05 0.51 38.21
CA SER D 284 13.88 0.84 39.00
C SER D 284 13.59 -0.24 40.06
N LEU D 285 13.40 0.18 41.33
CA LEU D 285 13.14 -0.74 42.42
C LEU D 285 11.82 -1.48 42.20
N ASN D 286 10.85 -0.87 41.50
CA ASN D 286 9.49 -1.42 41.46
C ASN D 286 9.04 -1.86 40.06
N GLN D 287 10.00 -2.08 39.14
CA GLN D 287 9.69 -2.61 37.83
C GLN D 287 10.14 -4.06 37.70
N PRO D 288 9.22 -5.03 37.85
CA PRO D 288 9.57 -6.46 37.68
C PRO D 288 10.32 -6.85 36.41
N GLU D 289 9.98 -6.19 35.31
CA GLU D 289 10.54 -6.52 34.00
C GLU D 289 12.06 -6.25 33.93
N GLU D 290 12.61 -5.48 34.87
CA GLU D 290 14.01 -5.07 34.87
C GLU D 290 14.90 -6.04 35.66
N TRP D 291 14.30 -7.11 36.21
CA TRP D 291 14.99 -7.95 37.16
C TRP D 291 14.73 -9.42 36.89
N PHE D 292 14.69 -9.83 35.61
CA PHE D 292 14.42 -11.22 35.24
C PHE D 292 15.72 -11.97 34.97
N GLY D 293 16.84 -11.24 34.91
CA GLY D 293 18.09 -11.85 34.50
C GLY D 293 18.59 -12.96 35.42
N PHE D 294 19.28 -13.92 34.82
CA PHE D 294 20.11 -14.83 35.60
C PHE D 294 21.39 -14.11 35.99
N TRP D 295 21.72 -12.99 35.31
CA TRP D 295 22.86 -12.14 35.62
C TRP D 295 22.36 -10.74 35.96
N GLY D 296 23.04 -10.10 36.93
CA GLY D 296 22.68 -8.78 37.40
C GLY D 296 23.88 -7.84 37.37
N TYR D 297 23.59 -6.56 37.06
CA TYR D 297 24.60 -5.53 36.86
C TYR D 297 24.69 -4.74 38.14
N SER D 298 25.90 -4.37 38.56
CA SER D 298 26.08 -3.78 39.88
C SER D 298 25.63 -2.32 39.89
N ASP D 299 25.81 -1.62 38.77
CA ASP D 299 25.51 -0.20 38.61
C ASP D 299 25.55 0.13 37.11
N LEU D 300 25.28 1.39 36.79
CA LEU D 300 25.13 1.85 35.41
C LEU D 300 26.38 1.59 34.56
N ASN D 301 27.56 1.52 35.17
CA ASN D 301 28.80 1.39 34.41
C ASN D 301 29.21 -0.07 34.20
N ASP D 302 28.43 -1.01 34.71
CA ASP D 302 28.80 -2.41 34.65
C ASP D 302 28.31 -2.95 33.32
N LYS D 303 29.25 -3.40 32.48
CA LYS D 303 28.97 -3.97 31.17
C LYS D 303 28.93 -5.49 31.27
N TYR D 304 29.29 -6.06 32.44
CA TYR D 304 29.55 -7.49 32.54
C TYR D 304 28.53 -8.19 33.43
N GLY D 305 28.40 -7.68 34.68
CA GLY D 305 27.49 -8.24 35.66
C GLY D 305 28.00 -9.58 36.18
N THR D 306 27.27 -10.18 37.14
CA THR D 306 27.66 -11.45 37.71
C THR D 306 26.43 -12.34 37.78
N PRO D 307 26.61 -13.69 37.77
CA PRO D 307 25.48 -14.60 37.89
C PRO D 307 24.83 -14.72 39.26
N ARG D 308 23.50 -14.78 39.24
CA ARG D 308 22.73 -14.96 40.49
C ARG D 308 22.58 -16.47 40.72
N PRO D 309 22.24 -16.93 41.94
CA PRO D 309 22.19 -18.36 42.22
C PRO D 309 21.45 -19.25 41.24
N VAL D 310 20.42 -18.72 40.58
CA VAL D 310 19.66 -19.50 39.62
C VAL D 310 20.56 -19.98 38.48
N TRP D 311 21.62 -19.22 38.15
CA TRP D 311 22.54 -19.58 37.10
C TRP D 311 23.16 -20.94 37.35
N PHE D 312 23.58 -21.17 38.59
CA PHE D 312 24.30 -22.38 38.98
C PHE D 312 23.32 -23.53 39.24
N ALA D 313 22.12 -23.24 39.78
CA ALA D 313 21.14 -24.30 39.96
C ALA D 313 20.70 -24.81 38.58
N MET D 314 20.59 -23.91 37.59
CA MET D 314 20.18 -24.30 36.25
C MET D 314 21.30 -25.05 35.54
N ARG D 315 22.55 -24.60 35.66
CA ARG D 315 23.64 -25.32 35.03
C ARG D 315 23.66 -26.76 35.53
N ASP D 316 23.55 -26.93 36.86
CA ASP D 316 23.63 -28.25 37.45
C ASP D 316 22.43 -29.09 37.03
N TYR D 317 21.26 -28.44 36.92
CA TYR D 317 20.06 -29.17 36.55
C TYR D 317 20.16 -29.72 35.12
N MET D 318 20.78 -28.97 34.22
CA MET D 318 20.74 -29.33 32.81
C MET D 318 21.70 -30.45 32.45
N LYS D 319 22.51 -30.94 33.39
CA LYS D 319 23.49 -31.98 33.10
C LYS D 319 22.83 -33.30 32.70
N GLY D 320 21.73 -33.67 33.37
CA GLY D 320 20.94 -34.82 32.94
C GLY D 320 19.45 -34.56 33.06
N LEU D 321 18.76 -34.58 31.91
CA LEU D 321 17.34 -34.25 31.84
C LEU D 321 16.55 -35.54 31.76
N ILE D 322 15.50 -35.62 32.59
CA ILE D 322 14.56 -36.75 32.59
C ILE D 322 13.32 -36.25 31.85
N ILE D 323 13.02 -36.87 30.69
CA ILE D 323 11.84 -36.54 29.90
C ILE D 323 10.70 -37.55 30.16
N SER D 324 11.05 -38.82 30.35
CA SER D 324 10.10 -39.81 30.81
C SER D 324 10.83 -40.72 31.79
N PRO D 325 10.16 -41.28 32.83
CA PRO D 325 8.78 -40.95 33.16
C PRO D 325 8.62 -39.51 33.63
N LYS D 326 7.36 -39.03 33.64
CA LYS D 326 7.05 -37.66 33.97
C LYS D 326 6.55 -37.53 35.41
N ASN D 327 6.99 -36.45 36.08
CA ASN D 327 6.56 -36.11 37.42
C ASN D 327 5.05 -35.92 37.44
N LYS D 328 4.40 -36.52 38.44
CA LYS D 328 2.95 -36.52 38.60
C LYS D 328 2.25 -37.21 37.42
N SER D 329 2.91 -38.23 36.87
CA SER D 329 2.30 -39.05 35.83
C SER D 329 1.63 -40.24 36.48
N ILE D 330 0.60 -40.73 35.79
CA ILE D 330 -0.17 -41.87 36.25
C ILE D 330 0.04 -43.00 35.26
N HIS D 331 0.28 -44.22 35.77
CA HIS D 331 0.72 -45.35 34.99
C HIS D 331 -0.15 -46.55 35.32
N THR D 332 -0.59 -47.28 34.29
CA THR D 332 -1.49 -48.42 34.46
C THR D 332 -0.85 -49.69 33.92
N ASN D 333 0.46 -49.63 33.73
CA ASN D 333 1.29 -50.68 33.17
C ASN D 333 2.59 -50.66 33.95
N THR D 334 3.11 -51.83 34.38
CA THR D 334 4.35 -51.88 35.12
C THR D 334 5.60 -51.76 34.22
N LYS D 335 5.46 -51.59 32.90
CA LYS D 335 6.58 -51.22 32.06
C LYS D 335 6.50 -49.73 31.76
N ILE D 336 7.50 -48.98 32.27
CA ILE D 336 7.51 -47.53 32.26
C ILE D 336 8.54 -47.05 31.25
N PRO D 337 8.15 -46.35 30.15
CA PRO D 337 9.14 -45.77 29.26
C PRO D 337 10.04 -44.78 30.04
N LEU D 338 11.36 -44.95 29.84
CA LEU D 338 12.36 -44.03 30.33
C LEU D 338 12.97 -43.29 29.14
N GLU D 339 13.13 -41.97 29.27
CA GLU D 339 13.75 -41.17 28.24
C GLU D 339 14.58 -40.11 28.92
N LEU D 340 15.87 -40.04 28.57
CA LEU D 340 16.83 -39.12 29.16
C LEU D 340 17.57 -38.36 28.06
N TYR D 341 18.01 -37.13 28.38
CA TYR D 341 18.90 -36.35 27.54
C TYR D 341 20.08 -35.91 28.41
N ASN D 342 21.22 -36.53 28.16
CA ASN D 342 22.37 -36.34 29.05
C ASN D 342 23.49 -35.55 28.38
N ASP D 343 24.24 -34.82 29.19
CA ASP D 343 25.43 -34.09 28.67
C ASP D 343 26.62 -35.05 28.67
N LYS D 344 27.76 -34.58 28.17
CA LYS D 344 28.98 -35.42 28.02
C LYS D 344 29.55 -35.88 29.36
N ASP D 345 29.08 -35.30 30.46
CA ASP D 345 29.68 -35.63 31.77
C ASP D 345 28.97 -36.83 32.40
N VAL D 346 27.73 -37.10 31.99
CA VAL D 346 26.94 -38.24 32.57
C VAL D 346 27.49 -39.57 32.04
N LYS D 347 28.00 -40.42 32.94
CA LYS D 347 28.48 -41.73 32.52
C LYS D 347 27.63 -42.88 33.07
N LYS D 348 26.76 -42.60 34.04
CA LYS D 348 25.89 -43.63 34.57
C LYS D 348 24.63 -42.97 35.13
N VAL D 349 23.53 -43.73 35.09
CA VAL D 349 22.26 -43.32 35.65
C VAL D 349 21.65 -44.48 36.42
N VAL D 350 21.28 -44.22 37.66
CA VAL D 350 20.61 -45.22 38.46
C VAL D 350 19.23 -44.67 38.83
N VAL D 351 18.22 -45.54 38.85
CA VAL D 351 16.96 -45.24 39.50
C VAL D 351 16.82 -46.16 40.70
N LYS D 352 16.49 -45.56 41.84
CA LYS D 352 16.11 -46.30 43.03
C LYS D 352 14.63 -46.05 43.39
N PHE D 353 14.05 -47.07 44.04
CA PHE D 353 12.84 -46.95 44.82
C PHE D 353 13.08 -47.57 46.20
N ARG D 354 12.89 -46.77 47.25
CA ARG D 354 13.07 -47.22 48.63
C ARG D 354 14.50 -47.76 48.78
N ASP D 355 15.47 -47.06 48.18
CA ASP D 355 16.88 -47.35 48.42
C ASP D 355 17.26 -48.70 47.82
N LYS D 356 16.43 -49.18 46.88
CA LYS D 356 16.80 -50.33 46.07
C LYS D 356 16.90 -49.92 44.61
N VAL D 357 17.98 -50.37 43.97
CA VAL D 357 18.25 -50.18 42.55
C VAL D 357 17.25 -51.00 41.74
N ILE D 358 16.44 -50.30 40.92
CA ILE D 358 15.55 -50.92 39.97
C ILE D 358 15.94 -50.63 38.54
N TYR D 359 16.91 -49.74 38.32
CA TYR D 359 17.41 -49.51 36.99
C TYR D 359 18.82 -48.91 37.08
N SER D 360 19.66 -49.36 36.15
CA SER D 360 21.06 -48.97 36.06
C SER D 360 21.50 -49.02 34.61
N LYS D 361 22.20 -47.98 34.17
CA LYS D 361 22.79 -48.00 32.84
C LYS D 361 24.04 -47.14 32.82
N ASN D 362 25.12 -47.71 32.25
CA ASN D 362 26.28 -46.95 31.81
C ASN D 362 25.91 -46.19 30.53
N ILE D 363 26.17 -44.88 30.51
CA ILE D 363 25.94 -44.07 29.33
C ILE D 363 27.18 -44.12 28.43
N THR D 364 26.99 -44.59 27.19
CA THR D 364 28.05 -44.84 26.21
C THR D 364 28.12 -43.67 25.23
N SER D 365 27.05 -42.85 25.22
CA SER D 365 26.86 -41.83 24.22
C SER D 365 26.08 -40.66 24.84
N GLU D 366 26.49 -39.41 24.60
CA GLU D 366 25.73 -38.29 25.14
C GLU D 366 24.46 -38.04 24.33
N GLY D 367 23.58 -37.20 24.84
CA GLY D 367 22.35 -36.88 24.15
C GLY D 367 21.20 -37.82 24.53
N TYR D 368 20.32 -38.13 23.56
CA TYR D 368 19.06 -38.79 23.87
C TYR D 368 19.32 -40.26 24.11
N MET D 369 18.62 -40.84 25.10
CA MET D 369 18.50 -42.28 25.17
C MET D 369 17.13 -42.69 25.71
N ALA D 370 16.60 -43.80 25.16
CA ALA D 370 15.30 -44.35 25.52
C ALA D 370 15.44 -45.77 26.07
N ASP D 371 14.62 -46.13 27.07
CA ASP D 371 14.71 -47.46 27.65
C ASP D 371 13.43 -47.71 28.45
N GLU D 372 13.43 -48.71 29.35
CA GLU D 372 12.27 -49.02 30.18
C GLU D 372 12.68 -49.45 31.57
N LEU D 373 11.95 -48.94 32.57
CA LEU D 373 11.94 -49.42 33.94
C LEU D 373 10.85 -50.45 34.04
N THR D 374 11.08 -51.43 34.90
CA THR D 374 10.06 -52.28 35.46
C THR D 374 9.89 -51.91 36.93
N ILE D 375 8.64 -51.73 37.35
CA ILE D 375 8.27 -51.47 38.73
C ILE D 375 7.29 -52.56 39.21
N ASP D 376 7.13 -52.61 40.53
CA ASP D 376 6.30 -53.64 41.15
C ASP D 376 5.32 -53.00 42.13
N PRO D 377 4.40 -52.12 41.69
CA PRO D 377 3.38 -51.54 42.58
C PRO D 377 2.48 -52.57 43.22
N VAL D 378 2.31 -52.46 44.53
CA VAL D 378 1.27 -53.20 45.24
C VAL D 378 0.00 -52.37 45.12
N GLY D 379 -1.03 -52.98 44.54
CA GLY D 379 -2.30 -52.32 44.27
C GLY D 379 -2.09 -51.02 43.51
N ILE D 380 -2.62 -49.95 44.08
CA ILE D 380 -2.38 -48.62 43.61
C ILE D 380 -1.31 -48.05 44.54
N GLU D 381 -0.21 -47.55 43.96
CA GLU D 381 0.97 -47.20 44.74
C GLU D 381 1.62 -45.94 44.21
N ASP D 382 1.71 -44.96 45.12
CA ASP D 382 2.53 -43.78 44.89
C ASP D 382 4.00 -44.14 45.10
N MET D 383 4.83 -43.80 44.10
CA MET D 383 6.26 -44.11 44.10
C MET D 383 7.07 -42.86 43.76
N GLU D 384 8.06 -42.56 44.62
CA GLU D 384 9.06 -41.53 44.38
C GLU D 384 10.30 -42.23 43.82
N LEU D 385 10.46 -42.15 42.48
CA LEU D 385 11.57 -42.74 41.74
C LEU D 385 12.78 -41.81 41.83
N ALA D 386 13.84 -42.28 42.49
CA ALA D 386 15.00 -41.44 42.77
C ALA D 386 16.07 -41.61 41.68
N PHE D 387 16.21 -40.63 40.78
CA PHE D 387 17.22 -40.67 39.72
C PHE D 387 18.53 -40.12 40.26
N GLU D 388 19.60 -40.79 39.85
CA GLU D 388 20.96 -40.38 40.17
C GLU D 388 21.79 -40.39 38.90
N PHE D 389 22.53 -39.29 38.70
CA PHE D 389 23.42 -39.09 37.59
C PHE D 389 24.86 -39.01 38.12
N TYR D 390 25.75 -39.80 37.49
CA TYR D 390 27.13 -39.99 37.91
C TYR D 390 28.10 -39.58 36.80
N ASP D 391 29.29 -39.09 37.22
CA ASP D 391 30.34 -38.63 36.32
C ASP D 391 31.36 -39.76 36.12
N SER D 392 32.49 -39.45 35.48
CA SER D 392 33.43 -40.50 35.10
C SER D 392 34.24 -40.95 36.32
N ASP D 393 34.16 -40.26 37.47
CA ASP D 393 34.75 -40.73 38.73
C ASP D 393 33.74 -41.47 39.62
N ASN D 394 32.57 -41.78 39.07
CA ASN D 394 31.52 -42.44 39.83
C ASN D 394 31.06 -41.58 41.02
N LYS D 395 31.02 -40.24 40.85
CA LYS D 395 30.45 -39.35 41.86
C LYS D 395 29.11 -38.78 41.37
N ILE D 396 28.16 -38.61 42.31
CA ILE D 396 26.83 -38.15 41.95
C ILE D 396 26.93 -36.66 41.66
N ILE D 397 26.53 -36.26 40.45
CA ILE D 397 26.49 -34.86 40.06
C ILE D 397 25.05 -34.32 39.97
N LYS D 398 24.03 -35.19 40.06
CA LYS D 398 22.65 -34.74 40.05
C LYS D 398 21.75 -35.84 40.60
N ASN D 399 20.92 -35.43 41.58
CA ASN D 399 19.79 -36.18 42.09
C ASN D 399 18.51 -35.50 41.65
N GLU D 400 17.52 -36.29 41.22
CA GLU D 400 16.18 -35.77 40.93
C GLU D 400 15.15 -36.89 41.11
N SER D 401 13.98 -36.50 41.61
CA SER D 401 12.89 -37.42 41.87
C SER D 401 11.80 -37.33 40.79
N ILE D 402 11.22 -38.48 40.45
CA ILE D 402 10.03 -38.50 39.61
C ILE D 402 8.94 -39.18 40.41
N ASN D 403 7.84 -38.49 40.68
CA ASN D 403 6.77 -39.04 41.51
C ASN D 403 5.70 -39.60 40.58
N ILE D 404 5.40 -40.89 40.71
CA ILE D 404 4.38 -41.47 39.84
C ILE D 404 3.29 -42.05 40.71
N LEU D 405 2.11 -42.25 40.13
CA LEU D 405 1.10 -43.05 40.77
C LEU D 405 0.88 -44.28 39.90
N ALA D 406 1.13 -45.49 40.42
CA ALA D 406 1.20 -46.64 39.52
C ALA D 406 0.34 -47.82 39.97
N SER D 407 -0.16 -48.57 38.98
CA SER D 407 -0.85 -49.83 39.21
C SER D 407 -0.59 -50.80 38.07
N LYS D 408 -0.71 -52.09 38.36
CA LYS D 408 -0.59 -53.06 37.28
C LYS D 408 -1.74 -52.92 36.29
N THR D 409 -2.80 -52.17 36.63
CA THR D 409 -3.95 -52.11 35.74
C THR D 409 -4.73 -50.81 35.91
N ALA D 410 -5.82 -50.65 35.16
CA ALA D 410 -6.60 -49.41 35.23
C ALA D 410 -7.28 -49.30 36.60
N PHE D 411 -7.37 -48.08 37.12
CA PHE D 411 -8.05 -47.84 38.39
C PHE D 411 -8.90 -46.58 38.29
N GLU D 412 -9.87 -46.45 39.19
CA GLU D 412 -10.73 -45.28 39.19
C GLU D 412 -9.98 -44.13 39.87
N LEU D 413 -10.09 -42.96 39.25
CA LEU D 413 -9.66 -41.70 39.84
C LEU D 413 -10.88 -40.83 40.09
N PRO D 414 -10.79 -39.85 41.02
CA PRO D 414 -11.81 -38.78 41.11
C PRO D 414 -11.72 -37.93 39.85
N GLU D 415 -12.87 -37.36 39.44
CA GLU D 415 -12.99 -36.64 38.19
C GLU D 415 -13.71 -35.32 38.46
N LEU D 416 -13.13 -34.22 37.97
CA LEU D 416 -13.79 -32.94 37.97
C LEU D 416 -14.17 -32.59 36.54
N THR D 417 -15.44 -32.28 36.31
CA THR D 417 -15.92 -31.72 35.06
C THR D 417 -16.71 -30.44 35.36
N ILE D 418 -16.75 -29.53 34.37
CA ILE D 418 -17.60 -28.36 34.45
C ILE D 418 -18.52 -28.28 33.24
N GLU D 419 -19.64 -27.59 33.46
CA GLU D 419 -20.57 -27.17 32.42
C GLU D 419 -20.67 -25.65 32.53
N VAL D 420 -20.43 -24.96 31.42
CA VAL D 420 -20.35 -23.52 31.44
C VAL D 420 -21.47 -22.91 30.61
N THR D 421 -22.05 -21.81 31.12
CA THR D 421 -23.10 -21.04 30.47
C THR D 421 -22.58 -19.61 30.30
N PRO D 422 -22.71 -18.95 29.13
CA PRO D 422 -23.06 -19.57 27.85
C PRO D 422 -21.99 -20.55 27.42
N GLU D 423 -22.47 -21.67 26.83
CA GLU D 423 -21.67 -22.83 26.51
C GLU D 423 -20.82 -22.58 25.26
N LYS D 424 -21.34 -21.80 24.30
CA LYS D 424 -20.75 -21.68 22.98
C LYS D 424 -20.59 -20.24 22.50
N ASP D 425 -21.50 -19.34 22.87
CA ASP D 425 -21.41 -17.99 22.35
C ASP D 425 -21.68 -16.93 23.43
N LEU D 426 -20.68 -16.11 23.76
CA LEU D 426 -20.80 -15.17 24.86
C LEU D 426 -21.86 -14.09 24.60
N ASN D 427 -22.35 -13.95 23.36
CA ASN D 427 -23.41 -12.99 23.04
C ASN D 427 -24.75 -13.41 23.62
N GLU D 428 -24.92 -14.68 24.01
CA GLU D 428 -26.18 -15.18 24.52
C GLU D 428 -26.42 -14.77 25.97
N GLY D 429 -25.56 -13.97 26.58
CA GLY D 429 -25.87 -13.42 27.88
C GLY D 429 -24.80 -12.45 28.36
N LYS D 430 -25.18 -11.62 29.34
CA LYS D 430 -24.28 -10.73 30.06
C LYS D 430 -23.61 -11.44 31.25
N ILE D 431 -24.17 -12.58 31.68
CA ILE D 431 -23.76 -13.26 32.89
C ILE D 431 -23.45 -14.71 32.58
N ALA D 432 -22.36 -15.22 33.15
CA ALA D 432 -21.94 -16.61 32.95
C ALA D 432 -22.02 -17.40 34.24
N SER D 433 -22.11 -18.74 34.13
CA SER D 433 -21.87 -19.57 35.29
C SER D 433 -20.95 -20.74 34.93
N ILE D 434 -20.26 -21.25 35.96
CA ILE D 434 -19.52 -22.49 35.89
C ILE D 434 -20.09 -23.43 36.95
N LYS D 435 -20.68 -24.55 36.49
CA LYS D 435 -21.17 -25.59 37.38
C LYS D 435 -20.08 -26.64 37.50
N THR D 436 -19.66 -26.93 38.73
CA THR D 436 -18.57 -27.90 38.92
C THR D 436 -19.17 -29.17 39.51
N LYS D 437 -18.80 -30.31 38.90
CA LYS D 437 -19.10 -31.63 39.40
C LYS D 437 -17.81 -32.39 39.70
N ILE D 438 -17.69 -32.84 40.95
CA ILE D 438 -16.58 -33.71 41.34
C ILE D 438 -17.14 -35.07 41.71
N GLU D 439 -16.71 -36.11 40.98
CA GLU D 439 -16.94 -37.50 41.39
C GLU D 439 -15.80 -37.96 42.30
N THR D 440 -16.13 -38.29 43.56
CA THR D 440 -15.10 -38.69 44.51
C THR D 440 -14.75 -40.17 44.31
N SER D 441 -13.63 -40.55 44.92
CA SER D 441 -13.19 -41.94 44.87
C SER D 441 -12.50 -42.22 46.20
N GLU D 442 -12.83 -43.36 46.81
CA GLU D 442 -12.20 -43.78 48.05
C GLU D 442 -10.68 -43.97 47.85
N ASN D 443 -9.94 -43.56 48.88
CA ASN D 443 -8.50 -43.67 48.92
C ASN D 443 -7.90 -42.36 48.42
N PHE D 444 -8.64 -41.57 47.62
CA PHE D 444 -8.15 -40.28 47.19
C PHE D 444 -8.81 -39.19 48.04
N THR D 445 -7.95 -38.32 48.59
CA THR D 445 -8.35 -37.25 49.48
C THR D 445 -8.32 -35.94 48.73
N LEU D 446 -9.45 -35.23 48.74
CA LEU D 446 -9.51 -33.89 48.17
C LEU D 446 -8.93 -32.95 49.21
N LEU D 447 -8.09 -32.01 48.77
CA LEU D 447 -7.52 -31.01 49.65
C LEU D 447 -8.23 -29.65 49.56
N ASP D 448 -7.98 -28.85 50.59
CA ASP D 448 -8.18 -27.40 50.59
C ASP D 448 -9.41 -27.07 49.74
N ASP D 449 -9.24 -26.07 48.87
CA ASP D 449 -10.33 -25.36 48.22
C ASP D 449 -10.31 -25.74 46.74
N LEU D 450 -11.53 -25.94 46.23
CA LEU D 450 -11.85 -25.85 44.83
C LEU D 450 -11.50 -24.45 44.34
N LYS D 451 -10.82 -24.34 43.20
CA LYS D 451 -10.59 -23.04 42.59
C LYS D 451 -11.31 -22.92 41.25
N ILE D 452 -11.82 -21.69 41.00
CA ILE D 452 -12.58 -21.36 39.81
C ILE D 452 -11.99 -20.12 39.14
N SER D 453 -11.92 -20.12 37.80
CA SER D 453 -11.37 -19.03 37.03
C SER D 453 -12.29 -18.75 35.85
N TYR D 454 -12.68 -17.49 35.64
CA TYR D 454 -13.32 -17.03 34.42
C TYR D 454 -12.42 -15.97 33.77
N ASN D 455 -11.41 -16.44 33.01
CA ASN D 455 -10.38 -15.55 32.49
C ASN D 455 -10.80 -14.94 31.16
N THR D 456 -11.16 -13.64 31.22
CA THR D 456 -11.89 -12.93 30.17
C THR D 456 -10.92 -12.32 29.14
N HIS D 457 -9.60 -12.40 29.43
CA HIS D 457 -8.56 -12.14 28.44
C HIS D 457 -8.42 -10.65 28.11
N LEU D 458 -8.75 -9.77 29.08
CA LEU D 458 -8.62 -8.32 28.88
C LEU D 458 -7.16 -7.90 29.06
N GLY D 459 -6.43 -7.78 27.97
CA GLY D 459 -4.98 -7.66 28.12
C GLY D 459 -4.43 -8.81 28.97
N TRP D 460 -3.60 -8.44 29.96
CA TRP D 460 -2.97 -9.36 30.91
C TRP D 460 -3.82 -9.60 32.15
N ALA D 461 -4.97 -8.95 32.28
CA ALA D 461 -5.80 -9.17 33.45
C ALA D 461 -6.34 -10.60 33.44
N ILE D 462 -6.36 -11.25 34.60
CA ILE D 462 -6.71 -12.67 34.62
C ILE D 462 -8.20 -12.90 34.86
N GLY D 463 -8.96 -11.85 35.24
CA GLY D 463 -10.39 -11.97 35.41
C GLY D 463 -10.73 -12.46 36.81
N SER D 464 -12.01 -12.78 37.03
CA SER D 464 -12.52 -13.26 38.30
C SER D 464 -11.92 -14.62 38.65
N GLN D 465 -11.70 -14.82 39.96
CA GLN D 465 -11.43 -16.12 40.55
C GLN D 465 -12.31 -16.36 41.74
N ALA D 466 -12.52 -17.63 42.11
CA ALA D 466 -13.17 -17.92 43.37
C ALA D 466 -12.52 -19.14 44.02
N SER D 467 -12.49 -19.11 45.36
CA SER D 467 -12.13 -20.22 46.21
C SER D 467 -13.39 -20.71 46.89
N VAL D 468 -13.67 -22.02 46.81
CA VAL D 468 -14.89 -22.58 47.35
C VAL D 468 -14.51 -23.72 48.30
N SER D 469 -14.94 -23.56 49.56
CA SER D 469 -14.88 -24.60 50.58
C SER D 469 -15.85 -25.70 50.20
N ILE D 470 -15.38 -26.94 50.26
CA ILE D 470 -16.26 -28.07 50.09
C ILE D 470 -16.20 -28.95 51.33
N SER D 471 -15.72 -28.38 52.45
CA SER D 471 -15.66 -29.03 53.76
C SER D 471 -16.98 -29.70 54.17
N ASP D 472 -18.13 -29.11 53.81
CA ASP D 472 -19.42 -29.62 54.24
C ASP D 472 -19.94 -30.73 53.30
N GLN D 473 -19.06 -31.28 52.43
CA GLN D 473 -19.50 -32.14 51.32
C GLN D 473 -18.59 -33.36 51.10
N LEU D 474 -17.58 -33.61 51.97
CA LEU D 474 -16.50 -34.54 51.63
C LEU D 474 -17.00 -35.99 51.56
N ASP D 475 -17.87 -36.34 52.48
CA ASP D 475 -18.43 -37.67 52.59
C ASP D 475 -19.28 -38.03 51.37
N LYS D 476 -19.67 -37.06 50.50
CA LYS D 476 -20.63 -37.31 49.45
C LYS D 476 -19.92 -37.89 48.22
N LYS D 477 -20.67 -38.68 47.46
CA LYS D 477 -20.13 -39.34 46.27
C LYS D 477 -19.89 -38.28 45.19
N ILE D 478 -20.75 -37.26 45.14
CA ILE D 478 -20.77 -36.23 44.12
C ILE D 478 -20.79 -34.86 44.79
N ILE D 479 -19.71 -34.10 44.60
CA ILE D 479 -19.61 -32.74 45.20
C ILE D 479 -19.91 -31.72 44.10
N THR D 480 -20.76 -30.74 44.39
CA THR D 480 -21.16 -29.79 43.34
C THR D 480 -20.91 -28.35 43.77
N SER D 481 -20.75 -27.45 42.80
CA SER D 481 -20.64 -26.01 43.10
C SER D 481 -21.19 -25.22 41.91
N GLU D 482 -21.74 -24.05 42.19
CA GLU D 482 -22.15 -23.19 41.08
C GLU D 482 -21.69 -21.76 41.36
N ASN D 483 -20.94 -21.19 40.42
CA ASN D 483 -20.35 -19.88 40.58
C ASN D 483 -20.68 -19.00 39.37
N PHE D 484 -21.05 -17.74 39.64
CA PHE D 484 -21.50 -16.81 38.60
C PHE D 484 -20.46 -15.69 38.38
N PHE D 485 -20.39 -15.23 37.13
CA PHE D 485 -19.44 -14.18 36.76
C PHE D 485 -20.07 -13.28 35.72
N ASN D 486 -19.84 -11.96 35.89
CA ASN D 486 -20.24 -10.97 34.89
C ASN D 486 -19.35 -11.09 33.65
N ILE D 487 -20.00 -11.05 32.47
CA ILE D 487 -19.22 -11.14 31.24
C ILE D 487 -19.03 -9.72 30.73
N PRO D 488 -17.78 -9.20 30.68
CA PRO D 488 -17.52 -7.87 30.11
C PRO D 488 -17.93 -7.86 28.64
N ASP D 489 -18.44 -6.71 28.17
CA ASP D 489 -18.90 -6.56 26.80
C ASP D 489 -17.72 -6.55 25.81
N ASN D 490 -16.52 -6.23 26.28
CA ASN D 490 -15.34 -6.37 25.44
C ASN D 490 -14.55 -7.66 25.77
N CYS D 491 -15.20 -8.68 26.33
CA CYS D 491 -14.57 -10.00 26.40
C CYS D 491 -14.90 -10.76 25.12
N TRP D 492 -13.83 -11.18 24.42
CA TRP D 492 -13.98 -11.78 23.11
C TRP D 492 -13.85 -13.28 23.23
N VAL D 493 -13.10 -13.71 24.24
CA VAL D 493 -12.87 -15.11 24.51
C VAL D 493 -12.61 -15.27 26.00
N VAL D 494 -13.08 -16.38 26.54
CA VAL D 494 -12.83 -16.74 27.92
C VAL D 494 -12.28 -18.16 27.99
N ASN D 495 -11.41 -18.35 28.97
CA ASN D 495 -10.98 -19.67 29.42
C ASN D 495 -11.60 -19.89 30.78
N ALA D 496 -12.60 -20.77 30.85
CA ALA D 496 -13.32 -20.98 32.09
C ALA D 496 -12.86 -22.32 32.62
N SER D 497 -12.44 -22.35 33.89
CA SER D 497 -11.77 -23.53 34.41
C SER D 497 -12.06 -23.71 35.89
N ALA D 498 -11.86 -24.93 36.36
CA ALA D 498 -11.92 -25.22 37.78
C ALA D 498 -11.02 -26.39 38.12
N GLY D 499 -10.55 -26.47 39.36
CA GLY D 499 -9.61 -27.50 39.75
C GLY D 499 -9.43 -27.64 41.25
N ILE D 500 -9.00 -28.82 41.70
CA ILE D 500 -8.84 -29.08 43.11
C ILE D 500 -7.69 -30.05 43.27
N SER D 501 -6.95 -29.90 44.38
CA SER D 501 -5.81 -30.77 44.66
C SER D 501 -6.30 -32.09 45.21
N VAL D 502 -5.54 -33.17 44.93
CA VAL D 502 -5.86 -34.51 45.37
C VAL D 502 -4.59 -35.19 45.87
N ARG D 503 -4.76 -36.07 46.86
CA ARG D 503 -3.64 -36.76 47.50
C ARG D 503 -3.88 -38.28 47.50
N TYR D 504 -2.85 -39.03 47.10
CA TYR D 504 -2.76 -40.46 47.37
C TYR D 504 -1.35 -40.73 47.92
N GLY D 505 -1.27 -41.11 49.20
CA GLY D 505 -0.03 -41.19 49.95
C GLY D 505 0.72 -39.87 49.82
N LYS D 506 1.89 -39.88 49.18
CA LYS D 506 2.71 -38.68 49.02
C LYS D 506 2.51 -38.06 47.65
N PHE D 507 1.69 -38.69 46.81
CA PHE D 507 1.40 -38.18 45.48
C PHE D 507 0.27 -37.16 45.51
N THR D 508 0.56 -35.94 45.08
CA THR D 508 -0.44 -34.87 45.03
C THR D 508 -0.53 -34.45 43.57
N PHE D 509 -1.75 -34.24 43.10
CA PHE D 509 -1.94 -33.72 41.76
C PHE D 509 -3.20 -32.86 41.73
N LYS D 510 -3.55 -32.31 40.57
CA LYS D 510 -4.81 -31.59 40.44
C LYS D 510 -5.72 -32.31 39.44
N ILE D 511 -7.04 -32.30 39.74
CA ILE D 511 -8.03 -32.64 38.74
C ILE D 511 -8.75 -31.33 38.40
N HIS D 512 -9.21 -31.23 37.16
CA HIS D 512 -9.62 -29.93 36.63
C HIS D 512 -10.35 -30.16 35.33
N ASP D 513 -11.09 -29.13 34.87
CA ASP D 513 -11.66 -29.09 33.52
C ASP D 513 -11.56 -27.64 33.00
N GLN D 514 -11.77 -27.46 31.70
CA GLN D 514 -11.44 -26.22 31.01
C GLN D 514 -12.35 -26.13 29.80
N LYS D 515 -12.97 -24.97 29.59
CA LYS D 515 -13.68 -24.72 28.34
C LYS D 515 -13.23 -23.37 27.80
N ILE D 516 -13.01 -23.30 26.48
CA ILE D 516 -12.65 -22.04 25.84
C ILE D 516 -13.81 -21.60 24.96
N ILE D 517 -14.33 -20.41 25.23
CA ILE D 517 -15.58 -20.00 24.63
C ILE D 517 -15.43 -18.59 24.07
N TYR D 518 -15.93 -18.42 22.84
CA TYR D 518 -15.79 -17.18 22.11
C TYR D 518 -17.08 -16.36 22.10
N ARG D 519 -16.91 -15.06 21.85
CA ARG D 519 -18.02 -14.20 21.49
C ARG D 519 -18.20 -14.19 19.98
N GLY D 520 -19.37 -14.61 19.50
CA GLY D 520 -19.67 -14.62 18.08
C GLY D 520 -18.64 -15.44 17.29
N ASP D 521 -18.41 -15.03 16.05
CA ASP D 521 -17.66 -15.85 15.12
C ASP D 521 -16.29 -15.21 14.85
N TRP D 522 -15.82 -14.28 15.69
CA TRP D 522 -14.65 -13.48 15.33
C TRP D 522 -13.42 -14.37 15.13
N ALA D 523 -13.37 -15.51 15.83
CA ALA D 523 -12.19 -16.35 15.83
C ALA D 523 -12.30 -17.53 14.87
N LYS D 524 -13.26 -17.47 13.92
CA LYS D 524 -13.43 -18.55 12.95
C LYS D 524 -12.11 -18.93 12.28
N GLU D 525 -11.16 -18.02 12.07
CA GLU D 525 -9.88 -18.34 11.44
C GLU D 525 -8.78 -18.49 12.48
N VAL D 526 -8.65 -17.54 13.44
CA VAL D 526 -7.49 -17.53 14.33
C VAL D 526 -7.62 -18.55 15.47
N GLY D 527 -8.84 -18.96 15.84
CA GLY D 527 -9.03 -19.83 16.99
C GLY D 527 -8.84 -21.30 16.65
N ARG D 528 -8.49 -22.12 17.65
CA ARG D 528 -8.22 -23.53 17.41
C ARG D 528 -9.50 -24.25 16.99
N LYS D 529 -9.39 -25.18 16.03
CA LYS D 529 -10.56 -25.88 15.53
C LYS D 529 -10.77 -27.24 16.24
C2 BGC E . -2.34 -9.41 -27.54
C3 BGC E . -2.47 -7.99 -28.04
C4 BGC E . -1.63 -7.81 -29.27
C5 BGC E . -2.01 -8.82 -30.35
C6 BGC E . -1.15 -8.73 -31.59
C1 BGC E . -2.64 -10.40 -28.68
O1 BGC E . -2.39 -11.69 -28.24
O2 BGC E . -3.18 -9.67 -26.42
O3 BGC E . -2.04 -7.02 -27.08
O4 BGC E . -1.80 -6.49 -29.76
O5 BGC E . -1.84 -10.13 -29.82
O6 BGC E . 0.23 -8.98 -31.32
C2 BGC E . -2.38 -5.54 -25.26
C3 BGC E . -3.46 -4.73 -24.42
C4 BGC E . -4.48 -4.04 -25.33
C5 BGC E . -5.00 -5.00 -26.39
C6 BGC E . -5.92 -4.32 -27.36
C1 BGC E . -3.05 -6.38 -26.34
O2 BGC E . -1.49 -6.36 -24.47
O3 BGC E . -2.82 -3.74 -23.58
O4 BGC E . -5.59 -3.58 -24.57
O5 BGC E . -3.87 -5.54 -27.16
O6 BGC E . -5.31 -3.16 -28.01
C2 BGC E . -1.66 -3.19 -21.55
C3 BGC E . -1.40 -3.63 -20.14
C4 BGC E . -2.69 -4.13 -19.48
C5 BGC E . -3.30 -5.22 -20.32
C6 BGC E . -4.57 -5.88 -19.74
C1 BGC E . -2.45 -4.23 -22.34
O2 BGC E . -0.48 -2.84 -22.26
O3 BGC E . -0.88 -2.53 -19.43
O4 BGC E . -2.46 -4.69 -18.18
O5 BGC E . -3.61 -4.61 -21.60
O6 BGC E . -5.74 -5.07 -19.88
C2 BGC F . 31.35 22.95 -0.83
C3 BGC F . 31.31 24.48 -0.66
C4 BGC F . 32.30 25.10 -1.60
C5 BGC F . 32.00 24.68 -3.02
C6 BGC F . 33.02 25.22 -4.01
C1 BGC F . 31.11 22.53 -2.26
O1 BGC F . 31.23 21.11 -2.36
O2 BGC F . 30.39 22.31 0.00
O3 BGC F . 31.64 24.83 0.70
O4 BGC F . 32.24 26.51 -1.53
O5 BGC F . 32.00 23.23 -3.14
O6 BGC F . 34.36 24.92 -3.67
C2 BGC F . 31.07 25.29 2.93
C3 BGC F . 29.95 25.66 3.92
C4 BGC F . 29.08 26.78 3.36
C5 BGC F . 28.67 26.50 1.94
C6 BGC F . 27.90 27.63 1.29
C1 BGC F . 30.56 25.10 1.53
O2 BGC F . 31.68 24.11 3.41
O3 BGC F . 30.52 26.06 5.21
O4 BGC F . 27.92 26.93 4.19
O5 BGC F . 29.85 26.27 1.11
O6 BGC F . 28.62 28.89 1.35
C2 BGC F . 31.36 25.75 7.40
C3 BGC F . 31.45 24.78 8.56
C4 BGC F . 30.10 24.19 8.88
C5 BGC F . 29.48 23.54 7.67
C6 BGC F . 28.04 23.12 7.95
C1 BGC F . 30.70 25.08 6.20
O2 BGC F . 32.61 26.32 7.03
O3 BGC F . 31.89 25.49 9.71
O4 BGC F . 30.21 23.20 9.89
O5 BGC F . 29.45 24.51 6.61
O6 BGC F . 27.63 21.92 7.24
C2 BGC G . -33.40 17.45 6.75
C3 BGC G . -33.35 16.54 5.61
C4 BGC G . -33.91 17.19 4.38
C5 BGC G . -33.21 18.53 4.13
C6 BGC G . -33.83 19.35 3.01
C1 BGC G . -32.70 18.74 6.46
O1 BGC G . -32.84 19.53 7.59
O2 BGC G . -32.79 16.83 7.87
O3 BGC G . -33.99 15.29 5.94
O4 BGC G . -33.67 16.33 3.23
O5 BGC G . -33.25 19.36 5.30
O6 BGC G . -35.27 19.53 3.17
C2 BGC G . -34.02 13.04 6.60
C3 BGC G . -33.23 11.77 6.93
C4 BGC G . -32.10 11.53 5.91
C5 BGC G . -31.30 12.81 5.70
C6 BGC G . -30.23 12.67 4.65
C1 BGC G . -33.13 14.25 6.32
O2 BGC G . -34.83 13.35 7.72
O3 BGC G . -34.10 10.60 6.98
O4 BGC G . -31.21 10.53 6.43
O5 BGC G . -32.16 13.91 5.30
O6 BGC G . -30.78 12.44 3.37
C2 BGC G . -35.62 9.10 7.96
C3 BGC G . -36.30 8.71 9.28
C4 BGC G . -35.25 8.47 10.36
C5 BGC G . -34.39 9.69 10.51
C6 BGC G . -33.39 9.58 11.65
C1 BGC G . -34.66 10.26 8.21
O2 BGC G . -36.54 9.45 6.91
O3 BGC G . -37.02 7.51 9.08
O4 BGC G . -35.82 8.24 11.62
O5 BGC G . -33.74 9.84 9.22
O6 BGC G . -32.03 9.43 11.23
C2 BGC H . 8.32 -11.80 27.22
C3 BGC H . 9.27 -10.73 27.69
C4 BGC H . 9.04 -10.43 29.14
C5 BGC H . 9.14 -11.70 29.95
C6 BGC H . 8.85 -11.51 31.43
C1 BGC H . 8.43 -13.02 28.08
O1 BGC H . 7.58 -14.06 27.66
O2 BGC H . 8.59 -12.12 25.86
O3 BGC H . 9.13 -9.55 26.89
O4 BGC H . 9.99 -9.49 29.56
O5 BGC H . 8.18 -12.65 29.44
O6 BGC H . 7.48 -11.14 31.71
C2 BGC H . 9.65 -8.11 25.10
C3 BGC H . 10.65 -7.80 23.99
C4 BGC H . 12.07 -7.83 24.51
C5 BGC H . 12.35 -9.09 25.23
C6 BGC H . 13.73 -9.08 25.85
C1 BGC H . 10.03 -9.39 25.83
O2 BGC H . 8.34 -8.22 24.55
O3 BGC H . 10.38 -6.49 23.43
O4 BGC H . 12.96 -7.72 23.39
O5 BGC H . 11.39 -9.29 26.31
O6 BGC H . 13.90 -8.07 26.84
C2 BGC H . 9.24 -4.89 22.13
C3 BGC H . 8.38 -4.67 20.93
C4 BGC H . 8.95 -5.38 19.73
C5 BGC H . 9.04 -6.86 20.06
C6 BGC H . 9.43 -7.77 18.90
C1 BGC H . 9.52 -6.38 22.34
O2 BGC H . 8.65 -4.28 23.27
O3 BGC H . 8.34 -3.27 20.73
O4 BGC H . 8.11 -5.18 18.60
O5 BGC H . 10.02 -6.95 21.14
O6 BGC H . 10.80 -8.21 18.87
C1 EDO I . 0.37 -11.30 -37.46
O1 EDO I . 0.18 -11.48 -36.07
C2 EDO I . 0.76 -9.92 -37.88
O2 EDO I . 0.87 -9.77 -39.29
C2 BGC J . 3.96 -11.43 -31.08
C3 BGC J . 3.69 -9.99 -30.57
C4 BGC J . 4.94 -9.37 -30.00
C5 BGC J . 5.97 -9.25 -31.12
C6 BGC J . 7.26 -8.63 -30.61
C1 BGC J . 5.07 -11.38 -32.15
O1 BGC J . 5.40 -12.71 -32.50
O2 BGC J . 2.81 -12.16 -31.55
O3 BGC J . 2.72 -9.98 -29.53
O4 BGC J . 4.68 -8.08 -29.37
O5 BGC J . 6.23 -10.61 -31.71
O6 BGC J . 8.20 -8.43 -31.66
C1 GOL K . -1.95 -18.70 -44.78
O1 GOL K . -2.50 -17.38 -44.86
C2 GOL K . -1.12 -18.85 -43.52
O2 GOL K . -1.66 -17.99 -42.52
C3 GOL K . 0.36 -18.55 -43.68
O3 GOL K . 1.11 -19.12 -42.61
C1 EDO L . 20.06 6.03 -13.96
O1 EDO L . 20.32 6.93 -15.07
C2 EDO L . 18.97 4.99 -14.20
O2 EDO L . 17.73 5.53 -14.77
C2 BGC M . 37.96 22.14 -3.98
C3 BGC M . 37.50 23.13 -2.85
C4 BGC M . 38.67 23.56 -1.95
C5 BGC M . 39.86 24.10 -2.78
C6 BGC M . 41.07 24.40 -1.93
C1 BGC M . 39.21 22.69 -4.73
O1 BGC M . 39.71 21.76 -5.64
O2 BGC M . 36.92 21.81 -4.94
O3 BGC M . 36.45 22.55 -2.08
O4 BGC M . 38.28 24.61 -1.00
O5 BGC M . 40.28 23.13 -3.81
O6 BGC M . 42.23 24.60 -2.75
C1 GOL N . 34.11 9.31 -21.55
O1 GOL N . 34.80 8.10 -21.21
C2 GOL N . 34.94 10.53 -21.19
O2 GOL N . 34.98 11.48 -22.27
C3 GOL N . 34.50 11.12 -19.86
O3 GOL N . 34.86 10.27 -18.76
C1 EDO O . 36.14 26.13 -10.39
O1 EDO O . 36.30 27.49 -10.54
C2 EDO O . 35.51 25.72 -9.15
O2 EDO O . 35.02 24.41 -9.21
C1 GOL P . 23.67 14.93 -38.50
O1 GOL P . 23.11 15.87 -39.43
C2 GOL P . 25.18 14.79 -38.55
O2 GOL P . 25.70 14.53 -37.25
C3 GOL P . 25.68 13.68 -39.46
O3 GOL P . 27.09 13.77 -39.70
C1 GOL Q . 36.01 25.74 1.08
O1 GOL Q . 35.84 24.33 0.83
C2 GOL Q . 34.90 26.31 1.94
O2 GOL Q . 34.99 25.79 3.25
C3 GOL Q . 34.85 27.83 2.02
O3 GOL Q . 33.69 28.26 2.73
C1 EDO R . -34.28 24.16 -0.26
O1 EDO R . -34.01 24.79 0.97
C2 EDO R . -34.47 25.05 -1.41
O2 EDO R . -34.62 24.38 -2.62
C1 PGE S . -37.16 13.02 3.04
O1 PGE S . -36.11 12.09 3.34
C2 PGE S . -37.09 14.26 3.88
O2 PGE S . -38.38 14.57 4.43
C3 PGE S . -38.35 15.48 5.54
C4 PGE S . -38.32 16.95 5.07
O4 PGE S . -40.17 20.58 3.30
C6 PGE S . -39.35 19.61 3.95
C5 PGE S . -40.04 18.26 3.95
O3 PGE S . -39.11 17.17 3.90
C1 GOL T . -21.34 34.58 18.25
O1 GOL T . -20.78 35.33 17.17
C2 GOL T . -20.93 35.13 19.60
O2 GOL T . -20.60 34.05 20.48
C3 GOL T . -19.79 36.12 19.52
O3 GOL T . -18.65 35.53 18.89
C2 BGC U . 3.15 -11.60 32.07
C3 BGC U . 4.07 -10.57 31.44
C4 BGC U . 3.38 -9.22 31.40
C5 BGC U . 2.95 -8.83 32.82
C6 BGC U . 2.23 -7.51 32.87
C1 BGC U . 2.63 -11.13 33.42
O1 BGC U . 1.69 -12.01 33.93
O2 BGC U . 3.80 -12.87 32.20
O3 BGC U . 4.46 -10.98 30.13
O4 BGC U . 4.26 -8.22 30.91
O5 BGC U . 2.05 -9.83 33.32
O6 BGC U . 1.72 -7.25 34.17
C1 GOL V . -1.63 -35.13 36.33
O1 GOL V . -0.49 -34.46 35.81
C2 GOL V . -2.64 -35.39 35.22
O2 GOL V . -3.91 -34.84 35.53
C3 GOL V . -2.76 -36.86 34.90
O3 GOL V . -1.56 -37.55 35.25
C1 EDO W . 8.14 -12.90 37.73
O1 EDO W . 8.39 -12.91 39.12
C2 EDO W . 7.54 -14.18 37.23
O2 EDO W . 7.32 -14.14 35.83
C1 GOL X . 4.91 -21.21 42.35
O1 GOL X . 3.58 -21.71 42.08
C2 GOL X . 6.00 -22.25 42.54
O2 GOL X . 5.50 -23.55 42.17
C3 GOL X . 7.27 -21.93 41.77
O3 GOL X . 8.45 -22.21 42.54
C1 GOL Y . -20.52 -14.74 42.82
O1 GOL Y . -20.94 -14.05 43.99
C2 GOL Y . -20.06 -16.16 43.16
O2 GOL Y . -21.06 -17.08 42.70
C3 GOL Y . -18.71 -16.53 42.57
O3 GOL Y . -18.02 -17.45 43.42
C1 GOL Z . 24.46 -33.47 43.11
O1 GOL Z . 23.61 -33.76 44.21
C2 GOL Z . 25.48 -32.40 43.44
O2 GOL Z . 24.87 -31.35 44.16
C3 GOL Z . 26.67 -32.94 44.20
O3 GOL Z . 27.22 -31.96 45.06
C1 GOL AA . 9.25 -27.41 6.70
O1 GOL AA . 8.86 -26.51 5.67
C2 GOL AA . 10.33 -26.79 7.58
O2 GOL AA . 11.40 -26.32 6.77
C3 GOL AA . 10.84 -27.74 8.64
O3 GOL AA . 9.78 -28.06 9.54
#